data_8HAK
#
_entry.id   8HAK
#
_cell.length_a   1.00
_cell.length_b   1.00
_cell.length_c   1.00
_cell.angle_alpha   90.00
_cell.angle_beta   90.00
_cell.angle_gamma   90.00
#
_symmetry.space_group_name_H-M   'P 1'
#
loop_
_entity.id
_entity.type
_entity.pdbx_description
1 polymer 'Histone H3.1'
2 polymer 'Histone H4'
3 polymer 'Histone H2A type 1-B/E'
4 polymer 'Histone H2B type 1-J'
5 polymer 'DNA (180-mer)'
6 polymer 'Histone acetyltransferase p300'
#
loop_
_entity_poly.entity_id
_entity_poly.type
_entity_poly.pdbx_seq_one_letter_code
_entity_poly.pdbx_strand_id
1 'polypeptide(L)'
;ARTKQTARKSTGGKAPRKQLATKAARKSAPATGGVKKPHRYRPGTVALREIRRYQKSTELLIRKLPFQRLVREIAQDFKT
DLRFQSSAVMALQEACEAYLVGLFEDTNLCAIHAKRVTIMPKDIQLARRIRGERA
;
A,E
2 'polypeptide(L)'
;SGRGKGGKGLG(ALY)GGA(ALY)RHRKVLRDNIQGITKPAIRRLARRGGVKRISGLIYEETRGVLKVFLENVIRDAVTY
TEHAKRKTVTAMDVVYALKRQGRTLYGFGG
;
B,F
3 'polypeptide(L)'
;SGRGKQGGKARAKAKTRSSRAGLQFPVGRVHRLLRKGNYSERVGAGAPVYLAAVLEYLTAEILELAGNAARDNKKTRIIP
RHLQLAIRNDEELNKLLGRVTIAQGGVLPNIQAVLLPKKTESHHKAKGK
;
C,G
4 'polypeptide(L)'
;PEPAKSAPAPKKGSKKAVTKAQKKDGKKRKRSRKESYSIYVYKVLKQVHPDTGISSKAMGIMNSFVNDIFERIAGEASRL
AHYNKRSTITSREIQTAVRLLLPGELAKHAVSEGTKAVTKYTSAK
;
D,H
5 'polydeoxyribonucleotide'
;(DA)(DT)(DC)(DC)(DG)(DT)(DC)(DC)(DG)(DT)(DT)(DA)(DC)(DC)(DG)(DC)(DC)(DA)(DT)(DC)
(DA)(DA)(DT)(DA)(DT)(DC)(DC)(DA)(DC)(DC)(DT)(DG)(DC)(DA)(DG)(DA)(DT)(DT)(DC)(DT)
(DA)(DC)(DC)(DA)(DA)(DA)(DA)(DG)(DT)(DG)(DT)(DA)(DT)(DT)(DT)(DG)(DG)(DA)(DA)(DA)
(DC)(DT)(DG)(DC)(DT)(DC)(DC)(DA)(DT)(DC)(DA)(DA)(DA)(DA)(DG)(DG)(DC)(DA)(DT)(DG)
(DT)(DT)(DC)(DA)(DG)(DC)(DT)(DG)(DA)(DA)(DT)(DT)(DC)(DA)(DG)(DC)(DT)(DG)(DA)(DA)
(DC)(DA)(DT)(DG)(DC)(DC)(DT)(DT)(DT)(DT)(DG)(DA)(DT)(DG)(DG)(DA)(DG)(DC)(DA)(DG)
(DT)(DT)(DT)(DC)(DC)(DA)(DA)(DA)(DT)(DA)(DC)(DA)(DC)(DT)(DT)(DT)(DT)(DG)(DG)(DT)
(DA)(DG)(DA)(DA)(DT)(DC)(DT)(DG)(DC)(DA)(DG)(DG)(DT)(DG)(DG)(DA)(DT)(DA)(DT)(DT)
(DG)(DA)(DT)(DG)(DG)(DC)(DG)(DG)(DT)(DA)(DA)(DC)(DG)(DG)(DA)(DC)(DG)(DG)(DA)(DT)
;
J,K
6 'polypeptide(L)'
;GSSGSSGIFKPEELRQALMPTLEALYRQDPESLPFRQPVDPQLLGIPDYFDIVKSPMDLSTIKRKLDTGQYQEPWQYVDD
IWLMFNNAWLYNRKTSRVYKYCSKLSEVFEQEIDPVMQSLGYCCGRKLEFSPQTLCCYGKQLCTIPRDATYYSYQNRYHF
CEKCFNEIQGESVSLGDDPSQPQTTINKEQFSKRKNDTLDPELFVECTECGRKMHQICVLHHEIIWPAGFVCDGCLKKSA
RTRKENKFSAKRLPSTRLGTFLENRVNDFLRRQNHPESGEVTVRVVHASDKTVEVKPGMKARFVDSGEMAESFPYRTKAL
FAFEEIDGVDLCFFGMHVQEYGSDCPPPNQRRVYISYLDSVHFFRPKCLRTAVYHEILIGYLEYVKKLGYTTGHIWACPP
SEGDDYIFHCHPPDQKIPKPKRLQEWYKKMLDKAVSERIVHDYKDIFKQATEDRLTSAKELPYFEGDFWPNVLEESIKEL
EQEEEERKREENTSNESTDVTKGDSKNAKKKNNKKTSKNKSSLSRGNKKKPGMPNVSNDLSQKLYATMEKHKEVFFVIRL
IAGPAANSLPPIVDPDPLIPCDLMDGRDAFLTLARDKHLEFSSLRRAQWSTMCMLVELHTQSQDRFVYTCNECKHHVETR
WHCTVCEDYDLCITCYNTKNHDHKMEKLGLGLDDESNNQQAAATQSPGDSRRLSIQRCIQSLVHACQCRNANCSLPSCQK
MKRVVQHTKGCKRKTNGGCPICKQLIALCCYHAKHCQENKCPVPFCLNIKQKLRQQQLQHRLQQAQMLRRRMASMQ
;
N
#
loop_
_chem_comp.id
_chem_comp.type
_chem_comp.name
_chem_comp.formula
DA DNA linking 2'-DEOXYADENOSINE-5'-MONOPHOSPHATE 'C10 H14 N5 O6 P'
DC DNA linking 2'-DEOXYCYTIDINE-5'-MONOPHOSPHATE 'C9 H14 N3 O7 P'
DG DNA linking 2'-DEOXYGUANOSINE-5'-MONOPHOSPHATE 'C10 H14 N5 O7 P'
DT DNA linking THYMIDINE-5'-MONOPHOSPHATE 'C10 H15 N2 O8 P'
#
# COMPACT_ATOMS: atom_id res chain seq x y z
N HIS A 39 -44.21 27.11 -50.09
CA HIS A 39 -43.04 26.37 -49.63
C HIS A 39 -43.33 25.63 -48.34
N ARG A 40 -43.12 24.31 -48.34
CA ARG A 40 -43.36 23.48 -47.18
C ARG A 40 -42.21 22.50 -47.01
N TYR A 41 -41.55 22.56 -45.86
CA TYR A 41 -40.50 21.62 -45.55
C TYR A 41 -41.09 20.24 -45.28
N ARG A 42 -40.38 19.20 -45.68
CA ARG A 42 -40.83 17.84 -45.45
C ARG A 42 -40.79 17.52 -43.96
N PRO A 43 -41.68 16.63 -43.50
CA PRO A 43 -41.67 16.25 -42.07
C PRO A 43 -40.34 15.60 -41.70
N GLY A 44 -39.64 16.23 -40.75
CA GLY A 44 -38.36 15.76 -40.27
C GLY A 44 -37.24 16.77 -40.43
N THR A 45 -37.25 17.53 -41.53
CA THR A 45 -36.19 18.52 -41.75
C THR A 45 -36.22 19.61 -40.68
N VAL A 46 -37.40 20.20 -40.45
CA VAL A 46 -37.53 21.15 -39.35
C VAL A 46 -37.31 20.45 -38.01
N ALA A 47 -37.72 19.19 -37.89
CA ALA A 47 -37.48 18.43 -36.67
C ALA A 47 -35.99 18.34 -36.37
N LEU A 48 -35.18 17.93 -37.35
CA LEU A 48 -33.74 17.82 -37.12
C LEU A 48 -33.10 19.19 -36.96
N ARG A 49 -33.68 20.22 -37.60
CA ARG A 49 -33.18 21.57 -37.37
C ARG A 49 -33.35 21.98 -35.93
N GLU A 50 -34.52 21.71 -35.33
CA GLU A 50 -34.71 21.96 -33.90
C GLU A 50 -33.81 21.07 -33.06
N ILE A 51 -33.57 19.83 -33.51
CA ILE A 51 -32.64 18.96 -32.79
C ILE A 51 -31.29 19.62 -32.65
N ARG A 52 -30.75 20.11 -33.78
CA ARG A 52 -29.44 20.75 -33.76
C ARG A 52 -29.48 22.06 -32.97
N ARG A 53 -30.55 22.83 -33.12
CA ARG A 53 -30.64 24.11 -32.42
C ARG A 53 -30.66 23.93 -30.91
N TYR A 54 -31.42 22.96 -30.42
CA TYR A 54 -31.52 22.73 -28.99
C TYR A 54 -30.37 21.91 -28.43
N GLN A 55 -29.60 21.22 -29.30
CA GLN A 55 -28.38 20.58 -28.83
C GLN A 55 -27.19 21.53 -28.84
N LYS A 56 -27.24 22.59 -29.64
CA LYS A 56 -26.19 23.59 -29.64
C LYS A 56 -26.40 24.71 -28.62
N SER A 57 -27.55 24.71 -27.94
CA SER A 57 -27.87 25.73 -26.96
C SER A 57 -28.08 25.09 -25.59
N THR A 58 -27.91 25.92 -24.55
CA THR A 58 -28.04 25.48 -23.17
C THR A 58 -29.08 26.28 -22.39
N GLU A 59 -29.87 27.12 -23.06
CA GLU A 59 -30.77 28.02 -22.37
C GLU A 59 -31.91 27.24 -21.72
N LEU A 60 -32.51 27.83 -20.69
CA LEU A 60 -33.65 27.20 -20.03
C LEU A 60 -34.81 27.03 -21.02
N LEU A 61 -35.44 25.87 -20.96
CA LEU A 61 -36.57 25.53 -21.82
C LEU A 61 -37.91 25.55 -21.12
N ILE A 62 -37.96 25.09 -19.87
CA ILE A 62 -39.19 25.16 -19.08
C ILE A 62 -39.40 26.61 -18.64
N ARG A 63 -40.60 27.12 -18.88
CA ARG A 63 -40.92 28.49 -18.47
C ARG A 63 -40.87 28.59 -16.95
N LYS A 64 -40.30 29.70 -16.47
CA LYS A 64 -40.00 29.82 -15.04
C LYS A 64 -41.25 29.80 -14.18
N LEU A 65 -42.26 30.58 -14.57
CA LEU A 65 -43.44 30.75 -13.72
C LEU A 65 -44.25 29.46 -13.54
N PRO A 66 -44.60 28.71 -14.59
CA PRO A 66 -45.37 27.48 -14.34
C PRO A 66 -44.61 26.45 -13.50
N PHE A 67 -43.30 26.31 -13.72
CA PHE A 67 -42.52 25.38 -12.91
C PHE A 67 -42.45 25.86 -11.47
N GLN A 68 -42.33 27.17 -11.26
CA GLN A 68 -42.32 27.71 -9.91
C GLN A 68 -43.64 27.43 -9.21
N ARG A 69 -44.77 27.61 -9.91
CA ARG A 69 -46.07 27.34 -9.33
C ARG A 69 -46.24 25.86 -9.00
N LEU A 70 -45.77 24.98 -9.90
CA LEU A 70 -45.86 23.55 -9.66
C LEU A 70 -45.03 23.16 -8.44
N VAL A 71 -43.82 23.70 -8.33
CA VAL A 71 -42.99 23.47 -7.15
C VAL A 71 -43.72 23.98 -5.90
N ARG A 72 -44.42 25.10 -6.03
CA ARG A 72 -45.15 25.67 -4.90
C ARG A 72 -46.22 24.71 -4.39
N GLU A 73 -47.06 24.18 -5.29
CA GLU A 73 -48.12 23.30 -4.81
C GLU A 73 -47.55 21.96 -4.34
N ILE A 74 -46.47 21.48 -4.97
CA ILE A 74 -45.83 20.26 -4.50
C ILE A 74 -45.31 20.43 -3.08
N ALA A 75 -44.66 21.57 -2.80
CA ALA A 75 -44.22 21.84 -1.43
C ALA A 75 -45.40 22.01 -0.49
N GLN A 76 -46.50 22.59 -1.00
CA GLN A 76 -47.71 22.71 -0.21
C GLN A 76 -48.26 21.35 0.20
N ASP A 77 -48.12 20.34 -0.67
CA ASP A 77 -48.63 19.00 -0.36
C ASP A 77 -47.93 18.36 0.82
N PHE A 78 -46.75 18.84 1.21
CA PHE A 78 -46.00 18.25 2.32
C PHE A 78 -45.96 19.13 3.55
N LYS A 79 -45.79 20.44 3.39
CA LYS A 79 -45.74 21.36 4.52
C LYS A 79 -46.24 22.72 4.06
N THR A 80 -46.99 23.41 4.91
CA THR A 80 -47.64 24.65 4.51
C THR A 80 -46.76 25.86 4.81
N ASP A 81 -47.04 26.95 4.08
CA ASP A 81 -46.40 28.25 4.29
C ASP A 81 -44.88 28.18 4.11
N LEU A 82 -44.43 27.81 2.91
CA LEU A 82 -43.01 27.78 2.62
C LEU A 82 -42.62 28.94 1.70
N ARG A 83 -41.38 29.40 1.87
CA ARG A 83 -40.78 30.38 0.99
C ARG A 83 -39.58 29.75 0.26
N PHE A 84 -39.43 30.10 -1.01
CA PHE A 84 -38.41 29.50 -1.86
C PHE A 84 -37.44 30.56 -2.37
N GLN A 85 -36.15 30.22 -2.36
CA GLN A 85 -35.15 31.05 -3.00
C GLN A 85 -35.29 30.97 -4.51
N SER A 86 -34.97 32.08 -5.18
CA SER A 86 -34.96 32.08 -6.64
C SER A 86 -33.92 31.09 -7.18
N SER A 87 -32.74 31.07 -6.57
CA SER A 87 -31.71 30.11 -6.96
C SER A 87 -32.15 28.67 -6.70
N ALA A 88 -32.95 28.44 -5.66
CA ALA A 88 -33.48 27.10 -5.41
C ALA A 88 -34.40 26.65 -6.56
N VAL A 89 -35.27 27.55 -7.01
CA VAL A 89 -36.14 27.24 -8.13
C VAL A 89 -35.32 27.00 -9.39
N MET A 90 -34.30 27.82 -9.62
CA MET A 90 -33.45 27.63 -10.79
C MET A 90 -32.73 26.29 -10.76
N ALA A 91 -32.20 25.90 -9.59
CA ALA A 91 -31.51 24.63 -9.47
C ALA A 91 -32.46 23.46 -9.67
N LEU A 92 -33.64 23.50 -9.05
CA LEU A 92 -34.64 22.47 -9.29
C LEU A 92 -34.96 22.34 -10.77
N GLN A 93 -35.24 23.47 -11.44
CA GLN A 93 -35.62 23.44 -12.85
C GLN A 93 -34.50 22.90 -13.72
N GLU A 94 -33.27 23.36 -13.51
CA GLU A 94 -32.19 22.96 -14.40
C GLU A 94 -31.82 21.50 -14.19
N ALA A 95 -31.83 21.05 -12.93
CA ALA A 95 -31.62 19.63 -12.67
C ALA A 95 -32.71 18.78 -13.29
N CYS A 96 -33.97 19.22 -13.21
CA CYS A 96 -35.05 18.42 -13.78
C CYS A 96 -34.95 18.34 -15.30
N GLU A 97 -34.64 19.46 -15.96
CA GLU A 97 -34.45 19.37 -17.41
C GLU A 97 -33.28 18.45 -17.75
N ALA A 98 -32.20 18.49 -16.97
CA ALA A 98 -31.09 17.57 -17.26
C ALA A 98 -31.51 16.11 -17.12
N TYR A 99 -32.25 15.79 -16.05
CA TYR A 99 -32.71 14.43 -15.85
C TYR A 99 -33.62 13.98 -16.98
N LEU A 100 -34.58 14.83 -17.37
CA LEU A 100 -35.48 14.48 -18.46
C LEU A 100 -34.77 14.44 -19.81
N VAL A 101 -33.74 15.25 -20.01
CA VAL A 101 -33.00 15.20 -21.27
C VAL A 101 -32.27 13.87 -21.40
N GLY A 102 -31.59 13.44 -20.33
CA GLY A 102 -31.00 12.12 -20.33
C GLY A 102 -32.05 11.03 -20.53
N LEU A 103 -33.23 11.21 -19.91
CA LEU A 103 -34.30 10.25 -20.05
C LEU A 103 -34.80 10.14 -21.48
N PHE A 104 -34.93 11.28 -22.18
CA PHE A 104 -35.38 11.23 -23.58
C PHE A 104 -34.29 10.70 -24.49
N GLU A 105 -33.02 10.93 -24.16
CA GLU A 105 -31.96 10.18 -24.84
C GLU A 105 -32.20 8.69 -24.72
N ASP A 106 -32.49 8.23 -23.50
CA ASP A 106 -32.74 6.82 -23.26
C ASP A 106 -33.94 6.31 -24.05
N THR A 107 -35.02 7.11 -24.08
CA THR A 107 -36.23 6.67 -24.76
C THR A 107 -36.05 6.67 -26.27
N ASN A 108 -35.28 7.62 -26.80
CA ASN A 108 -34.96 7.58 -28.23
C ASN A 108 -34.17 6.33 -28.56
N LEU A 109 -33.19 5.98 -27.72
CA LEU A 109 -32.46 4.73 -27.93
C LEU A 109 -33.39 3.52 -27.89
N CYS A 110 -34.31 3.49 -26.93
CA CYS A 110 -35.24 2.37 -26.81
C CYS A 110 -36.17 2.28 -28.01
N ALA A 111 -36.64 3.42 -28.51
CA ALA A 111 -37.49 3.43 -29.70
C ALA A 111 -36.72 2.94 -30.92
N ILE A 112 -35.46 3.35 -31.04
CA ILE A 112 -34.61 2.85 -32.13
C ILE A 112 -34.42 1.35 -32.00
N HIS A 113 -34.35 0.83 -30.77
CA HIS A 113 -34.18 -0.60 -30.56
C HIS A 113 -35.26 -1.42 -31.24
N ALA A 114 -36.49 -0.90 -31.29
CA ALA A 114 -37.61 -1.62 -31.89
C ALA A 114 -37.80 -1.27 -33.36
N LYS A 115 -36.73 -0.89 -34.06
CA LYS A 115 -36.78 -0.52 -35.47
C LYS A 115 -37.76 0.62 -35.73
N ARG A 116 -37.74 1.63 -34.85
CA ARG A 116 -38.66 2.76 -34.91
C ARG A 116 -37.90 4.06 -34.76
N VAL A 117 -38.58 5.16 -35.10
CA VAL A 117 -38.08 6.51 -34.90
C VAL A 117 -39.02 7.37 -34.08
N THR A 118 -40.13 6.82 -33.60
CA THR A 118 -41.11 7.55 -32.81
C THR A 118 -41.19 6.95 -31.42
N ILE A 119 -41.29 7.81 -30.40
CA ILE A 119 -41.40 7.36 -29.02
C ILE A 119 -42.86 7.22 -28.64
N MET A 120 -43.18 6.13 -27.93
CA MET A 120 -44.50 5.84 -27.39
C MET A 120 -44.34 5.38 -25.95
N PRO A 121 -45.44 5.37 -25.17
CA PRO A 121 -45.32 5.08 -23.73
C PRO A 121 -44.52 3.84 -23.36
N LYS A 122 -44.54 2.79 -24.20
CA LYS A 122 -43.73 1.62 -23.87
C LYS A 122 -42.24 1.96 -23.80
N ASP A 123 -41.77 2.93 -24.59
CA ASP A 123 -40.38 3.35 -24.53
C ASP A 123 -40.03 3.97 -23.17
N ILE A 124 -40.87 4.88 -22.68
CA ILE A 124 -40.59 5.50 -21.38
C ILE A 124 -40.70 4.47 -20.24
N GLN A 125 -41.68 3.57 -20.33
CA GLN A 125 -41.71 2.49 -19.33
C GLN A 125 -40.45 1.66 -19.36
N LEU A 126 -39.98 1.27 -20.56
CA LEU A 126 -38.77 0.46 -20.66
C LEU A 126 -37.56 1.21 -20.10
N ALA A 127 -37.42 2.49 -20.48
CA ALA A 127 -36.26 3.26 -20.02
C ALA A 127 -36.25 3.39 -18.51
N ARG A 128 -37.39 3.73 -17.91
CA ARG A 128 -37.44 3.88 -16.46
C ARG A 128 -37.24 2.54 -15.76
N ARG A 129 -37.78 1.46 -16.31
CA ARG A 129 -37.60 0.15 -15.69
C ARG A 129 -36.14 -0.30 -15.74
N ILE A 130 -35.47 -0.10 -16.88
CA ILE A 130 -34.06 -0.48 -16.97
C ILE A 130 -33.22 0.37 -16.04
N ARG A 131 -33.54 1.67 -15.95
CA ARG A 131 -32.83 2.53 -14.99
C ARG A 131 -33.05 2.07 -13.56
N GLY A 132 -34.27 1.68 -13.22
CA GLY A 132 -34.56 1.11 -11.91
C GLY A 132 -35.23 2.04 -10.91
N GLU A 133 -35.79 3.16 -11.36
CA GLU A 133 -36.50 4.05 -10.45
C GLU A 133 -37.71 3.35 -9.82
N ARG A 134 -38.45 2.61 -10.64
CA ARG A 134 -39.63 1.88 -10.16
C ARG A 134 -39.22 0.68 -9.32
N VAL B 21 -53.68 33.25 -14.40
CA VAL B 21 -53.58 32.34 -13.27
C VAL B 21 -54.60 31.22 -13.39
N LEU B 22 -54.13 29.99 -13.57
CA LEU B 22 -54.99 28.84 -13.72
C LEU B 22 -54.44 27.70 -12.86
N ARG B 23 -55.34 26.82 -12.44
CA ARG B 23 -54.99 25.75 -11.49
C ARG B 23 -54.26 24.62 -12.19
N ASP B 24 -54.14 23.48 -11.49
CA ASP B 24 -53.56 22.23 -11.98
C ASP B 24 -52.40 22.47 -12.95
N ASN B 25 -51.41 23.21 -12.44
CA ASN B 25 -50.27 23.64 -13.24
C ASN B 25 -49.38 22.47 -13.67
N ILE B 26 -49.74 21.24 -13.32
CA ILE B 26 -49.13 20.09 -13.98
C ILE B 26 -49.44 20.12 -15.47
N GLN B 27 -50.67 20.47 -15.82
CA GLN B 27 -50.98 20.79 -17.22
C GLN B 27 -50.43 22.16 -17.59
N GLY B 28 -50.10 22.99 -16.60
CA GLY B 28 -49.48 24.27 -16.88
C GLY B 28 -48.14 24.14 -17.57
N ILE B 29 -47.49 22.99 -17.39
CA ILE B 29 -46.29 22.68 -18.16
C ILE B 29 -46.75 22.44 -19.59
N THR B 30 -46.55 23.43 -20.45
CA THR B 30 -47.15 23.42 -21.77
C THR B 30 -46.55 22.31 -22.63
N LYS B 31 -47.36 21.73 -23.52
CA LYS B 31 -46.92 20.67 -24.41
C LYS B 31 -45.73 21.09 -25.30
N PRO B 32 -45.63 22.33 -25.80
CA PRO B 32 -44.40 22.70 -26.50
C PRO B 32 -43.16 22.68 -25.62
N ALA B 33 -43.30 22.80 -24.29
CA ALA B 33 -42.14 22.65 -23.42
C ALA B 33 -41.62 21.22 -23.45
N ILE B 34 -42.53 20.24 -23.34
CA ILE B 34 -42.13 18.84 -23.49
C ILE B 34 -41.57 18.60 -24.87
N ARG B 35 -42.14 19.25 -25.89
CA ARG B 35 -41.63 19.12 -27.25
C ARG B 35 -40.19 19.61 -27.33
N ARG B 36 -39.90 20.76 -26.72
CA ARG B 36 -38.55 21.33 -26.77
C ARG B 36 -37.57 20.45 -26.00
N LEU B 37 -37.99 19.92 -24.85
CA LEU B 37 -37.12 19.01 -24.10
C LEU B 37 -36.83 17.74 -24.89
N ALA B 38 -37.83 17.21 -25.59
CA ALA B 38 -37.61 16.03 -26.42
C ALA B 38 -36.70 16.36 -27.60
N ARG B 39 -36.83 17.57 -28.16
CA ARG B 39 -35.91 18.00 -29.21
C ARG B 39 -34.49 18.07 -28.68
N ARG B 40 -34.31 18.56 -27.45
CA ARG B 40 -33.01 18.49 -26.81
C ARG B 40 -32.62 17.04 -26.51
N GLY B 41 -33.61 16.16 -26.38
CA GLY B 41 -33.36 14.76 -26.17
C GLY B 41 -33.14 13.99 -27.46
N GLY B 42 -33.13 14.71 -28.58
CA GLY B 42 -32.91 14.08 -29.88
C GLY B 42 -34.12 13.42 -30.50
N VAL B 43 -35.30 13.57 -29.90
CA VAL B 43 -36.50 12.94 -30.43
C VAL B 43 -37.12 13.85 -31.47
N LYS B 44 -37.37 13.31 -32.67
CA LYS B 44 -37.98 14.07 -33.75
C LYS B 44 -39.48 13.85 -33.90
N ARG B 45 -39.98 12.69 -33.49
CA ARG B 45 -41.41 12.41 -33.56
C ARG B 45 -41.92 12.07 -32.17
N ILE B 46 -42.97 12.77 -31.75
CA ILE B 46 -43.52 12.67 -30.39
C ILE B 46 -44.96 12.18 -30.47
N SER B 47 -45.25 11.08 -29.79
CA SER B 47 -46.61 10.56 -29.77
C SER B 47 -47.52 11.44 -28.92
N GLY B 48 -48.83 11.31 -29.16
CA GLY B 48 -49.80 12.10 -28.41
C GLY B 48 -49.86 11.79 -26.94
N LEU B 49 -49.54 10.56 -26.55
CA LEU B 49 -49.55 10.15 -25.14
C LEU B 49 -48.23 10.43 -24.44
N ILE B 50 -47.24 10.99 -25.13
CA ILE B 50 -45.95 11.26 -24.52
C ILE B 50 -46.05 12.38 -23.50
N TYR B 51 -46.85 13.41 -23.80
CA TYR B 51 -46.82 14.63 -22.98
C TYR B 51 -47.28 14.36 -21.56
N GLU B 52 -48.38 13.63 -21.40
CA GLU B 52 -48.92 13.39 -20.06
C GLU B 52 -47.97 12.55 -19.22
N GLU B 53 -47.33 11.55 -19.81
CA GLU B 53 -46.45 10.67 -19.05
C GLU B 53 -45.12 11.35 -18.74
N THR B 54 -44.64 12.21 -19.64
CA THR B 54 -43.49 13.03 -19.29
C THR B 54 -43.82 13.98 -18.16
N ARG B 55 -45.04 14.54 -18.16
CA ARG B 55 -45.50 15.34 -17.04
C ARG B 55 -45.49 14.51 -15.75
N GLY B 56 -45.94 13.26 -15.85
CA GLY B 56 -45.95 12.40 -14.68
C GLY B 56 -44.56 12.11 -14.14
N VAL B 57 -43.62 11.81 -15.03
CA VAL B 57 -42.25 11.55 -14.60
C VAL B 57 -41.64 12.80 -13.97
N LEU B 58 -41.85 13.96 -14.61
CA LEU B 58 -41.37 15.21 -14.06
C LEU B 58 -41.93 15.46 -12.67
N LYS B 59 -43.24 15.26 -12.50
CA LYS B 59 -43.85 15.56 -11.20
C LYS B 59 -43.38 14.57 -10.14
N VAL B 60 -43.15 13.30 -10.53
CA VAL B 60 -42.67 12.30 -9.58
C VAL B 60 -41.28 12.66 -9.07
N PHE B 61 -40.36 12.94 -10.00
CA PHE B 61 -39.05 13.43 -9.61
C PHE B 61 -39.19 14.69 -8.77
N LEU B 62 -40.24 15.46 -9.04
CA LEU B 62 -40.44 16.71 -8.30
C LEU B 62 -40.81 16.45 -6.85
N GLU B 63 -41.75 15.53 -6.57
CA GLU B 63 -42.03 15.33 -5.15
C GLU B 63 -40.82 14.71 -4.46
N ASN B 64 -40.05 13.90 -5.20
CA ASN B 64 -38.83 13.37 -4.58
C ASN B 64 -37.90 14.49 -4.11
N VAL B 65 -37.57 15.41 -5.03
CA VAL B 65 -36.63 16.47 -4.69
C VAL B 65 -37.22 17.40 -3.64
N ILE B 66 -38.52 17.72 -3.75
CA ILE B 66 -39.15 18.60 -2.78
C ILE B 66 -39.18 17.96 -1.40
N ARG B 67 -39.53 16.67 -1.32
CA ARG B 67 -39.65 16.02 -0.03
C ARG B 67 -38.32 15.99 0.70
N ASP B 68 -37.27 15.49 0.05
CA ASP B 68 -36.00 15.42 0.77
C ASP B 68 -35.42 16.80 1.03
N ALA B 69 -35.58 17.75 0.10
CA ALA B 69 -35.07 19.09 0.32
C ALA B 69 -35.79 19.78 1.48
N VAL B 70 -37.11 19.65 1.57
CA VAL B 70 -37.83 20.32 2.64
C VAL B 70 -37.57 19.61 3.97
N THR B 71 -37.28 18.31 3.94
CA THR B 71 -36.86 17.63 5.17
C THR B 71 -35.52 18.16 5.65
N TYR B 72 -34.60 18.39 4.71
CA TYR B 72 -33.40 19.15 5.02
C TYR B 72 -33.79 20.50 5.64
N THR B 73 -34.89 21.08 5.15
CA THR B 73 -35.33 22.38 5.63
C THR B 73 -35.74 22.37 7.10
N GLU B 74 -36.64 21.46 7.51
CA GLU B 74 -37.03 21.49 8.93
C GLU B 74 -35.91 20.92 9.79
N HIS B 75 -34.99 20.17 9.19
CA HIS B 75 -33.80 19.78 9.94
C HIS B 75 -33.01 21.01 10.39
N ALA B 76 -33.06 22.10 9.63
CA ALA B 76 -32.38 23.34 9.99
C ALA B 76 -33.27 24.32 10.75
N LYS B 77 -34.49 23.91 11.10
CA LYS B 77 -35.46 24.78 11.78
C LYS B 77 -35.75 26.05 10.97
N ARG B 78 -35.77 25.92 9.65
CA ARG B 78 -36.01 27.05 8.75
C ARG B 78 -37.37 26.92 8.08
N LYS B 79 -37.89 28.07 7.64
CA LYS B 79 -39.13 28.12 6.87
C LYS B 79 -38.89 28.45 5.41
N THR B 80 -37.63 28.60 4.99
CA THR B 80 -37.27 28.91 3.61
C THR B 80 -36.32 27.84 3.10
N VAL B 81 -36.64 27.27 1.94
CA VAL B 81 -35.76 26.28 1.33
C VAL B 81 -34.66 27.02 0.56
N THR B 82 -33.44 26.53 0.65
CA THR B 82 -32.31 27.15 -0.03
C THR B 82 -31.87 26.30 -1.22
N ALA B 83 -31.19 26.96 -2.17
CA ALA B 83 -30.65 26.26 -3.33
C ALA B 83 -29.61 25.23 -2.93
N MET B 84 -28.89 25.47 -1.84
CA MET B 84 -27.87 24.52 -1.41
C MET B 84 -28.54 23.24 -0.90
N ASP B 85 -29.72 23.38 -0.29
CA ASP B 85 -30.53 22.21 0.06
C ASP B 85 -30.99 21.48 -1.19
N VAL B 86 -31.27 22.23 -2.26
CA VAL B 86 -31.56 21.60 -3.55
C VAL B 86 -30.38 20.77 -4.02
N VAL B 87 -29.16 21.31 -3.87
CA VAL B 87 -27.96 20.55 -4.24
C VAL B 87 -27.85 19.29 -3.40
N TYR B 88 -28.12 19.41 -2.09
CA TYR B 88 -28.14 18.22 -1.23
C TYR B 88 -29.11 17.17 -1.75
N ALA B 89 -30.34 17.59 -2.06
CA ALA B 89 -31.37 16.66 -2.52
C ALA B 89 -30.95 15.98 -3.82
N LEU B 90 -30.45 16.76 -4.77
CA LEU B 90 -30.07 16.19 -6.07
C LEU B 90 -28.91 15.21 -5.92
N LYS B 91 -27.90 15.55 -5.10
CA LYS B 91 -26.76 14.65 -4.96
C LYS B 91 -27.15 13.39 -4.19
N ARG B 92 -28.06 13.53 -3.22
CA ARG B 92 -28.54 12.37 -2.48
C ARG B 92 -29.39 11.45 -3.35
N GLN B 93 -30.15 12.00 -4.29
CA GLN B 93 -30.83 11.19 -5.31
C GLN B 93 -29.87 10.73 -6.40
N GLY B 94 -28.57 10.93 -6.23
CA GLY B 94 -27.60 10.52 -7.21
C GLY B 94 -27.50 11.41 -8.42
N ARG B 95 -27.97 12.65 -8.33
CA ARG B 95 -28.04 13.57 -9.46
C ARG B 95 -27.32 14.87 -9.11
N THR B 96 -26.08 14.75 -8.65
CA THR B 96 -25.28 15.88 -8.19
C THR B 96 -25.30 17.02 -9.20
N LEU B 97 -25.75 18.19 -8.75
CA LEU B 97 -25.90 19.37 -9.58
C LEU B 97 -24.82 20.38 -9.23
N TYR B 98 -24.14 20.90 -10.25
CA TYR B 98 -23.08 21.87 -10.06
C TYR B 98 -23.60 23.28 -10.33
N GLY B 99 -22.90 24.26 -9.79
CA GLY B 99 -23.20 25.67 -10.01
C GLY B 99 -23.97 26.34 -8.89
N PHE B 100 -24.60 25.56 -8.01
CA PHE B 100 -25.33 26.12 -6.88
C PHE B 100 -24.72 25.73 -5.54
N GLY B 101 -23.53 25.15 -5.53
CA GLY B 101 -22.87 24.75 -4.30
C GLY B 101 -21.89 25.78 -3.79
N ALA C 14 -29.03 -1.38 38.57
CA ALA C 14 -28.55 -2.49 37.75
C ALA C 14 -29.46 -2.71 36.56
N LYS C 15 -29.76 -1.63 35.83
CA LYS C 15 -30.61 -1.68 34.65
C LYS C 15 -29.82 -1.26 33.44
N THR C 16 -29.82 -2.10 32.41
CA THR C 16 -29.14 -1.77 31.16
C THR C 16 -29.95 -0.75 30.37
N ARG C 17 -29.24 0.00 29.51
CA ARG C 17 -29.91 0.98 28.68
C ARG C 17 -30.87 0.35 27.69
N SER C 18 -30.60 -0.87 27.23
CA SER C 18 -31.53 -1.57 26.36
C SER C 18 -32.84 -1.88 27.08
N SER C 19 -32.76 -2.38 28.31
CA SER C 19 -33.96 -2.66 29.08
C SER C 19 -34.60 -1.39 29.61
N ARG C 20 -33.79 -0.36 29.85
CA ARG C 20 -34.33 0.91 30.35
C ARG C 20 -35.27 1.55 29.35
N ALA C 21 -34.93 1.53 28.06
CA ALA C 21 -35.78 2.09 27.03
C ALA C 21 -36.63 1.05 26.32
N GLY C 22 -36.66 -0.18 26.82
CA GLY C 22 -37.42 -1.23 26.17
C GLY C 22 -36.89 -1.65 24.83
N LEU C 23 -35.58 -1.82 24.70
CA LEU C 23 -34.91 -2.13 23.45
C LEU C 23 -34.41 -3.57 23.47
N GLN C 24 -34.56 -4.26 22.33
CA GLN C 24 -34.01 -5.61 22.20
C GLN C 24 -32.60 -5.61 21.64
N PHE C 25 -32.29 -4.72 20.71
CA PHE C 25 -30.92 -4.56 20.25
C PHE C 25 -30.10 -3.83 21.30
N PRO C 26 -28.79 -4.09 21.38
CA PRO C 26 -27.94 -3.49 22.42
C PRO C 26 -27.70 -2.01 22.17
N VAL C 27 -28.18 -1.17 23.09
CA VAL C 27 -27.93 0.27 23.00
C VAL C 27 -26.45 0.56 23.15
N GLY C 28 -25.79 -0.11 24.12
CA GLY C 28 -24.38 0.11 24.33
C GLY C 28 -23.55 -0.26 23.11
N ARG C 29 -23.86 -1.40 22.50
CA ARG C 29 -23.09 -1.85 21.34
C ARG C 29 -23.26 -0.91 20.15
N VAL C 30 -24.49 -0.47 19.87
CA VAL C 30 -24.70 0.42 18.73
C VAL C 30 -24.06 1.78 18.99
N HIS C 31 -24.13 2.26 20.24
CA HIS C 31 -23.46 3.49 20.61
C HIS C 31 -21.96 3.39 20.40
N ARG C 32 -21.37 2.28 20.86
CA ARG C 32 -19.94 2.07 20.70
C ARG C 32 -19.55 1.97 19.23
N LEU C 33 -20.36 1.30 18.42
CA LEU C 33 -20.03 1.13 17.02
C LEU C 33 -20.12 2.45 16.26
N LEU C 34 -21.12 3.28 16.57
CA LEU C 34 -21.23 4.56 15.89
C LEU C 34 -20.16 5.53 16.36
N ARG C 35 -19.74 5.43 17.63
CA ARG C 35 -18.58 6.20 18.08
C ARG C 35 -17.31 5.73 17.38
N LYS C 36 -17.15 4.42 17.21
CA LYS C 36 -15.94 3.85 16.64
C LYS C 36 -15.80 4.14 15.15
N GLY C 37 -16.91 4.37 14.45
CA GLY C 37 -16.85 4.75 13.06
C GLY C 37 -16.42 6.17 12.81
N ASN C 38 -16.29 6.97 13.88
CA ASN C 38 -15.85 8.36 13.78
C ASN C 38 -16.73 9.15 12.82
N TYR C 39 -18.04 8.97 12.94
CA TYR C 39 -18.96 9.79 12.16
C TYR C 39 -19.00 11.21 12.71
N SER C 40 -18.64 11.39 13.98
CA SER C 40 -18.68 12.69 14.63
C SER C 40 -17.75 12.68 15.82
N GLU C 41 -17.60 13.86 16.44
CA GLU C 41 -16.80 13.96 17.66
C GLU C 41 -17.68 13.90 18.91
N ARG C 42 -18.94 14.33 18.81
CA ARG C 42 -19.87 14.31 19.92
C ARG C 42 -21.12 13.51 19.54
N VAL C 43 -21.59 12.67 20.45
CA VAL C 43 -22.78 11.85 20.24
C VAL C 43 -23.67 11.93 21.48
N GLY C 44 -24.93 12.33 21.29
CA GLY C 44 -25.86 12.35 22.39
C GLY C 44 -26.36 10.96 22.75
N ALA C 45 -27.12 10.90 23.85
CA ALA C 45 -27.56 9.60 24.35
C ALA C 45 -28.72 9.04 23.54
N GLY C 46 -29.59 9.91 23.02
CA GLY C 46 -30.81 9.43 22.40
C GLY C 46 -30.62 8.87 21.01
N ALA C 47 -29.55 9.30 20.31
CA ALA C 47 -29.32 8.83 18.96
C ALA C 47 -29.03 7.33 18.85
N PRO C 48 -28.13 6.75 19.64
CA PRO C 48 -27.97 5.28 19.57
C PRO C 48 -29.24 4.53 19.91
N VAL C 49 -30.03 5.02 20.86
CA VAL C 49 -31.30 4.38 21.20
C VAL C 49 -32.25 4.43 20.00
N TYR C 50 -32.33 5.58 19.33
CA TYR C 50 -33.23 5.73 18.19
C TYR C 50 -32.82 4.81 17.05
N LEU C 51 -31.52 4.78 16.76
CA LEU C 51 -31.00 3.91 15.70
C LEU C 51 -31.26 2.44 16.03
N ALA C 52 -31.03 2.05 17.30
CA ALA C 52 -31.31 0.68 17.70
C ALA C 52 -32.78 0.34 17.51
N ALA C 53 -33.66 1.27 17.88
CA ALA C 53 -35.10 1.04 17.76
C ALA C 53 -35.51 0.84 16.30
N VAL C 54 -34.99 1.69 15.42
CA VAL C 54 -35.26 1.48 13.99
C VAL C 54 -34.75 0.12 13.54
N LEU C 55 -33.65 -0.33 14.17
CA LEU C 55 -33.11 -1.65 13.82
C LEU C 55 -34.09 -2.76 14.19
N GLU C 56 -34.64 -2.73 15.41
CA GLU C 56 -35.62 -3.77 15.72
C GLU C 56 -36.82 -3.67 14.80
N TYR C 57 -37.20 -2.44 14.43
CA TYR C 57 -38.38 -2.30 13.58
C TYR C 57 -38.18 -2.99 12.24
N LEU C 58 -37.10 -2.64 11.53
CA LEU C 58 -36.84 -3.25 10.23
C LEU C 58 -36.61 -4.75 10.34
N THR C 59 -35.81 -5.17 11.34
CA THR C 59 -35.57 -6.60 11.52
C THR C 59 -36.88 -7.34 11.74
N ALA C 60 -37.77 -6.78 12.57
CA ALA C 60 -39.02 -7.45 12.89
C ALA C 60 -39.92 -7.57 11.67
N GLU C 61 -40.09 -6.48 10.91
CA GLU C 61 -40.94 -6.56 9.72
C GLU C 61 -40.40 -7.54 8.70
N ILE C 62 -39.09 -7.50 8.41
CA ILE C 62 -38.60 -8.41 7.38
C ILE C 62 -38.58 -9.85 7.88
N LEU C 63 -38.49 -10.03 9.20
CA LEU C 63 -38.60 -11.38 9.76
C LEU C 63 -40.02 -11.90 9.63
N GLU C 64 -41.02 -11.04 9.86
CA GLU C 64 -42.40 -11.42 9.58
C GLU C 64 -42.58 -11.82 8.13
N LEU C 65 -42.03 -11.03 7.21
CA LEU C 65 -42.17 -11.35 5.79
C LEU C 65 -41.49 -12.68 5.45
N ALA C 66 -40.29 -12.92 5.99
CA ALA C 66 -39.57 -14.16 5.72
C ALA C 66 -40.30 -15.36 6.31
N GLY C 67 -40.85 -15.21 7.51
CA GLY C 67 -41.60 -16.29 8.11
C GLY C 67 -42.88 -16.60 7.35
N ASN C 68 -43.55 -15.56 6.85
CA ASN C 68 -44.73 -15.78 6.03
C ASN C 68 -44.37 -16.51 4.75
N ALA C 69 -43.24 -16.13 4.12
CA ALA C 69 -42.80 -16.83 2.92
C ALA C 69 -42.47 -18.29 3.21
N ALA C 70 -41.81 -18.54 4.35
CA ALA C 70 -41.47 -19.91 4.73
C ALA C 70 -42.73 -20.75 4.98
N ARG C 71 -43.71 -20.17 5.66
CA ARG C 71 -44.97 -20.87 5.92
C ARG C 71 -45.70 -21.16 4.61
N ASP C 72 -45.65 -20.20 3.67
CA ASP C 72 -46.24 -20.43 2.36
C ASP C 72 -45.55 -21.57 1.62
N ASN C 73 -44.27 -21.80 1.89
CA ASN C 73 -43.52 -22.88 1.29
C ASN C 73 -43.41 -24.10 2.19
N LYS C 74 -44.44 -24.34 3.03
CA LYS C 74 -44.50 -25.46 3.96
C LYS C 74 -43.17 -25.71 4.66
N LYS C 75 -42.50 -24.62 5.06
CA LYS C 75 -41.22 -24.69 5.73
C LYS C 75 -41.28 -23.93 7.05
N THR C 76 -40.63 -24.48 8.08
CA THR C 76 -40.58 -23.85 9.38
C THR C 76 -39.25 -23.17 9.68
N ARG C 77 -38.23 -23.37 8.85
CA ARG C 77 -36.95 -22.70 8.98
C ARG C 77 -36.77 -21.74 7.81
N ILE C 78 -36.51 -20.47 8.12
CA ILE C 78 -36.34 -19.46 7.07
C ILE C 78 -34.98 -19.65 6.41
N ILE C 79 -34.95 -19.47 5.10
CA ILE C 79 -33.74 -19.67 4.30
C ILE C 79 -33.52 -18.44 3.43
N PRO C 80 -32.35 -18.25 2.82
CA PRO C 80 -32.15 -17.07 1.96
C PRO C 80 -33.16 -16.95 0.82
N ARG C 81 -33.67 -18.07 0.32
CA ARG C 81 -34.75 -18.01 -0.66
C ARG C 81 -35.98 -17.34 -0.07
N HIS C 82 -36.31 -17.69 1.18
CA HIS C 82 -37.44 -17.04 1.85
C HIS C 82 -37.17 -15.56 2.05
N LEU C 83 -35.94 -15.18 2.39
CA LEU C 83 -35.61 -13.77 2.55
C LEU C 83 -35.77 -13.00 1.24
N GLN C 84 -35.31 -13.58 0.14
CA GLN C 84 -35.47 -12.93 -1.16
C GLN C 84 -36.93 -12.80 -1.54
N LEU C 85 -37.72 -13.87 -1.34
CA LEU C 85 -39.14 -13.80 -1.62
C LEU C 85 -39.82 -12.74 -0.77
N ALA C 86 -39.40 -12.61 0.49
CA ALA C 86 -39.98 -11.61 1.38
C ALA C 86 -39.64 -10.21 0.92
N ILE C 87 -38.38 -9.96 0.61
CA ILE C 87 -37.94 -8.60 0.28
C ILE C 87 -38.53 -8.15 -1.07
N ARG C 88 -38.49 -9.03 -2.07
CA ARG C 88 -38.91 -8.64 -3.40
C ARG C 88 -40.43 -8.54 -3.54
N ASN C 89 -41.19 -9.15 -2.65
CA ASN C 89 -42.64 -9.09 -2.72
C ASN C 89 -43.22 -7.88 -2.01
N ASP C 90 -42.41 -7.13 -1.27
CA ASP C 90 -42.84 -5.89 -0.63
C ASP C 90 -42.17 -4.73 -1.36
N GLU C 91 -42.97 -3.84 -1.93
CA GLU C 91 -42.44 -2.80 -2.81
C GLU C 91 -41.54 -1.84 -2.03
N GLU C 92 -41.89 -1.56 -0.77
CA GLU C 92 -41.08 -0.63 0.02
C GLU C 92 -39.74 -1.24 0.39
N LEU C 93 -39.72 -2.51 0.79
CA LEU C 93 -38.44 -3.16 1.03
C LEU C 93 -37.70 -3.40 -0.28
N ASN C 94 -38.44 -3.59 -1.38
CA ASN C 94 -37.79 -3.76 -2.69
C ASN C 94 -37.05 -2.50 -3.10
N LYS C 95 -37.67 -1.33 -2.91
CA LYS C 95 -37.00 -0.07 -3.26
C LYS C 95 -35.94 0.27 -2.21
N LEU C 96 -36.13 -0.19 -0.97
CA LEU C 96 -35.08 -0.07 0.03
C LEU C 96 -33.85 -0.87 -0.39
N LEU C 97 -34.07 -2.02 -1.02
CA LEU C 97 -33.00 -2.89 -1.49
C LEU C 97 -32.99 -3.04 -3.00
N GLY C 98 -33.16 -1.94 -3.74
CA GLY C 98 -33.19 -2.00 -5.20
C GLY C 98 -31.85 -2.34 -5.84
N ARG C 99 -30.75 -1.85 -5.28
CA ARG C 99 -29.41 -2.15 -5.76
C ARG C 99 -28.77 -3.25 -4.91
N VAL C 100 -29.58 -4.22 -4.50
CA VAL C 100 -29.20 -5.20 -3.49
C VAL C 100 -29.47 -6.61 -4.00
N THR C 101 -28.53 -7.51 -3.75
CA THR C 101 -28.65 -8.92 -4.10
C THR C 101 -28.66 -9.77 -2.83
N ILE C 102 -29.59 -10.71 -2.76
CA ILE C 102 -29.62 -11.70 -1.68
C ILE C 102 -28.90 -12.96 -2.16
N ALA C 103 -27.85 -13.36 -1.43
CA ALA C 103 -27.10 -14.55 -1.80
C ALA C 103 -27.96 -15.79 -1.61
N GLN C 104 -27.94 -16.66 -2.63
CA GLN C 104 -28.75 -17.88 -2.65
C GLN C 104 -30.23 -17.60 -2.44
N GLY C 105 -30.70 -16.46 -2.97
CA GLY C 105 -32.09 -16.08 -2.83
C GLY C 105 -32.90 -16.30 -4.09
N GLY C 106 -32.24 -16.36 -5.24
CA GLY C 106 -32.96 -16.53 -6.48
C GLY C 106 -33.73 -15.28 -6.88
N VAL C 107 -34.70 -15.47 -7.78
CA VAL C 107 -35.54 -14.40 -8.27
C VAL C 107 -37.00 -14.81 -8.15
N LEU C 108 -37.89 -13.81 -8.15
CA LEU C 108 -39.31 -14.08 -8.10
C LEU C 108 -39.77 -14.77 -9.38
N PRO C 109 -40.68 -15.74 -9.27
CA PRO C 109 -41.23 -16.34 -10.49
C PRO C 109 -42.04 -15.32 -11.29
N ASN C 110 -41.50 -14.94 -12.45
CA ASN C 110 -42.15 -13.96 -13.30
C ASN C 110 -41.91 -14.26 -14.77
N ILE C 111 -42.98 -14.51 -15.51
CA ILE C 111 -42.92 -14.77 -16.95
C ILE C 111 -43.79 -13.73 -17.64
N GLN C 112 -43.22 -13.02 -18.61
CA GLN C 112 -43.99 -12.06 -19.39
C GLN C 112 -45.09 -12.77 -20.18
N ALA C 113 -46.20 -12.09 -20.38
CA ALA C 113 -47.40 -12.70 -20.93
C ALA C 113 -47.19 -13.27 -22.33
N VAL C 114 -46.46 -12.53 -23.18
CA VAL C 114 -46.27 -12.95 -24.56
C VAL C 114 -45.48 -14.26 -24.63
N LEU C 115 -44.66 -14.53 -23.61
CA LEU C 115 -43.93 -15.79 -23.57
C LEU C 115 -44.87 -16.97 -23.40
N LEU C 116 -45.99 -16.76 -22.70
CA LEU C 116 -46.97 -17.82 -22.52
C LEU C 116 -47.58 -18.20 -23.86
N PRO C 117 -47.97 -19.47 -24.02
CA PRO C 117 -48.55 -19.92 -25.30
C PRO C 117 -49.77 -19.11 -25.72
N LYS C 118 -50.62 -18.72 -24.77
CA LYS C 118 -51.81 -17.93 -25.04
C LYS C 118 -52.72 -18.59 -26.07
N ARG D 31 -7.85 -14.43 20.82
CA ARG D 31 -7.87 -13.66 19.58
C ARG D 31 -8.88 -12.53 19.68
N SER D 32 -8.97 -11.73 18.61
CA SER D 32 -9.90 -10.61 18.59
C SER D 32 -11.32 -11.11 18.37
N ARG D 33 -12.24 -10.66 19.22
CA ARG D 33 -13.64 -11.06 19.09
C ARG D 33 -14.31 -10.30 17.96
N LYS D 34 -15.10 -11.00 17.16
CA LYS D 34 -15.90 -10.40 16.09
C LYS D 34 -17.34 -10.30 16.56
N GLU D 35 -17.79 -9.07 16.81
CA GLU D 35 -19.12 -8.84 17.34
C GLU D 35 -20.18 -8.96 16.25
N SER D 36 -21.39 -9.34 16.67
CA SER D 36 -22.52 -9.50 15.76
C SER D 36 -23.80 -9.35 16.57
N TYR D 37 -24.91 -9.18 15.85
CA TYR D 37 -26.22 -9.05 16.46
C TYR D 37 -26.98 -10.37 16.50
N SER D 38 -26.27 -11.50 16.64
CA SER D 38 -26.91 -12.81 16.56
C SER D 38 -27.98 -13.01 17.63
N ILE D 39 -27.62 -12.76 18.90
CA ILE D 39 -28.56 -13.02 19.99
C ILE D 39 -29.75 -12.06 19.92
N TYR D 40 -29.53 -10.81 19.51
CA TYR D 40 -30.61 -9.83 19.47
C TYR D 40 -31.57 -10.12 18.32
N VAL D 41 -31.05 -10.45 17.15
CA VAL D 41 -31.91 -10.83 16.04
C VAL D 41 -32.66 -12.12 16.37
N TYR D 42 -31.99 -13.05 17.06
CA TYR D 42 -32.67 -14.27 17.48
C TYR D 42 -33.81 -13.98 18.46
N LYS D 43 -33.57 -13.06 19.40
CA LYS D 43 -34.63 -12.67 20.33
C LYS D 43 -35.80 -12.02 19.60
N VAL D 44 -35.50 -11.16 18.63
CA VAL D 44 -36.57 -10.53 17.84
C VAL D 44 -37.36 -11.60 17.08
N LEU D 45 -36.66 -12.57 16.48
CA LEU D 45 -37.33 -13.63 15.75
C LEU D 45 -38.22 -14.46 16.67
N LYS D 46 -37.72 -14.79 17.86
CA LYS D 46 -38.53 -15.54 18.81
C LYS D 46 -39.75 -14.75 19.27
N GLN D 47 -39.59 -13.43 19.44
CA GLN D 47 -40.74 -12.60 19.77
C GLN D 47 -41.78 -12.58 18.65
N VAL D 48 -41.32 -12.51 17.41
CA VAL D 48 -42.25 -12.37 16.29
C VAL D 48 -42.63 -13.72 15.68
N HIS D 49 -41.78 -14.74 15.79
CA HIS D 49 -42.07 -16.09 15.32
C HIS D 49 -41.45 -17.08 16.28
N PRO D 50 -42.20 -17.50 17.31
CA PRO D 50 -41.63 -18.37 18.35
C PRO D 50 -41.12 -19.71 17.85
N ASP D 51 -41.76 -20.30 16.85
CA ASP D 51 -41.49 -21.68 16.45
C ASP D 51 -40.73 -21.79 15.13
N THR D 52 -40.04 -20.73 14.71
CA THR D 52 -39.27 -20.74 13.47
C THR D 52 -37.79 -20.61 13.76
N GLY D 53 -36.98 -21.29 12.94
CA GLY D 53 -35.54 -21.22 13.05
C GLY D 53 -34.93 -20.46 11.88
N ILE D 54 -33.67 -20.07 12.03
CA ILE D 54 -32.95 -19.31 11.01
C ILE D 54 -31.68 -20.06 10.65
N SER D 55 -31.35 -20.09 9.35
CA SER D 55 -30.16 -20.76 8.89
C SER D 55 -28.94 -19.84 9.00
N SER D 56 -27.75 -20.45 8.88
CA SER D 56 -26.52 -19.69 9.05
C SER D 56 -26.34 -18.65 7.95
N LYS D 57 -26.60 -19.04 6.69
CA LYS D 57 -26.45 -18.10 5.59
C LYS D 57 -27.47 -16.97 5.69
N ALA D 58 -28.71 -17.31 6.02
CA ALA D 58 -29.74 -16.29 6.23
C ALA D 58 -29.38 -15.39 7.40
N MET D 59 -28.75 -15.96 8.44
CA MET D 59 -28.34 -15.14 9.57
C MET D 59 -27.21 -14.18 9.18
N GLY D 60 -26.29 -14.64 8.34
CA GLY D 60 -25.25 -13.74 7.85
C GLY D 60 -25.83 -12.61 7.01
N ILE D 61 -26.84 -12.94 6.19
CA ILE D 61 -27.55 -11.90 5.44
C ILE D 61 -28.21 -10.91 6.40
N MET D 62 -28.85 -11.43 7.45
CA MET D 62 -29.47 -10.57 8.47
C MET D 62 -28.45 -9.63 9.10
N ASN D 63 -27.29 -10.17 9.48
CA ASN D 63 -26.27 -9.38 10.15
C ASN D 63 -25.72 -8.30 9.22
N SER D 64 -25.43 -8.66 7.97
CA SER D 64 -24.93 -7.66 7.03
C SER D 64 -26.00 -6.62 6.72
N PHE D 65 -27.28 -7.04 6.72
CA PHE D 65 -28.38 -6.10 6.51
C PHE D 65 -28.43 -5.06 7.62
N VAL D 66 -28.39 -5.52 8.87
CA VAL D 66 -28.47 -4.59 9.99
C VAL D 66 -27.25 -3.68 10.01
N ASN D 67 -26.07 -4.22 9.65
CA ASN D 67 -24.87 -3.40 9.59
C ASN D 67 -24.97 -2.34 8.50
N ASP D 68 -25.49 -2.70 7.32
CA ASP D 68 -25.61 -1.74 6.23
C ASP D 68 -26.59 -0.63 6.56
N ILE D 69 -27.74 -1.00 7.15
CA ILE D 69 -28.69 0.03 7.57
C ILE D 69 -28.05 0.93 8.62
N PHE D 70 -27.34 0.34 9.58
CA PHE D 70 -26.66 1.10 10.61
C PHE D 70 -25.70 2.12 10.01
N GLU D 71 -24.84 1.67 9.09
CA GLU D 71 -23.80 2.56 8.56
C GLU D 71 -24.42 3.63 7.66
N ARG D 72 -25.44 3.27 6.88
CA ARG D 72 -26.07 4.26 6.02
C ARG D 72 -26.73 5.37 6.84
N ILE D 73 -27.50 4.98 7.86
CA ILE D 73 -28.14 5.96 8.72
C ILE D 73 -27.10 6.78 9.47
N ALA D 74 -26.03 6.14 9.94
CA ALA D 74 -25.00 6.85 10.69
C ALA D 74 -24.34 7.92 9.83
N GLY D 75 -23.96 7.55 8.60
CA GLY D 75 -23.35 8.53 7.70
C GLY D 75 -24.29 9.66 7.34
N GLU D 76 -25.56 9.32 7.08
CA GLU D 76 -26.52 10.36 6.69
C GLU D 76 -26.74 11.34 7.84
N ALA D 77 -26.93 10.82 9.06
CA ALA D 77 -27.13 11.70 10.21
C ALA D 77 -25.90 12.54 10.47
N SER D 78 -24.71 11.96 10.29
CA SER D 78 -23.47 12.71 10.49
C SER D 78 -23.35 13.86 9.49
N ARG D 79 -23.72 13.62 8.22
CA ARG D 79 -23.62 14.70 7.24
C ARG D 79 -24.71 15.75 7.48
N LEU D 80 -25.88 15.33 7.97
CA LEU D 80 -26.86 16.32 8.46
C LEU D 80 -26.29 17.17 9.58
N ALA D 81 -25.53 16.56 10.48
CA ALA D 81 -24.85 17.35 11.51
C ALA D 81 -23.88 18.33 10.88
N HIS D 82 -23.18 17.88 9.82
CA HIS D 82 -22.26 18.76 9.11
C HIS D 82 -22.99 19.91 8.42
N TYR D 83 -24.22 19.68 7.96
CA TYR D 83 -24.93 20.68 7.16
C TYR D 83 -25.24 21.93 7.98
N ASN D 84 -25.73 21.75 9.20
CA ASN D 84 -26.15 22.85 10.05
C ASN D 84 -25.05 23.32 10.99
N LYS D 85 -23.80 22.93 10.73
CA LYS D 85 -22.68 23.19 11.64
C LYS D 85 -22.98 22.64 13.03
N ARG D 86 -23.62 21.48 13.07
CA ARG D 86 -24.01 20.82 14.31
C ARG D 86 -22.94 19.80 14.67
N SER D 87 -22.35 19.96 15.86
CA SER D 87 -21.24 19.12 16.28
C SER D 87 -21.68 17.97 17.19
N THR D 88 -22.97 17.84 17.46
CA THR D 88 -23.48 16.82 18.37
C THR D 88 -24.50 15.95 17.64
N ILE D 89 -24.43 14.64 17.88
CA ILE D 89 -25.41 13.71 17.33
C ILE D 89 -26.51 13.47 18.34
N THR D 90 -27.70 13.98 18.04
CA THR D 90 -28.89 13.79 18.85
C THR D 90 -29.91 12.96 18.06
N SER D 91 -31.11 12.83 18.63
CA SER D 91 -32.13 12.01 17.98
C SER D 91 -32.77 12.70 16.79
N ARG D 92 -32.64 14.03 16.67
CA ARG D 92 -33.40 14.76 15.66
C ARG D 92 -32.91 14.47 14.24
N GLU D 93 -31.59 14.55 14.02
CA GLU D 93 -31.07 14.22 12.70
C GLU D 93 -31.15 12.73 12.42
N ILE D 94 -31.19 11.90 13.47
CA ILE D 94 -31.50 10.49 13.28
C ILE D 94 -32.91 10.34 12.72
N GLN D 95 -33.85 11.11 13.26
CA GLN D 95 -35.22 11.15 12.73
C GLN D 95 -35.22 11.58 11.27
N THR D 96 -34.46 12.64 10.96
CA THR D 96 -34.39 13.15 9.59
C THR D 96 -33.83 12.09 8.64
N ALA D 97 -32.77 11.39 9.06
CA ALA D 97 -32.19 10.34 8.23
C ALA D 97 -33.18 9.20 8.03
N VAL D 98 -33.94 8.84 9.06
CA VAL D 98 -34.94 7.79 8.92
C VAL D 98 -36.00 8.19 7.90
N ARG D 99 -36.49 9.44 7.97
CA ARG D 99 -37.46 9.87 6.99
C ARG D 99 -36.87 9.90 5.58
N LEU D 100 -35.63 10.34 5.43
CA LEU D 100 -35.04 10.43 4.09
C LEU D 100 -34.82 9.06 3.47
N LEU D 101 -34.27 8.12 4.24
CA LEU D 101 -33.85 6.85 3.65
C LEU D 101 -34.98 5.84 3.61
N LEU D 102 -35.65 5.61 4.74
CA LEU D 102 -36.73 4.65 4.77
C LEU D 102 -37.88 5.15 3.89
N PRO D 103 -38.36 4.34 2.96
CA PRO D 103 -39.33 4.84 1.97
C PRO D 103 -40.74 4.93 2.51
N GLY D 104 -41.17 6.14 2.88
CA GLY D 104 -42.57 6.37 3.19
C GLY D 104 -43.07 5.59 4.38
N GLU D 105 -43.96 4.63 4.10
CA GLU D 105 -44.75 3.99 5.15
C GLU D 105 -43.89 3.35 6.21
N LEU D 106 -42.81 2.67 5.80
CA LEU D 106 -41.88 2.09 6.76
C LEU D 106 -41.39 3.13 7.75
N ALA D 107 -40.90 4.26 7.24
CA ALA D 107 -40.45 5.34 8.11
C ALA D 107 -41.56 5.79 9.04
N LYS D 108 -42.80 5.82 8.53
CA LYS D 108 -43.93 6.30 9.32
C LYS D 108 -44.09 5.47 10.59
N HIS D 109 -43.66 4.20 10.54
CA HIS D 109 -43.55 3.44 11.77
C HIS D 109 -42.18 3.61 12.40
N ALA D 110 -41.12 3.49 11.60
CA ALA D 110 -39.76 3.50 12.14
C ALA D 110 -39.53 4.70 13.03
N VAL D 111 -39.68 5.90 12.47
CA VAL D 111 -39.62 7.12 13.26
C VAL D 111 -40.40 6.96 14.56
N SER D 112 -41.69 6.62 14.43
CA SER D 112 -42.54 6.46 15.60
C SER D 112 -41.91 5.53 16.62
N GLU D 113 -41.51 4.32 16.19
CA GLU D 113 -40.91 3.39 17.14
C GLU D 113 -39.74 4.03 17.87
N GLY D 114 -38.82 4.64 17.11
CA GLY D 114 -37.69 5.27 17.74
C GLY D 114 -38.13 6.28 18.78
N THR D 115 -39.11 7.12 18.41
CA THR D 115 -39.63 8.10 19.34
C THR D 115 -40.08 7.41 20.62
N LYS D 116 -40.92 6.37 20.50
CA LYS D 116 -41.37 5.66 21.67
C LYS D 116 -40.18 5.22 22.52
N ALA D 117 -39.18 4.63 21.87
CA ALA D 117 -37.99 4.19 22.60
C ALA D 117 -37.38 5.35 23.38
N VAL D 118 -37.09 6.46 22.68
CA VAL D 118 -36.45 7.57 23.38
C VAL D 118 -37.42 8.16 24.39
N THR D 119 -38.73 8.11 24.09
CA THR D 119 -39.72 8.54 25.07
C THR D 119 -39.56 7.74 26.35
N LYS D 120 -39.45 6.41 26.24
CA LYS D 120 -39.23 5.60 27.41
C LYS D 120 -37.88 5.92 28.04
N TYR D 121 -36.88 6.18 27.20
CA TYR D 121 -35.58 6.58 27.72
C TYR D 121 -35.69 7.91 28.46
N THR D 122 -36.62 8.75 28.04
CA THR D 122 -36.97 9.94 28.83
C THR D 122 -38.12 9.68 29.78
N SER D 123 -38.05 8.60 30.56
CA SER D 123 -39.08 8.29 31.54
C SER D 123 -38.52 7.83 32.89
N ALA D 124 -37.21 7.74 33.04
CA ALA D 124 -36.61 7.31 34.29
C ALA D 124 -35.42 8.19 34.66
N PRO E 38 -42.57 -40.92 -32.57
CA PRO E 38 -41.74 -40.41 -31.47
C PRO E 38 -42.35 -39.17 -30.82
N HIS E 39 -42.40 -39.18 -29.49
CA HIS E 39 -42.96 -38.04 -28.76
C HIS E 39 -41.96 -36.90 -28.75
N ARG E 40 -42.42 -35.71 -29.15
CA ARG E 40 -41.60 -34.52 -29.17
C ARG E 40 -42.42 -33.32 -28.69
N TYR E 41 -41.83 -32.53 -27.80
CA TYR E 41 -42.48 -31.32 -27.32
C TYR E 41 -42.23 -30.17 -28.28
N ARG E 42 -43.25 -29.34 -28.47
CA ARG E 42 -43.13 -28.17 -29.31
C ARG E 42 -42.14 -27.18 -28.70
N PRO E 43 -41.44 -26.42 -29.52
CA PRO E 43 -40.49 -25.43 -29.00
C PRO E 43 -41.19 -24.39 -28.13
N GLY E 44 -40.72 -24.26 -26.89
CA GLY E 44 -41.25 -23.32 -25.92
C GLY E 44 -41.75 -23.96 -24.65
N THR E 45 -42.42 -25.12 -24.74
CA THR E 45 -42.93 -25.77 -23.54
C THR E 45 -41.79 -26.22 -22.63
N VAL E 46 -40.79 -26.90 -23.19
CA VAL E 46 -39.61 -27.25 -22.41
C VAL E 46 -38.87 -25.98 -21.97
N ALA E 47 -38.86 -24.96 -22.82
CA ALA E 47 -38.26 -23.69 -22.44
C ALA E 47 -38.88 -23.14 -21.15
N LEU E 48 -40.21 -23.05 -21.11
CA LEU E 48 -40.88 -22.61 -19.88
C LEU E 48 -40.67 -23.61 -18.75
N ARG E 49 -40.48 -24.89 -19.08
CA ARG E 49 -40.19 -25.89 -18.05
C ARG E 49 -38.91 -25.52 -17.30
N GLU E 50 -37.81 -25.29 -18.03
CA GLU E 50 -36.60 -24.89 -17.32
C GLU E 50 -36.70 -23.47 -16.79
N ILE E 51 -37.55 -22.63 -17.38
CA ILE E 51 -37.80 -21.30 -16.81
C ILE E 51 -38.30 -21.43 -15.39
N ARG E 52 -39.35 -22.24 -15.19
CA ARG E 52 -39.91 -22.38 -13.85
C ARG E 52 -38.97 -23.17 -12.95
N ARG E 53 -38.23 -24.13 -13.51
CA ARG E 53 -37.30 -24.91 -12.70
C ARG E 53 -36.20 -24.01 -12.12
N TYR E 54 -35.62 -23.14 -12.94
CA TYR E 54 -34.54 -22.28 -12.48
C TYR E 54 -35.03 -21.04 -11.76
N GLN E 55 -36.31 -20.67 -11.92
CA GLN E 55 -36.89 -19.63 -11.09
C GLN E 55 -37.37 -20.16 -9.75
N LYS E 56 -37.50 -21.48 -9.60
CA LYS E 56 -37.82 -22.09 -8.32
C LYS E 56 -36.59 -22.46 -7.50
N SER E 57 -35.53 -22.92 -8.16
CA SER E 57 -34.30 -23.31 -7.50
C SER E 57 -33.35 -22.11 -7.39
N THR E 58 -32.34 -22.27 -6.54
CA THR E 58 -31.36 -21.21 -6.29
C THR E 58 -29.91 -21.68 -6.44
N GLU E 59 -29.69 -22.95 -6.79
CA GLU E 59 -28.33 -23.48 -6.86
C GLU E 59 -27.56 -22.84 -8.01
N LEU E 60 -26.24 -22.77 -7.84
CA LEU E 60 -25.39 -22.02 -8.77
C LEU E 60 -25.37 -22.69 -10.14
N LEU E 61 -25.53 -21.88 -11.19
CA LEU E 61 -25.70 -22.39 -12.54
C LEU E 61 -24.41 -22.44 -13.33
N ILE E 62 -23.44 -21.59 -13.01
CA ILE E 62 -22.13 -21.57 -13.69
C ILE E 62 -21.20 -22.50 -12.92
N ARG E 63 -20.45 -23.32 -13.65
CA ARG E 63 -19.59 -24.31 -13.02
C ARG E 63 -18.45 -23.66 -12.27
N LYS E 64 -18.14 -24.19 -11.09
CA LYS E 64 -17.23 -23.53 -10.16
C LYS E 64 -15.80 -23.55 -10.67
N LEU E 65 -15.32 -24.70 -11.14
CA LEU E 65 -13.92 -24.81 -11.54
C LEU E 65 -13.59 -23.96 -12.77
N PRO E 66 -14.37 -23.99 -13.86
CA PRO E 66 -14.05 -23.08 -14.98
C PRO E 66 -14.09 -21.61 -14.61
N PHE E 67 -15.06 -21.22 -13.78
CA PHE E 67 -15.14 -19.81 -13.37
C PHE E 67 -13.91 -19.44 -12.56
N GLN E 68 -13.48 -20.35 -11.66
CA GLN E 68 -12.30 -20.09 -10.85
C GLN E 68 -11.06 -19.98 -11.72
N ARG E 69 -10.98 -20.80 -12.77
CA ARG E 69 -9.90 -20.66 -13.73
C ARG E 69 -9.93 -19.31 -14.41
N LEU E 70 -11.12 -18.83 -14.79
CA LEU E 70 -11.23 -17.49 -15.37
C LEU E 70 -10.81 -16.42 -14.39
N VAL E 71 -11.18 -16.56 -13.12
CA VAL E 71 -10.79 -15.60 -12.09
C VAL E 71 -9.28 -15.56 -11.96
N ARG E 72 -8.65 -16.73 -11.92
CA ARG E 72 -7.20 -16.79 -11.81
C ARG E 72 -6.53 -16.17 -13.02
N GLU E 73 -7.09 -16.40 -14.21
CA GLU E 73 -6.56 -15.76 -15.41
C GLU E 73 -6.65 -14.24 -15.32
N ILE E 74 -7.81 -13.73 -14.90
CA ILE E 74 -7.99 -12.27 -14.82
C ILE E 74 -7.04 -11.67 -13.80
N ALA E 75 -6.93 -12.29 -12.62
CA ALA E 75 -6.05 -11.78 -11.59
C ALA E 75 -4.60 -11.81 -12.05
N GLN E 76 -4.17 -12.91 -12.69
CA GLN E 76 -2.81 -13.00 -13.18
C GLN E 76 -2.53 -11.95 -14.25
N ASP E 77 -3.51 -11.71 -15.13
CA ASP E 77 -3.37 -10.62 -16.09
C ASP E 77 -3.28 -9.26 -15.41
N PHE E 78 -3.89 -9.11 -14.23
CA PHE E 78 -3.72 -7.90 -13.44
C PHE E 78 -2.43 -7.91 -12.63
N LYS E 79 -2.29 -8.84 -11.69
CA LYS E 79 -1.09 -8.95 -10.87
C LYS E 79 -0.72 -10.41 -10.75
N THR E 80 0.56 -10.73 -10.92
CA THR E 80 1.00 -12.11 -10.84
C THR E 80 1.22 -12.52 -9.39
N ASP E 81 1.26 -13.84 -9.17
CA ASP E 81 1.49 -14.45 -7.85
C ASP E 81 0.40 -14.06 -6.84
N LEU E 82 -0.86 -14.36 -7.14
CA LEU E 82 -1.95 -14.12 -6.21
C LEU E 82 -2.59 -15.43 -5.76
N ARG E 83 -3.13 -15.42 -4.55
CA ARG E 83 -3.85 -16.54 -3.98
C ARG E 83 -5.28 -16.13 -3.69
N PHE E 84 -6.20 -17.08 -3.81
CA PHE E 84 -7.63 -16.79 -3.69
C PHE E 84 -8.28 -17.69 -2.64
N GLN E 85 -9.02 -17.08 -1.73
CA GLN E 85 -9.80 -17.83 -0.76
C GLN E 85 -11.01 -18.47 -1.45
N SER E 86 -11.42 -19.63 -0.95
CA SER E 86 -12.59 -20.30 -1.50
C SER E 86 -13.85 -19.47 -1.32
N SER E 87 -14.01 -18.83 -0.16
CA SER E 87 -15.15 -17.94 0.06
C SER E 87 -15.15 -16.75 -0.89
N ALA E 88 -13.96 -16.21 -1.21
CA ALA E 88 -13.90 -15.13 -2.19
C ALA E 88 -14.40 -15.59 -3.56
N VAL E 89 -13.98 -16.78 -3.99
CA VAL E 89 -14.42 -17.31 -5.27
C VAL E 89 -15.92 -17.54 -5.26
N MET E 90 -16.46 -18.02 -4.13
CA MET E 90 -17.91 -18.22 -4.03
C MET E 90 -18.64 -16.89 -4.09
N ALA E 91 -18.10 -15.85 -3.45
CA ALA E 91 -18.71 -14.54 -3.52
C ALA E 91 -18.73 -14.02 -4.95
N LEU E 92 -17.61 -14.15 -5.66
CA LEU E 92 -17.59 -13.78 -7.08
C LEU E 92 -18.61 -14.58 -7.88
N GLN E 93 -18.75 -15.87 -7.58
CA GLN E 93 -19.66 -16.71 -8.37
C GLN E 93 -21.11 -16.27 -8.17
N GLU E 94 -21.54 -16.13 -6.92
CA GLU E 94 -22.93 -15.75 -6.67
C GLU E 94 -23.18 -14.33 -7.19
N ALA E 95 -22.21 -13.44 -7.04
CA ALA E 95 -22.36 -12.06 -7.52
C ALA E 95 -22.47 -11.99 -9.03
N CYS E 96 -21.61 -12.72 -9.75
CA CYS E 96 -21.67 -12.69 -11.21
C CYS E 96 -22.95 -13.35 -11.71
N GLU E 97 -23.39 -14.42 -11.05
CA GLU E 97 -24.67 -15.01 -11.40
C GLU E 97 -25.81 -14.01 -11.21
N ALA E 98 -25.79 -13.26 -10.11
CA ALA E 98 -26.82 -12.26 -9.87
C ALA E 98 -26.80 -11.17 -10.94
N TYR E 99 -25.61 -10.68 -11.27
CA TYR E 99 -25.52 -9.62 -12.29
C TYR E 99 -26.01 -10.13 -13.63
N LEU E 100 -25.63 -11.36 -13.99
CA LEU E 100 -26.06 -11.92 -15.27
C LEU E 100 -27.56 -12.15 -15.31
N VAL E 101 -28.16 -12.65 -14.23
CA VAL E 101 -29.60 -12.90 -14.25
C VAL E 101 -30.38 -11.59 -14.28
N GLY E 102 -29.88 -10.57 -13.58
CA GLY E 102 -30.51 -9.25 -13.69
C GLY E 102 -30.41 -8.68 -15.10
N LEU E 103 -29.23 -8.77 -15.70
CA LEU E 103 -29.06 -8.28 -17.07
C LEU E 103 -29.92 -9.09 -18.04
N PHE E 104 -30.12 -10.38 -17.78
CA PHE E 104 -30.95 -11.20 -18.64
C PHE E 104 -32.43 -10.84 -18.48
N GLU E 105 -32.86 -10.51 -17.27
CA GLU E 105 -34.22 -9.99 -17.08
C GLU E 105 -34.42 -8.70 -17.86
N ASP E 106 -33.46 -7.78 -17.76
CA ASP E 106 -33.56 -6.53 -18.50
C ASP E 106 -33.53 -6.79 -20.01
N THR E 107 -32.71 -7.74 -20.45
CA THR E 107 -32.63 -8.09 -21.86
C THR E 107 -33.94 -8.66 -22.36
N ASN E 108 -34.59 -9.53 -21.57
CA ASN E 108 -35.90 -10.04 -21.94
C ASN E 108 -36.92 -8.93 -22.02
N LEU E 109 -36.88 -7.99 -21.06
CA LEU E 109 -37.81 -6.87 -21.12
C LEU E 109 -37.60 -6.05 -22.39
N CYS E 110 -36.34 -5.80 -22.76
CA CYS E 110 -36.06 -5.07 -23.99
C CYS E 110 -36.53 -5.85 -25.21
N ALA E 111 -36.34 -7.17 -25.22
CA ALA E 111 -36.77 -7.99 -26.35
C ALA E 111 -38.28 -7.96 -26.51
N ILE E 112 -39.01 -8.06 -25.39
CA ILE E 112 -40.46 -7.96 -25.45
C ILE E 112 -40.88 -6.56 -25.91
N HIS E 113 -40.09 -5.55 -25.55
CA HIS E 113 -40.36 -4.19 -26.00
C HIS E 113 -40.33 -4.11 -27.54
N ALA E 114 -39.41 -4.84 -28.17
CA ALA E 114 -39.29 -4.84 -29.62
C ALA E 114 -40.21 -5.84 -30.30
N LYS E 115 -41.27 -6.28 -29.62
CA LYS E 115 -42.22 -7.26 -30.14
C LYS E 115 -41.51 -8.56 -30.57
N ARG E 116 -40.52 -8.99 -29.81
CA ARG E 116 -39.77 -10.21 -30.09
C ARG E 116 -39.74 -11.10 -28.86
N VAL E 117 -39.51 -12.40 -29.10
CA VAL E 117 -39.37 -13.37 -28.03
C VAL E 117 -37.94 -13.87 -27.90
N THR E 118 -37.10 -13.62 -28.90
CA THR E 118 -35.71 -14.07 -28.91
C THR E 118 -34.81 -12.89 -28.57
N ILE E 119 -33.89 -13.10 -27.63
CA ILE E 119 -32.95 -12.05 -27.25
C ILE E 119 -31.90 -11.89 -28.33
N MET E 120 -31.42 -10.67 -28.49
CA MET E 120 -30.55 -10.25 -29.58
C MET E 120 -29.42 -9.43 -28.97
N PRO E 121 -28.29 -9.31 -29.65
CA PRO E 121 -27.23 -8.42 -29.16
C PRO E 121 -27.69 -6.99 -28.90
N LYS E 122 -28.56 -6.44 -29.76
CA LYS E 122 -29.05 -5.10 -29.52
C LYS E 122 -29.81 -5.01 -28.21
N ASP E 123 -30.42 -6.11 -27.77
CA ASP E 123 -31.14 -6.11 -26.50
C ASP E 123 -30.19 -5.83 -25.33
N ILE E 124 -29.11 -6.59 -25.22
CA ILE E 124 -28.19 -6.39 -24.11
C ILE E 124 -27.46 -5.06 -24.26
N GLN E 125 -27.15 -4.66 -25.51
CA GLN E 125 -26.48 -3.38 -25.71
C GLN E 125 -27.35 -2.22 -25.23
N LEU E 126 -28.64 -2.25 -25.57
CA LEU E 126 -29.55 -1.22 -25.11
C LEU E 126 -29.72 -1.27 -23.60
N ALA E 127 -29.84 -2.46 -23.02
CA ALA E 127 -30.02 -2.57 -21.57
C ALA E 127 -28.83 -2.00 -20.83
N ARG E 128 -27.62 -2.32 -21.28
CA ARG E 128 -26.41 -1.80 -20.64
C ARG E 128 -26.23 -0.31 -20.88
N ARG E 129 -26.63 0.19 -22.06
CA ARG E 129 -26.57 1.62 -22.30
C ARG E 129 -27.53 2.38 -21.38
N ILE E 130 -28.74 1.86 -21.20
CA ILE E 130 -29.72 2.54 -20.35
C ILE E 130 -29.28 2.46 -18.89
N ARG E 131 -28.73 1.31 -18.47
CA ARG E 131 -28.20 1.21 -17.12
C ARG E 131 -27.02 2.14 -16.90
N GLY E 132 -26.28 2.48 -17.96
CA GLY E 132 -25.29 3.54 -17.91
C GLY E 132 -23.84 3.13 -17.78
N GLU E 133 -23.55 1.83 -17.70
CA GLU E 133 -22.16 1.40 -17.70
C GLU E 133 -21.54 1.43 -19.08
N ARG E 134 -22.36 1.42 -20.13
CA ARG E 134 -21.87 1.70 -21.48
C ARG E 134 -22.16 3.15 -21.85
N GLY F 11 12.28 -29.75 -10.91
CA GLY F 11 11.53 -30.08 -9.71
C GLY F 11 11.29 -31.57 -9.54
OH ALY F 12 17.64 -34.09 -3.80
CH ALY F 12 17.02 -35.17 -3.77
CH3 ALY F 12 17.60 -36.38 -3.08
NZ ALY F 12 15.78 -35.33 -4.36
CE ALY F 12 15.09 -34.29 -5.06
CD ALY F 12 13.61 -34.58 -5.33
CG ALY F 12 13.09 -33.68 -6.43
CB ALY F 12 11.60 -33.88 -6.62
CA ALY F 12 11.14 -33.44 -8.02
N ALY F 12 11.34 -32.04 -8.30
C ALY F 12 9.66 -33.79 -8.14
O ALY F 12 9.23 -34.73 -8.80
N GLY F 13 8.86 -32.99 -7.45
CA GLY F 13 7.41 -33.18 -7.45
C GLY F 13 6.75 -32.71 -8.72
N GLY F 14 6.72 -33.58 -9.73
CA GLY F 14 6.13 -33.24 -11.01
C GLY F 14 6.91 -32.19 -11.76
N ALA F 15 6.35 -30.99 -11.88
CA ALA F 15 7.02 -29.89 -12.55
C ALA F 15 7.91 -29.12 -11.59
CB ALY F 16 10.47 -26.93 -11.48
CA ALY F 16 8.99 -27.01 -11.06
N ALY F 16 8.17 -27.85 -11.90
C ALY F 16 8.43 -25.59 -11.07
O ALY F 16 8.55 -24.81 -12.02
N ARG F 17 7.80 -25.25 -9.95
CA ARG F 17 7.11 -23.98 -9.77
C ARG F 17 6.12 -23.74 -10.90
N HIS F 18 5.27 -24.74 -11.15
CA HIS F 18 4.31 -24.68 -12.23
C HIS F 18 3.19 -23.69 -11.96
N ARG F 19 3.35 -22.46 -12.43
CA ARG F 19 2.30 -21.46 -12.29
C ARG F 19 1.11 -21.81 -13.16
N LYS F 20 1.34 -22.54 -14.26
CA LYS F 20 0.30 -22.96 -15.20
C LYS F 20 -0.51 -21.76 -15.70
N VAL F 21 0.19 -20.88 -16.43
CA VAL F 21 -0.46 -19.69 -16.99
C VAL F 21 -1.72 -20.10 -17.74
N LEU F 22 -2.83 -19.43 -17.42
CA LEU F 22 -4.13 -19.93 -17.83
C LEU F 22 -4.57 -19.32 -19.15
N ARG F 23 -5.43 -20.04 -19.86
CA ARG F 23 -5.94 -19.63 -21.16
C ARG F 23 -7.22 -20.38 -21.46
N ASP F 24 -8.01 -19.84 -22.39
CA ASP F 24 -9.20 -20.51 -22.91
C ASP F 24 -10.22 -20.75 -21.81
N ASN F 25 -10.15 -19.97 -20.73
CA ASN F 25 -11.06 -20.16 -19.60
C ASN F 25 -12.46 -19.63 -19.86
N ILE F 26 -12.58 -18.57 -20.66
CA ILE F 26 -13.88 -17.95 -20.89
C ILE F 26 -14.80 -18.89 -21.65
N GLN F 27 -14.22 -19.74 -22.51
CA GLN F 27 -14.99 -20.83 -23.10
C GLN F 27 -15.42 -21.86 -22.05
N GLY F 28 -14.81 -21.80 -20.87
CA GLY F 28 -15.24 -22.64 -19.76
C GLY F 28 -16.66 -22.30 -19.34
N ILE F 29 -17.10 -21.09 -19.64
CA ILE F 29 -18.50 -20.68 -19.48
C ILE F 29 -19.23 -21.26 -20.69
N THR F 30 -19.81 -22.44 -20.49
CA THR F 30 -20.31 -23.24 -21.60
C THR F 30 -21.64 -22.70 -22.10
N LYS F 31 -22.06 -23.21 -23.26
CA LYS F 31 -23.36 -22.83 -23.82
C LYS F 31 -24.52 -23.14 -22.88
N PRO F 32 -24.64 -24.34 -22.31
CA PRO F 32 -25.76 -24.57 -21.38
C PRO F 32 -25.69 -23.71 -20.13
N ALA F 33 -24.49 -23.30 -19.71
CA ALA F 33 -24.38 -22.42 -18.54
C ALA F 33 -25.03 -21.07 -18.82
N ILE F 34 -24.69 -20.46 -19.95
CA ILE F 34 -25.31 -19.19 -20.34
C ILE F 34 -26.79 -19.38 -20.58
N ARG F 35 -27.18 -20.54 -21.13
CA ARG F 35 -28.59 -20.83 -21.31
C ARG F 35 -29.32 -20.84 -19.97
N ARG F 36 -28.74 -21.48 -18.95
CA ARG F 36 -29.35 -21.51 -17.63
C ARG F 36 -29.42 -20.12 -17.02
N LEU F 37 -28.36 -19.32 -17.17
CA LEU F 37 -28.38 -17.95 -16.67
C LEU F 37 -29.50 -17.15 -17.33
N ALA F 38 -29.69 -17.33 -18.64
CA ALA F 38 -30.78 -16.63 -19.33
C ALA F 38 -32.13 -17.14 -18.87
N ARG F 39 -32.26 -18.45 -18.63
CA ARG F 39 -33.54 -19.02 -18.21
C ARG F 39 -33.93 -18.49 -16.83
N ARG F 40 -32.96 -18.35 -15.94
CA ARG F 40 -33.25 -17.73 -14.65
C ARG F 40 -33.71 -16.29 -14.83
N GLY F 41 -33.26 -15.62 -15.89
CA GLY F 41 -33.74 -14.31 -16.26
C GLY F 41 -35.01 -14.29 -17.07
N GLY F 42 -35.61 -15.45 -17.32
CA GLY F 42 -36.87 -15.51 -18.05
C GLY F 42 -36.76 -15.50 -19.55
N VAL F 43 -35.60 -15.85 -20.11
CA VAL F 43 -35.39 -15.83 -21.55
C VAL F 43 -35.83 -17.17 -22.13
N LYS F 44 -36.69 -17.10 -23.15
CA LYS F 44 -37.18 -18.30 -23.82
C LYS F 44 -36.32 -18.73 -25.00
N ARG F 45 -35.93 -17.79 -25.87
CA ARG F 45 -35.17 -18.11 -27.06
C ARG F 45 -33.85 -17.34 -27.05
N ILE F 46 -32.76 -18.03 -27.38
CA ILE F 46 -31.41 -17.48 -27.30
C ILE F 46 -30.76 -17.62 -28.66
N SER F 47 -30.32 -16.50 -29.23
CA SER F 47 -29.60 -16.55 -30.50
C SER F 47 -28.20 -17.11 -30.30
N GLY F 48 -27.59 -17.59 -31.38
CA GLY F 48 -26.29 -18.23 -31.28
C GLY F 48 -25.19 -17.31 -30.82
N LEU F 49 -25.25 -16.04 -31.21
CA LEU F 49 -24.20 -15.09 -30.84
C LEU F 49 -24.44 -14.41 -29.51
N ILE F 50 -25.51 -14.77 -28.80
CA ILE F 50 -25.73 -14.28 -27.44
C ILE F 50 -24.62 -14.75 -26.51
N TYR F 51 -24.20 -16.02 -26.65
CA TYR F 51 -23.35 -16.65 -25.65
C TYR F 51 -22.00 -15.94 -25.52
N GLU F 52 -21.35 -15.66 -26.66
CA GLU F 52 -20.02 -15.07 -26.61
C GLU F 52 -20.06 -13.65 -26.07
N GLU F 53 -21.08 -12.87 -26.41
CA GLU F 53 -21.15 -11.50 -25.92
C GLU F 53 -21.56 -11.45 -24.45
N THR F 54 -22.35 -12.42 -23.99
CA THR F 54 -22.56 -12.56 -22.56
C THR F 54 -21.27 -12.93 -21.84
N ARG F 55 -20.45 -13.77 -22.47
CA ARG F 55 -19.12 -14.04 -21.93
C ARG F 55 -18.29 -12.77 -21.86
N GLY F 56 -18.41 -11.92 -22.88
CA GLY F 56 -17.69 -10.66 -22.87
C GLY F 56 -18.13 -9.75 -21.74
N VAL F 57 -19.44 -9.64 -21.53
CA VAL F 57 -19.95 -8.86 -20.41
C VAL F 57 -19.47 -9.44 -19.08
N LEU F 58 -19.49 -10.76 -18.98
CA LEU F 58 -19.01 -11.43 -17.77
C LEU F 58 -17.55 -11.11 -17.49
N LYS F 59 -16.70 -11.20 -18.52
CA LYS F 59 -15.28 -10.93 -18.30
C LYS F 59 -15.03 -9.47 -18.01
N VAL F 60 -15.81 -8.56 -18.61
CA VAL F 60 -15.67 -7.15 -18.28
C VAL F 60 -16.00 -6.90 -16.80
N PHE F 61 -17.12 -7.46 -16.34
CA PHE F 61 -17.52 -7.29 -14.95
C PHE F 61 -16.48 -7.91 -14.01
N LEU F 62 -15.99 -9.10 -14.36
CA LEU F 62 -14.99 -9.75 -13.52
C LEU F 62 -13.69 -8.98 -13.50
N GLU F 63 -13.26 -8.42 -14.64
CA GLU F 63 -12.06 -7.59 -14.65
C GLU F 63 -12.23 -6.41 -13.70
N ASN F 64 -13.38 -5.73 -13.78
CA ASN F 64 -13.60 -4.59 -12.89
C ASN F 64 -13.54 -5.00 -11.43
N VAL F 65 -14.31 -6.01 -11.05
CA VAL F 65 -14.43 -6.36 -9.63
C VAL F 65 -13.13 -6.93 -9.10
N ILE F 66 -12.45 -7.77 -9.89
CA ILE F 66 -11.20 -8.37 -9.44
C ILE F 66 -10.10 -7.31 -9.34
N ARG F 67 -10.08 -6.35 -10.28
CA ARG F 67 -9.12 -5.25 -10.19
C ARG F 67 -9.33 -4.47 -8.90
N ASP F 68 -10.58 -4.10 -8.61
CA ASP F 68 -10.84 -3.34 -7.40
C ASP F 68 -10.44 -4.13 -6.17
N ALA F 69 -10.82 -5.41 -6.12
CA ALA F 69 -10.52 -6.24 -4.95
C ALA F 69 -9.01 -6.41 -4.78
N VAL F 70 -8.28 -6.57 -5.88
CA VAL F 70 -6.85 -6.83 -5.76
C VAL F 70 -6.13 -5.56 -5.30
N THR F 71 -6.51 -4.40 -5.84
CA THR F 71 -5.90 -3.15 -5.37
C THR F 71 -6.21 -2.94 -3.89
N TYR F 72 -7.44 -3.27 -3.50
CA TYR F 72 -7.76 -3.34 -2.08
C TYR F 72 -6.77 -4.22 -1.33
N THR F 73 -6.38 -5.37 -1.91
CA THR F 73 -5.63 -6.33 -1.10
C THR F 73 -4.14 -6.00 -1.02
N GLU F 74 -3.55 -5.32 -2.03
CA GLU F 74 -2.19 -4.84 -1.78
C GLU F 74 -2.24 -3.62 -0.86
N HIS F 75 -3.35 -2.88 -0.86
CA HIS F 75 -3.47 -1.84 0.16
C HIS F 75 -3.53 -2.42 1.56
N ALA F 76 -4.02 -3.65 1.71
CA ALA F 76 -3.99 -4.33 2.99
C ALA F 76 -2.67 -5.03 3.24
N LYS F 77 -1.72 -4.96 2.30
CA LYS F 77 -0.44 -5.66 2.37
C LYS F 77 -0.65 -7.17 2.55
N ARG F 78 -1.40 -7.75 1.61
CA ARG F 78 -1.70 -9.17 1.63
C ARG F 78 -1.47 -9.74 0.23
N LYS F 79 -1.13 -11.02 0.19
CA LYS F 79 -0.94 -11.75 -1.06
C LYS F 79 -2.09 -12.68 -1.39
N THR F 80 -3.08 -12.79 -0.52
CA THR F 80 -4.24 -13.65 -0.72
C THR F 80 -5.48 -12.78 -0.81
N VAL F 81 -6.29 -13.00 -1.84
CA VAL F 81 -7.53 -12.25 -2.01
C VAL F 81 -8.60 -12.86 -1.13
N THR F 82 -9.06 -12.10 -0.15
CA THR F 82 -10.11 -12.55 0.75
C THR F 82 -11.49 -12.23 0.18
N ALA F 83 -12.52 -12.49 0.97
CA ALA F 83 -13.88 -12.17 0.54
C ALA F 83 -14.29 -10.76 0.96
N MET F 84 -13.67 -10.23 2.01
CA MET F 84 -14.13 -8.96 2.58
C MET F 84 -13.78 -7.80 1.65
N ASP F 85 -12.57 -7.81 1.08
CA ASP F 85 -12.20 -6.80 0.11
C ASP F 85 -13.04 -6.91 -1.15
N VAL F 86 -13.47 -8.13 -1.50
CA VAL F 86 -14.41 -8.31 -2.60
C VAL F 86 -15.73 -7.63 -2.28
N VAL F 87 -16.22 -7.80 -1.05
CA VAL F 87 -17.45 -7.13 -0.63
C VAL F 87 -17.28 -5.63 -0.76
N TYR F 88 -16.12 -5.11 -0.34
CA TYR F 88 -15.84 -3.69 -0.48
C TYR F 88 -15.90 -3.25 -1.94
N ALA F 89 -15.29 -4.05 -2.83
CA ALA F 89 -15.23 -3.69 -4.24
C ALA F 89 -16.62 -3.60 -4.86
N LEU F 90 -17.43 -4.64 -4.67
CA LEU F 90 -18.79 -4.60 -5.20
C LEU F 90 -19.64 -3.50 -4.56
N LYS F 91 -19.49 -3.29 -3.26
CA LYS F 91 -20.29 -2.25 -2.61
C LYS F 91 -19.95 -0.88 -3.18
N ARG F 92 -18.67 -0.62 -3.45
CA ARG F 92 -18.31 0.60 -4.14
C ARG F 92 -18.88 0.64 -5.55
N GLN F 93 -18.84 -0.49 -6.28
CA GLN F 93 -19.30 -0.53 -7.67
C GLN F 93 -20.82 -0.46 -7.76
N GLY F 94 -21.50 -0.31 -6.64
CA GLY F 94 -22.96 -0.28 -6.65
C GLY F 94 -23.60 -1.64 -6.74
N ARG F 95 -22.93 -2.67 -6.20
CA ARG F 95 -23.49 -4.02 -6.09
C ARG F 95 -23.33 -4.43 -4.63
N THR F 96 -24.31 -4.07 -3.80
CA THR F 96 -24.26 -4.43 -2.39
C THR F 96 -24.70 -5.87 -2.21
N LEU F 97 -23.83 -6.69 -1.62
CA LEU F 97 -24.03 -8.13 -1.56
C LEU F 97 -24.02 -8.60 -0.13
N TYR F 98 -24.91 -9.56 0.19
CA TYR F 98 -25.03 -10.09 1.54
C TYR F 98 -24.40 -11.48 1.64
N GLY F 99 -24.43 -12.03 2.85
CA GLY F 99 -24.00 -13.40 3.08
C GLY F 99 -22.52 -13.63 3.00
N PHE F 100 -21.71 -12.56 2.99
CA PHE F 100 -20.27 -12.73 2.90
C PHE F 100 -19.50 -11.80 3.82
N GLY F 101 -20.16 -11.21 4.82
CA GLY F 101 -19.49 -10.32 5.75
C GLY F 101 -20.10 -8.93 5.77
N LYS G 13 12.04 32.47 3.74
CA LYS G 13 11.52 32.76 5.07
C LYS G 13 10.06 32.33 5.18
N ALA G 14 9.80 31.35 6.05
CA ALA G 14 8.46 30.81 6.28
C ALA G 14 7.82 30.35 4.99
N LYS G 15 8.48 29.46 4.27
CA LYS G 15 7.95 28.96 3.01
C LYS G 15 6.65 28.20 3.24
N THR G 16 5.64 28.50 2.42
CA THR G 16 4.37 27.80 2.51
C THR G 16 4.52 26.36 2.05
N ARG G 17 3.73 25.47 2.65
CA ARG G 17 3.80 24.06 2.29
C ARG G 17 3.41 23.84 0.83
N SER G 18 2.54 24.69 0.29
CA SER G 18 2.21 24.62 -1.13
C SER G 18 3.43 24.95 -1.98
N SER G 19 4.18 26.00 -1.60
CA SER G 19 5.40 26.34 -2.32
C SER G 19 6.51 25.33 -2.04
N ARG G 20 6.54 24.80 -0.81
CA ARG G 20 7.52 23.78 -0.47
C ARG G 20 7.35 22.52 -1.32
N ALA G 21 6.11 22.20 -1.69
CA ALA G 21 5.83 21.07 -2.55
C ALA G 21 5.71 21.46 -4.03
N GLY G 22 5.86 22.74 -4.35
CA GLY G 22 5.69 23.19 -5.72
C GLY G 22 4.28 23.06 -6.24
N LEU G 23 3.27 23.33 -5.42
CA LEU G 23 1.88 23.22 -5.80
C LEU G 23 1.19 24.57 -5.59
N GLN G 24 0.16 24.83 -6.40
CA GLN G 24 -0.57 26.09 -6.29
C GLN G 24 -1.85 25.97 -5.49
N PHE G 25 -2.45 24.79 -5.38
CA PHE G 25 -3.54 24.62 -4.44
C PHE G 25 -3.02 24.68 -3.00
N PRO G 26 -3.83 25.19 -2.07
CA PRO G 26 -3.36 25.38 -0.69
C PRO G 26 -3.33 24.07 0.07
N VAL G 27 -2.12 23.64 0.46
CA VAL G 27 -1.99 22.44 1.28
C VAL G 27 -2.62 22.67 2.64
N GLY G 28 -2.42 23.85 3.22
CA GLY G 28 -2.97 24.13 4.54
C GLY G 28 -4.48 24.09 4.57
N ARG G 29 -5.13 24.63 3.53
CA ARG G 29 -6.59 24.64 3.49
C ARG G 29 -7.14 23.22 3.33
N VAL G 30 -6.50 22.41 2.48
CA VAL G 30 -6.90 21.02 2.34
C VAL G 30 -6.76 20.30 3.67
N HIS G 31 -5.64 20.55 4.38
CA HIS G 31 -5.43 19.92 5.67
C HIS G 31 -6.52 20.32 6.66
N ARG G 32 -6.85 21.62 6.70
CA ARG G 32 -7.88 22.10 7.62
C ARG G 32 -9.25 21.49 7.30
N LEU G 33 -9.61 21.46 6.02
CA LEU G 33 -10.91 20.92 5.64
C LEU G 33 -10.99 19.43 5.88
N LEU G 34 -9.86 18.72 5.74
CA LEU G 34 -9.87 17.28 6.00
C LEU G 34 -9.90 17.00 7.50
N ARG G 35 -9.28 17.87 8.30
CA ARG G 35 -9.39 17.74 9.75
C ARG G 35 -10.81 17.93 10.22
N LYS G 36 -11.46 19.03 9.80
CA LYS G 36 -12.84 19.26 10.24
C LYS G 36 -13.84 18.48 9.38
N GLY G 37 -13.34 17.66 8.45
CA GLY G 37 -14.20 16.68 7.82
C GLY G 37 -14.51 15.50 8.70
N ASN G 38 -13.75 15.32 9.78
CA ASN G 38 -13.93 14.26 10.78
C ASN G 38 -13.80 12.86 10.21
N TYR G 39 -13.04 12.69 9.12
CA TYR G 39 -12.83 11.36 8.56
C TYR G 39 -11.84 10.55 9.39
N SER G 40 -10.98 11.21 10.16
CA SER G 40 -10.16 10.56 11.16
C SER G 40 -9.80 11.59 12.23
N GLU G 41 -9.45 11.10 13.41
CA GLU G 41 -9.02 12.00 14.47
C GLU G 41 -7.59 12.49 14.25
N ARG G 42 -6.81 11.76 13.45
CA ARG G 42 -5.44 12.14 13.14
C ARG G 42 -5.22 12.20 11.63
N VAL G 43 -4.36 13.11 11.20
CA VAL G 43 -4.11 13.38 9.80
C VAL G 43 -2.60 13.44 9.57
N GLY G 44 -2.13 12.76 8.52
CA GLY G 44 -0.72 12.80 8.18
C GLY G 44 -0.29 14.11 7.54
N ALA G 45 1.02 14.33 7.54
CA ALA G 45 1.56 15.56 6.98
C ALA G 45 1.51 15.56 5.45
N GLY G 46 1.82 14.42 4.83
CA GLY G 46 1.86 14.36 3.38
C GLY G 46 0.51 14.18 2.72
N ALA G 47 -0.52 13.84 3.50
CA ALA G 47 -1.85 13.64 2.92
C ALA G 47 -2.42 14.91 2.29
N PRO G 48 -2.42 16.08 2.96
CA PRO G 48 -2.90 17.29 2.27
C PRO G 48 -2.08 17.64 1.03
N VAL G 49 -0.77 17.43 1.06
CA VAL G 49 0.05 17.70 -0.12
C VAL G 49 -0.38 16.82 -1.29
N TYR G 50 -0.48 15.52 -1.04
CA TYR G 50 -0.84 14.58 -2.10
C TYR G 50 -2.23 14.88 -2.64
N LEU G 51 -3.17 15.15 -1.73
CA LEU G 51 -4.55 15.40 -2.16
C LEU G 51 -4.67 16.70 -2.95
N ALA G 52 -3.99 17.76 -2.49
CA ALA G 52 -3.98 19.01 -3.24
C ALA G 52 -3.36 18.82 -4.62
N ALA G 53 -2.32 17.98 -4.71
CA ALA G 53 -1.74 17.66 -6.01
C ALA G 53 -2.76 16.97 -6.91
N VAL G 54 -3.52 16.02 -6.36
CA VAL G 54 -4.50 15.30 -7.18
C VAL G 54 -5.59 16.24 -7.69
N LEU G 55 -6.12 17.09 -6.81
CA LEU G 55 -7.14 18.05 -7.23
C LEU G 55 -6.59 19.04 -8.26
N GLU G 56 -5.36 19.51 -8.08
CA GLU G 56 -4.76 20.39 -9.08
C GLU G 56 -4.60 19.68 -10.42
N TYR G 57 -4.23 18.41 -10.40
CA TYR G 57 -4.10 17.64 -11.63
C TYR G 57 -5.43 17.57 -12.37
N LEU G 58 -6.49 17.14 -11.67
CA LEU G 58 -7.80 17.06 -12.32
C LEU G 58 -8.24 18.41 -12.87
N THR G 59 -8.12 19.47 -12.04
CA THR G 59 -8.50 20.80 -12.50
C THR G 59 -7.68 21.22 -13.71
N ALA G 60 -6.38 20.90 -13.72
CA ALA G 60 -5.55 21.22 -14.86
C ALA G 60 -6.09 20.58 -16.13
N GLU G 61 -6.10 19.24 -16.19
CA GLU G 61 -6.48 18.60 -17.45
C GLU G 61 -7.88 18.99 -17.90
N ILE G 62 -8.83 19.17 -16.96
CA ILE G 62 -10.13 19.63 -17.41
C ILE G 62 -10.03 21.05 -17.96
N LEU G 63 -9.07 21.85 -17.46
CA LEU G 63 -8.89 23.19 -17.98
C LEU G 63 -8.29 23.20 -19.38
N GLU G 64 -7.27 22.36 -19.65
CA GLU G 64 -6.77 22.30 -21.02
C GLU G 64 -7.86 21.78 -21.97
N LEU G 65 -8.63 20.78 -21.54
CA LEU G 65 -9.69 20.28 -22.43
C LEU G 65 -10.75 21.34 -22.70
N ALA G 66 -11.16 22.09 -21.66
CA ALA G 66 -12.12 23.16 -21.86
C ALA G 66 -11.56 24.27 -22.73
N GLY G 67 -10.29 24.62 -22.56
CA GLY G 67 -9.68 25.63 -23.42
C GLY G 67 -9.58 25.19 -24.86
N ASN G 68 -9.27 23.90 -25.09
CA ASN G 68 -9.25 23.38 -26.44
C ASN G 68 -10.64 23.43 -27.06
N ALA G 69 -11.67 23.08 -26.28
CA ALA G 69 -13.04 23.18 -26.79
C ALA G 69 -13.40 24.62 -27.13
N ALA G 70 -13.01 25.57 -26.27
CA ALA G 70 -13.29 26.97 -26.53
C ALA G 70 -12.58 27.45 -27.79
N ARG G 71 -11.31 27.05 -27.96
CA ARG G 71 -10.57 27.44 -29.16
C ARG G 71 -11.21 26.85 -30.41
N ASP G 72 -11.66 25.59 -30.34
CA ASP G 72 -12.38 24.99 -31.46
C ASP G 72 -13.73 25.64 -31.68
N ASN G 73 -14.27 26.33 -30.67
CA ASN G 73 -15.54 27.05 -30.79
C ASN G 73 -15.35 28.52 -31.09
N LYS G 74 -14.13 28.93 -31.47
CA LYS G 74 -13.80 30.32 -31.79
C LYS G 74 -14.11 31.27 -30.64
N LYS G 75 -13.81 30.85 -29.41
CA LYS G 75 -14.06 31.67 -28.23
C LYS G 75 -12.80 31.71 -27.36
N THR G 76 -12.59 32.84 -26.70
CA THR G 76 -11.45 33.02 -25.81
C THR G 76 -11.81 32.93 -24.34
N ARG G 77 -13.09 32.95 -24.00
CA ARG G 77 -13.56 32.78 -22.63
C ARG G 77 -14.29 31.45 -22.52
N ILE G 78 -13.86 30.62 -21.58
CA ILE G 78 -14.45 29.29 -21.44
C ILE G 78 -15.79 29.41 -20.73
N ILE G 79 -16.81 28.79 -21.32
CA ILE G 79 -18.18 28.83 -20.77
C ILE G 79 -18.55 27.41 -20.34
N PRO G 80 -19.61 27.22 -19.54
CA PRO G 80 -19.97 25.87 -19.12
C PRO G 80 -20.23 24.91 -20.28
N ARG G 81 -20.65 25.43 -21.44
CA ARG G 81 -20.80 24.60 -22.62
C ARG G 81 -19.46 23.97 -23.01
N HIS G 82 -18.38 24.76 -22.94
CA HIS G 82 -17.05 24.22 -23.20
C HIS G 82 -16.66 23.16 -22.18
N LEU G 83 -17.00 23.36 -20.90
CA LEU G 83 -16.70 22.34 -19.90
C LEU G 83 -17.44 21.04 -20.21
N GLN G 84 -18.71 21.13 -20.57
CA GLN G 84 -19.48 19.93 -20.91
C GLN G 84 -18.89 19.24 -22.13
N LEU G 85 -18.54 20.02 -23.16
CA LEU G 85 -17.94 19.44 -24.36
C LEU G 85 -16.63 18.74 -24.02
N ALA G 86 -15.83 19.33 -23.13
CA ALA G 86 -14.55 18.73 -22.76
C ALA G 86 -14.75 17.45 -21.97
N ILE G 87 -15.60 17.48 -20.95
CA ILE G 87 -15.75 16.32 -20.07
C ILE G 87 -16.44 15.17 -20.80
N ARG G 88 -17.42 15.48 -21.65
CA ARG G 88 -18.15 14.41 -22.33
C ARG G 88 -17.35 13.78 -23.45
N ASN G 89 -16.49 14.55 -24.12
CA ASN G 89 -15.69 14.03 -25.23
C ASN G 89 -14.53 13.16 -24.77
N ASP G 90 -14.20 13.17 -23.49
CA ASP G 90 -13.16 12.31 -22.93
C ASP G 90 -13.86 11.20 -22.16
N GLU G 91 -13.78 9.97 -22.69
CA GLU G 91 -14.53 8.85 -22.12
C GLU G 91 -14.10 8.57 -20.69
N GLU G 92 -12.82 8.75 -20.39
CA GLU G 92 -12.34 8.53 -19.03
C GLU G 92 -12.93 9.56 -18.07
N LEU G 93 -12.85 10.84 -18.44
CA LEU G 93 -13.55 11.87 -17.67
C LEU G 93 -15.07 11.71 -17.77
N ASN G 94 -15.54 11.14 -18.88
CA ASN G 94 -16.98 10.91 -19.03
C ASN G 94 -17.51 9.98 -17.95
N LYS G 95 -16.83 8.85 -17.73
CA LYS G 95 -17.27 7.94 -16.69
C LYS G 95 -16.81 8.42 -15.32
N LEU G 96 -15.86 9.36 -15.28
CA LEU G 96 -15.57 10.05 -14.03
C LEU G 96 -16.78 10.86 -13.57
N LEU G 97 -17.44 11.56 -14.50
CA LEU G 97 -18.66 12.30 -14.22
C LEU G 97 -19.89 11.65 -14.89
N GLY G 98 -19.94 10.32 -14.92
CA GLY G 98 -21.04 9.65 -15.58
C GLY G 98 -22.38 9.84 -14.89
N ARG G 99 -22.34 10.22 -13.62
CA ARG G 99 -23.57 10.40 -12.83
C ARG G 99 -23.63 11.81 -12.24
N VAL G 100 -23.04 12.78 -12.94
CA VAL G 100 -22.98 14.16 -12.50
C VAL G 100 -23.53 15.05 -13.60
N THR G 101 -24.37 16.01 -13.22
CA THR G 101 -24.98 16.95 -14.15
C THR G 101 -24.27 18.30 -14.04
N ILE G 102 -23.95 18.89 -15.19
CA ILE G 102 -23.26 20.17 -15.24
C ILE G 102 -24.29 21.24 -15.61
N ALA G 103 -24.25 22.38 -14.92
CA ALA G 103 -25.17 23.46 -15.20
C ALA G 103 -24.78 24.19 -16.48
N GLN G 104 -25.79 24.48 -17.31
CA GLN G 104 -25.60 25.20 -18.57
C GLN G 104 -24.58 24.52 -19.48
N GLY G 105 -24.61 23.20 -19.52
CA GLY G 105 -23.66 22.44 -20.33
C GLY G 105 -24.24 21.88 -21.59
N GLY G 106 -25.51 21.51 -21.56
CA GLY G 106 -26.12 20.89 -22.73
C GLY G 106 -25.64 19.47 -22.94
N VAL G 107 -25.82 18.99 -24.17
CA VAL G 107 -25.44 17.63 -24.56
C VAL G 107 -24.61 17.71 -25.83
N LEU G 108 -23.86 16.63 -26.09
CA LEU G 108 -23.06 16.52 -27.29
C LEU G 108 -23.96 16.45 -28.53
N PRO G 109 -23.54 17.07 -29.63
CA PRO G 109 -24.30 16.93 -30.88
C PRO G 109 -24.26 15.48 -31.36
N ASN G 110 -25.40 14.81 -31.29
CA ASN G 110 -25.49 13.40 -31.67
C ASN G 110 -26.80 13.11 -32.38
N ILE G 111 -26.72 12.72 -33.66
CA ILE G 111 -27.89 12.35 -34.44
C ILE G 111 -27.86 10.86 -34.70
N GLN G 112 -29.01 10.23 -34.54
CA GLN G 112 -29.10 8.78 -34.64
C GLN G 112 -29.12 8.35 -36.11
N ALA G 113 -28.63 7.13 -36.35
CA ALA G 113 -28.46 6.64 -37.71
C ALA G 113 -29.81 6.45 -38.39
N VAL G 114 -30.76 5.78 -37.73
CA VAL G 114 -32.05 5.51 -38.34
C VAL G 114 -32.85 6.80 -38.51
N LEU G 115 -32.67 7.76 -37.59
CA LEU G 115 -33.35 9.05 -37.71
C LEU G 115 -32.85 9.85 -38.90
N LEU G 116 -31.65 9.56 -39.40
CA LEU G 116 -31.14 10.27 -40.56
C LEU G 116 -31.97 9.93 -41.80
N PRO G 117 -32.10 10.88 -42.72
CA PRO G 117 -32.83 10.61 -43.97
C PRO G 117 -32.06 9.63 -44.86
N LYS G 118 -32.76 9.15 -45.89
CA LYS G 118 -32.26 8.18 -46.85
C LYS G 118 -31.37 7.10 -46.24
N LYS H 30 -22.32 43.61 8.69
CA LYS H 30 -21.43 42.51 9.04
C LYS H 30 -20.88 41.82 7.80
N ARG H 31 -19.60 41.44 7.84
CA ARG H 31 -18.93 40.77 6.73
C ARG H 31 -18.64 39.34 7.14
N SER H 32 -19.32 38.39 6.50
CA SER H 32 -19.13 36.97 6.75
C SER H 32 -18.43 36.37 5.54
N ARG H 33 -17.16 35.98 5.73
CA ARG H 33 -16.38 35.43 4.64
C ARG H 33 -16.75 33.99 4.36
N LYS H 34 -16.78 33.63 3.08
CA LYS H 34 -17.02 32.26 2.64
C LYS H 34 -15.81 31.76 1.87
N GLU H 35 -15.37 30.54 2.18
CA GLU H 35 -14.12 30.03 1.65
C GLU H 35 -14.38 29.26 0.35
N SER H 36 -13.38 29.26 -0.53
CA SER H 36 -13.46 28.60 -1.82
C SER H 36 -12.09 28.42 -2.45
N TYR H 37 -11.93 27.42 -3.31
CA TYR H 37 -10.67 27.19 -4.01
C TYR H 37 -10.60 28.00 -5.29
N SER H 38 -11.38 29.09 -5.36
CA SER H 38 -11.55 29.81 -6.62
C SER H 38 -10.24 30.41 -7.13
N ILE H 39 -9.54 31.16 -6.27
CA ILE H 39 -8.37 31.90 -6.73
C ILE H 39 -7.27 30.94 -7.17
N TYR H 40 -7.12 29.82 -6.48
CA TYR H 40 -6.13 28.83 -6.87
C TYR H 40 -6.45 28.24 -8.24
N VAL H 41 -7.73 27.97 -8.50
CA VAL H 41 -8.14 27.53 -9.83
C VAL H 41 -7.81 28.61 -10.86
N TYR H 42 -7.91 29.88 -10.46
CA TYR H 42 -7.55 30.95 -11.38
C TYR H 42 -6.06 30.92 -11.73
N LYS H 43 -5.20 30.72 -10.72
CA LYS H 43 -3.77 30.58 -11.04
C LYS H 43 -3.52 29.33 -11.89
N VAL H 44 -4.28 28.25 -11.65
CA VAL H 44 -4.12 27.06 -12.46
C VAL H 44 -4.46 27.36 -13.92
N LEU H 45 -5.56 28.10 -14.14
CA LEU H 45 -5.94 28.50 -15.50
C LEU H 45 -4.85 29.38 -16.13
N LYS H 46 -4.30 30.32 -15.36
CA LYS H 46 -3.25 31.18 -15.88
C LYS H 46 -2.02 30.35 -16.28
N GLN H 47 -1.66 29.36 -15.47
CA GLN H 47 -0.54 28.50 -15.80
C GLN H 47 -0.82 27.68 -17.05
N VAL H 48 -2.06 27.20 -17.21
CA VAL H 48 -2.39 26.39 -18.38
C VAL H 48 -2.82 27.25 -19.57
N HIS H 49 -3.37 28.44 -19.33
CA HIS H 49 -3.85 29.33 -20.39
C HIS H 49 -3.75 30.77 -19.91
N PRO H 50 -2.62 31.45 -20.16
CA PRO H 50 -2.44 32.81 -19.65
C PRO H 50 -3.48 33.80 -20.15
N ASP H 51 -3.95 33.62 -21.39
CA ASP H 51 -4.87 34.57 -22.02
C ASP H 51 -6.31 34.09 -22.04
N THR H 52 -6.73 33.31 -21.05
CA THR H 52 -8.07 32.77 -20.97
C THR H 52 -8.68 33.07 -19.60
N GLY H 53 -9.99 33.34 -19.59
CA GLY H 53 -10.71 33.60 -18.37
C GLY H 53 -11.87 32.64 -18.16
N ILE H 54 -12.52 32.78 -17.00
CA ILE H 54 -13.64 31.93 -16.64
C ILE H 54 -14.80 32.79 -16.15
N SER H 55 -16.01 32.52 -16.66
CA SER H 55 -17.19 33.23 -16.19
C SER H 55 -17.61 32.73 -14.82
N SER H 56 -18.44 33.53 -14.14
CA SER H 56 -18.80 33.24 -12.75
C SER H 56 -19.57 31.92 -12.63
N LYS H 57 -20.48 31.66 -13.57
CA LYS H 57 -21.23 30.41 -13.53
C LYS H 57 -20.31 29.21 -13.73
N ALA H 58 -19.48 29.24 -14.78
CA ALA H 58 -18.52 28.17 -15.00
C ALA H 58 -17.52 28.09 -13.85
N MET H 59 -17.24 29.22 -13.20
CA MET H 59 -16.26 29.18 -12.11
C MET H 59 -16.87 28.48 -10.90
N GLY H 60 -18.15 28.71 -10.63
CA GLY H 60 -18.85 27.95 -9.62
C GLY H 60 -18.94 26.48 -9.97
N ILE H 61 -19.07 26.17 -11.27
CA ILE H 61 -19.01 24.78 -11.72
C ILE H 61 -17.66 24.17 -11.34
N MET H 62 -16.58 24.92 -11.58
CA MET H 62 -15.24 24.45 -11.22
C MET H 62 -15.13 24.22 -9.72
N ASN H 63 -15.67 25.14 -8.93
CA ASN H 63 -15.62 25.01 -7.47
C ASN H 63 -16.40 23.77 -7.01
N SER H 64 -17.58 23.55 -7.59
CA SER H 64 -18.37 22.39 -7.22
C SER H 64 -17.65 21.09 -7.60
N PHE H 65 -17.03 21.07 -8.78
CA PHE H 65 -16.29 19.89 -9.21
C PHE H 65 -15.11 19.60 -8.28
N VAL H 66 -14.34 20.62 -7.93
CA VAL H 66 -13.16 20.40 -7.11
C VAL H 66 -13.57 19.99 -5.70
N ASN H 67 -14.66 20.57 -5.18
CA ASN H 67 -15.18 20.15 -3.88
C ASN H 67 -15.65 18.70 -3.91
N ASP H 68 -16.33 18.32 -4.99
CA ASP H 68 -16.81 16.94 -5.11
C ASP H 68 -15.65 15.95 -5.14
N ILE H 69 -14.61 16.26 -5.93
CA ILE H 69 -13.46 15.37 -5.99
C ILE H 69 -12.78 15.27 -4.63
N PHE H 70 -12.61 16.42 -3.96
CA PHE H 70 -12.04 16.43 -2.60
C PHE H 70 -12.82 15.51 -1.68
N GLU H 71 -14.15 15.67 -1.63
CA GLU H 71 -14.96 14.90 -0.70
C GLU H 71 -14.90 13.42 -1.03
N ARG H 72 -14.99 13.06 -2.31
CA ARG H 72 -14.97 11.65 -2.68
C ARG H 72 -13.64 11.00 -2.30
N ILE H 73 -12.52 11.66 -2.62
CA ILE H 73 -11.23 11.06 -2.34
C ILE H 73 -11.00 10.93 -0.84
N ALA H 74 -11.35 11.97 -0.08
CA ALA H 74 -11.17 11.91 1.37
C ALA H 74 -12.06 10.84 2.00
N GLY H 75 -13.31 10.74 1.54
CA GLY H 75 -14.19 9.71 2.05
C GLY H 75 -13.70 8.32 1.74
N GLU H 76 -13.20 8.10 0.52
CA GLU H 76 -12.64 6.80 0.16
C GLU H 76 -11.40 6.50 0.98
N ALA H 77 -10.59 7.51 1.28
CA ALA H 77 -9.42 7.31 2.13
C ALA H 77 -9.83 6.87 3.53
N SER H 78 -10.84 7.51 4.09
CA SER H 78 -11.36 7.08 5.40
C SER H 78 -11.93 5.67 5.32
N ARG H 79 -12.55 5.34 4.18
CA ARG H 79 -13.12 4.01 3.98
C ARG H 79 -12.02 2.95 4.03
N LEU H 80 -10.92 3.18 3.30
CA LEU H 80 -9.77 2.29 3.36
C LEU H 80 -9.17 2.23 4.76
N ALA H 81 -9.07 3.38 5.44
CA ALA H 81 -8.52 3.40 6.79
C ALA H 81 -9.34 2.55 7.75
N HIS H 82 -10.67 2.62 7.63
CA HIS H 82 -11.53 1.78 8.44
C HIS H 82 -11.37 0.31 8.07
N TYR H 83 -11.30 0.00 6.77
CA TYR H 83 -11.20 -1.38 6.32
C TYR H 83 -9.91 -2.06 6.79
N ASN H 84 -8.79 -1.36 6.68
CA ASN H 84 -7.50 -1.95 7.07
C ASN H 84 -7.13 -1.65 8.51
N LYS H 85 -8.10 -1.21 9.32
CA LYS H 85 -7.94 -1.09 10.78
C LYS H 85 -6.81 -0.11 11.13
N ARG H 86 -6.73 0.97 10.34
CA ARG H 86 -5.72 2.00 10.53
C ARG H 86 -6.41 3.28 10.98
N SER H 87 -5.89 3.89 12.06
CA SER H 87 -6.53 5.04 12.69
C SER H 87 -5.97 6.38 12.21
N THR H 88 -5.00 6.38 11.32
CA THR H 88 -4.32 7.60 10.89
C THR H 88 -4.42 7.73 9.38
N ILE H 89 -4.78 8.93 8.89
CA ILE H 89 -4.83 9.18 7.46
C ILE H 89 -3.48 9.73 7.02
N THR H 90 -2.85 9.05 6.06
CA THR H 90 -1.61 9.47 5.43
C THR H 90 -1.76 9.44 3.90
N SER H 91 -0.61 9.55 3.21
CA SER H 91 -0.63 9.66 1.75
C SER H 91 -0.90 8.32 1.07
N ARG H 92 -0.62 7.20 1.73
CA ARG H 92 -0.71 5.90 1.07
C ARG H 92 -2.14 5.56 0.68
N GLU H 93 -3.07 5.70 1.63
CA GLU H 93 -4.46 5.36 1.35
C GLU H 93 -5.16 6.38 0.46
N ILE H 94 -4.77 7.66 0.52
CA ILE H 94 -5.35 8.59 -0.46
C ILE H 94 -4.83 8.26 -1.86
N GLN H 95 -3.58 7.81 -1.96
CA GLN H 95 -3.07 7.27 -3.23
C GLN H 95 -3.91 6.07 -3.69
N THR H 96 -4.22 5.17 -2.76
CA THR H 96 -5.05 4.02 -3.11
C THR H 96 -6.42 4.46 -3.60
N ALA H 97 -7.01 5.46 -2.96
CA ALA H 97 -8.30 5.99 -3.40
C ALA H 97 -8.19 6.61 -4.79
N VAL H 98 -7.05 7.23 -5.09
CA VAL H 98 -6.82 7.72 -6.44
C VAL H 98 -6.85 6.57 -7.45
N ARG H 99 -6.22 5.45 -7.10
CA ARG H 99 -6.25 4.30 -7.99
C ARG H 99 -7.67 3.76 -8.17
N LEU H 100 -8.41 3.63 -7.07
CA LEU H 100 -9.75 3.04 -7.13
C LEU H 100 -10.74 3.94 -7.87
N LEU H 101 -10.70 5.24 -7.60
CA LEU H 101 -11.76 6.15 -8.03
C LEU H 101 -11.48 6.82 -9.37
N LEU H 102 -10.23 7.16 -9.66
CA LEU H 102 -9.94 7.90 -10.88
C LEU H 102 -9.62 6.95 -12.01
N PRO H 103 -9.93 7.32 -13.26
CA PRO H 103 -9.71 6.42 -14.38
C PRO H 103 -8.24 6.08 -14.58
N GLY H 104 -7.99 4.99 -15.30
CA GLY H 104 -6.66 4.42 -15.46
C GLY H 104 -5.54 5.40 -15.72
N GLU H 105 -5.56 6.07 -16.87
CA GLU H 105 -4.54 7.07 -17.17
C GLU H 105 -4.58 8.20 -16.15
N LEU H 106 -5.78 8.68 -15.82
CA LEU H 106 -5.92 9.73 -14.82
C LEU H 106 -5.33 9.29 -13.49
N ALA H 107 -5.64 8.07 -13.06
CA ALA H 107 -5.13 7.57 -11.78
C ALA H 107 -3.62 7.45 -11.79
N LYS H 108 -3.06 6.91 -12.88
CA LYS H 108 -1.61 6.71 -12.95
C LYS H 108 -0.87 8.06 -12.91
N HIS H 109 -1.27 8.99 -13.76
CA HIS H 109 -0.60 10.29 -13.78
C HIS H 109 -0.84 11.02 -12.46
N ALA H 110 -1.99 10.81 -11.83
CA ALA H 110 -2.29 11.43 -10.55
C ALA H 110 -1.35 10.92 -9.45
N VAL H 111 -1.16 9.60 -9.40
CA VAL H 111 -0.15 9.04 -8.50
C VAL H 111 1.21 9.63 -8.81
N SER H 112 1.47 9.93 -10.09
CA SER H 112 2.74 10.55 -10.46
C SER H 112 2.94 11.89 -9.77
N GLU H 113 1.99 12.83 -9.91
CA GLU H 113 2.28 14.14 -9.30
C GLU H 113 2.21 14.02 -7.79
N GLY H 114 1.43 13.06 -7.28
CA GLY H 114 1.34 12.90 -5.83
C GLY H 114 2.66 12.49 -5.23
N THR H 115 3.30 11.48 -5.83
CA THR H 115 4.63 11.08 -5.38
C THR H 115 5.64 12.21 -5.56
N LYS H 116 5.58 12.91 -6.71
CA LYS H 116 6.50 14.02 -6.93
C LYS H 116 6.34 15.08 -5.84
N ALA H 117 5.10 15.41 -5.50
CA ALA H 117 4.84 16.47 -4.53
C ALA H 117 5.24 16.05 -3.12
N VAL H 118 4.96 14.80 -2.73
CA VAL H 118 5.31 14.38 -1.38
C VAL H 118 6.83 14.30 -1.23
N THR H 119 7.53 13.87 -2.28
CA THR H 119 8.98 13.86 -2.23
C THR H 119 9.55 15.28 -2.20
N LYS H 120 8.97 16.18 -2.98
CA LYS H 120 9.46 17.56 -3.01
C LYS H 120 9.24 18.24 -1.66
N TYR H 121 8.08 18.03 -1.03
CA TYR H 121 7.84 18.59 0.29
C TYR H 121 8.72 17.94 1.36
N THR H 122 8.97 16.64 1.24
CA THR H 122 9.84 15.94 2.19
C THR H 122 11.26 16.49 2.12
N SER H 123 11.74 16.76 0.91
CA SER H 123 13.09 17.26 0.73
C SER H 123 13.16 18.77 0.92
N ALA H 124 12.00 19.40 1.12
CA ALA H 124 11.95 20.84 1.32
C ALA H 124 12.39 21.22 2.74
N PRO K 11 38.69 -49.05 15.17
CA PRO K 11 37.50 -48.44 14.56
C PRO K 11 36.25 -48.62 15.42
N GLU K 12 36.20 -49.71 16.19
CA GLU K 12 35.05 -49.97 17.06
C GLU K 12 34.89 -48.92 18.15
N GLU K 13 36.00 -48.46 18.74
CA GLU K 13 35.92 -47.34 19.67
C GLU K 13 35.44 -46.07 18.95
N LEU K 14 35.93 -45.84 17.73
CA LEU K 14 35.43 -44.73 16.93
C LEU K 14 33.95 -44.93 16.58
N ARG K 15 33.54 -46.19 16.37
CA ARG K 15 32.14 -46.49 16.15
C ARG K 15 31.31 -46.06 17.36
N GLN K 16 31.77 -46.42 18.56
CA GLN K 16 31.06 -46.02 19.78
C GLN K 16 31.03 -44.51 19.91
N ALA K 17 32.11 -43.84 19.53
CA ALA K 17 32.18 -42.39 19.65
C ALA K 17 31.19 -41.70 18.71
N LEU K 18 31.10 -42.16 17.46
CA LEU K 18 30.35 -41.43 16.45
C LEU K 18 28.93 -41.94 16.22
N MET K 19 28.60 -43.15 16.63
CA MET K 19 27.28 -43.72 16.36
C MET K 19 26.12 -42.93 16.97
N PRO K 20 26.20 -42.40 18.22
CA PRO K 20 25.05 -41.65 18.76
C PRO K 20 24.61 -40.49 17.89
N THR K 21 25.55 -39.76 17.28
CA THR K 21 25.18 -38.62 16.47
C THR K 21 24.44 -39.05 15.20
N LEU K 22 24.94 -40.09 14.53
CA LEU K 22 24.27 -40.60 13.33
C LEU K 22 22.90 -41.17 13.67
N GLU K 23 22.79 -41.85 14.81
CA GLU K 23 21.49 -42.37 15.24
C GLU K 23 20.52 -41.24 15.55
N ALA K 24 20.99 -40.17 16.18
CA ALA K 24 20.13 -39.01 16.43
C ALA K 24 19.68 -38.38 15.12
N LEU K 25 20.58 -38.33 14.13
CA LEU K 25 20.18 -37.86 12.81
C LEU K 25 19.10 -38.77 12.22
N TYR K 26 19.25 -40.08 12.41
CA TYR K 26 18.23 -41.02 11.93
C TYR K 26 16.88 -40.80 12.60
N ARG K 27 16.89 -40.50 13.90
CA ARG K 27 15.64 -40.36 14.65
C ARG K 27 14.79 -39.21 14.13
N GLN K 28 15.40 -38.25 13.45
CA GLN K 28 14.64 -37.14 12.89
C GLN K 28 13.70 -37.63 11.80
N ASP K 29 12.39 -37.57 12.07
CA ASP K 29 11.37 -38.05 11.15
C ASP K 29 10.40 -36.93 10.86
N PRO K 30 10.00 -36.70 9.61
CA PRO K 30 10.52 -37.43 8.44
C PRO K 30 11.74 -36.73 7.82
N GLU K 31 12.58 -36.12 8.65
CA GLU K 31 13.72 -35.38 8.13
C GLU K 31 14.71 -36.30 7.41
N SER K 32 15.00 -37.46 8.00
CA SER K 32 16.02 -38.34 7.46
C SER K 32 15.50 -39.31 6.40
N LEU K 33 14.19 -39.39 6.20
CA LEU K 33 13.62 -40.36 5.27
C LEU K 33 14.18 -40.27 3.85
N PRO K 34 14.29 -39.10 3.21
CA PRO K 34 14.85 -39.08 1.85
C PRO K 34 16.31 -39.51 1.79
N PHE K 35 17.04 -39.46 2.91
CA PHE K 35 18.46 -39.77 2.92
C PHE K 35 18.79 -41.15 3.48
N ARG K 36 17.78 -41.92 3.88
CA ARG K 36 18.04 -43.22 4.49
C ARG K 36 18.43 -44.29 3.47
N GLN K 37 18.00 -44.17 2.22
CA GLN K 37 18.26 -45.18 1.21
C GLN K 37 18.91 -44.51 0.01
N PRO K 38 19.77 -45.23 -0.71
CA PRO K 38 20.48 -44.63 -1.84
C PRO K 38 19.54 -44.13 -2.93
N VAL K 39 19.63 -42.83 -3.23
CA VAL K 39 18.77 -42.24 -4.26
C VAL K 39 19.17 -42.77 -5.63
N ASP K 40 18.18 -43.18 -6.42
CA ASP K 40 18.41 -43.65 -7.77
C ASP K 40 17.68 -42.74 -8.73
N PRO K 41 18.35 -42.23 -9.77
CA PRO K 41 17.71 -41.28 -10.69
C PRO K 41 16.48 -41.84 -11.38
N GLN K 42 16.55 -43.11 -11.82
CA GLN K 42 15.43 -43.73 -12.52
C GLN K 42 14.26 -43.97 -11.58
N LEU K 43 14.55 -44.43 -10.36
CA LEU K 43 13.49 -44.75 -9.41
C LEU K 43 12.78 -43.49 -8.93
N LEU K 44 13.54 -42.43 -8.61
CA LEU K 44 12.95 -41.21 -8.11
C LEU K 44 12.33 -40.35 -9.21
N GLY K 45 12.67 -40.60 -10.47
CA GLY K 45 12.15 -39.82 -11.56
C GLY K 45 12.96 -38.61 -11.95
N ILE K 46 14.15 -38.45 -11.37
CA ILE K 46 15.02 -37.32 -11.70
C ILE K 46 16.33 -37.85 -12.31
N PRO K 47 16.40 -37.96 -13.64
CA PRO K 47 17.58 -38.57 -14.26
C PRO K 47 18.86 -37.75 -14.14
N ASP K 48 18.76 -36.46 -13.87
CA ASP K 48 19.93 -35.59 -13.89
C ASP K 48 20.59 -35.45 -12.50
N TYR K 49 20.43 -36.43 -11.63
CA TYR K 49 21.04 -36.36 -10.31
C TYR K 49 22.53 -36.71 -10.37
N PHE K 50 22.86 -37.89 -10.88
CA PHE K 50 24.23 -38.37 -10.91
C PHE K 50 25.02 -37.86 -12.10
N ASP K 51 24.39 -37.07 -12.97
CA ASP K 51 25.08 -36.44 -14.08
C ASP K 51 25.68 -35.09 -13.68
N ILE K 52 25.35 -34.57 -12.51
CA ILE K 52 25.91 -33.32 -12.02
C ILE K 52 26.90 -33.56 -10.89
N VAL K 53 26.55 -34.40 -9.93
CA VAL K 53 27.42 -34.74 -8.81
C VAL K 53 28.16 -36.04 -9.15
N LYS K 54 29.45 -36.08 -8.85
CA LYS K 54 30.29 -37.22 -9.20
C LYS K 54 30.46 -38.21 -8.06
N SER K 55 29.87 -37.97 -6.89
CA SER K 55 30.04 -38.84 -5.74
C SER K 55 28.67 -39.19 -5.14
N PRO K 56 28.15 -40.39 -5.46
CA PRO K 56 26.86 -40.79 -4.88
C PRO K 56 27.00 -41.48 -3.54
N MET K 57 26.25 -41.01 -2.54
CA MET K 57 26.25 -41.63 -1.22
C MET K 57 25.02 -41.15 -0.45
N ASP K 58 24.84 -41.71 0.74
CA ASP K 58 23.75 -41.33 1.63
C ASP K 58 24.14 -41.71 3.05
N LEU K 59 23.14 -41.71 3.93
CA LEU K 59 23.37 -42.08 5.33
C LEU K 59 23.80 -43.54 5.45
N SER K 60 23.19 -44.42 4.64
CA SER K 60 23.51 -45.84 4.71
C SER K 60 24.95 -46.12 4.33
N THR K 61 25.50 -45.32 3.41
CA THR K 61 26.90 -45.48 3.04
C THR K 61 27.81 -45.28 4.25
N ILE K 62 27.59 -44.21 5.02
CA ILE K 62 28.41 -43.99 6.20
C ILE K 62 28.10 -45.02 7.28
N LYS K 63 26.85 -45.47 7.36
CA LYS K 63 26.52 -46.52 8.33
C LYS K 63 27.33 -47.78 8.07
N ARG K 64 27.39 -48.22 6.81
CA ARG K 64 28.16 -49.42 6.50
C ARG K 64 29.66 -49.16 6.56
N LYS K 65 30.09 -47.93 6.26
CA LYS K 65 31.50 -47.59 6.41
C LYS K 65 31.94 -47.66 7.86
N LEU K 66 31.11 -47.17 8.78
CA LEU K 66 31.38 -47.31 10.21
C LEU K 66 31.37 -48.77 10.62
N ASP K 67 30.36 -49.53 10.19
CA ASP K 67 30.24 -50.92 10.61
C ASP K 67 31.42 -51.76 10.15
N THR K 68 31.87 -51.55 8.91
CA THR K 68 33.06 -52.25 8.42
C THR K 68 34.30 -51.78 9.17
N GLY K 69 34.42 -50.48 9.41
CA GLY K 69 35.53 -49.95 10.18
C GLY K 69 36.72 -49.50 9.36
N GLN K 70 36.46 -48.68 8.33
CA GLN K 70 37.53 -48.15 7.49
C GLN K 70 37.77 -46.65 7.71
N TYR K 71 37.09 -46.03 8.67
CA TYR K 71 37.32 -44.64 9.03
C TYR K 71 38.58 -44.54 9.88
N GLN K 72 39.68 -44.07 9.27
CA GLN K 72 40.91 -43.86 10.01
C GLN K 72 40.82 -42.62 10.89
N GLU K 73 40.10 -41.59 10.43
CA GLU K 73 39.95 -40.34 11.15
C GLU K 73 38.49 -39.93 11.17
N PRO K 74 38.01 -39.34 12.27
CA PRO K 74 36.62 -38.83 12.30
C PRO K 74 36.36 -37.72 11.30
N TRP K 75 37.41 -37.03 10.84
CA TRP K 75 37.21 -35.95 9.90
C TRP K 75 36.71 -36.46 8.55
N GLN K 76 37.04 -37.68 8.17
CA GLN K 76 36.43 -38.28 6.97
C GLN K 76 34.93 -38.42 7.16
N TYR K 77 34.51 -38.85 8.35
CA TYR K 77 33.09 -38.97 8.65
C TYR K 77 32.39 -37.61 8.57
N VAL K 78 32.99 -36.59 9.18
CA VAL K 78 32.40 -35.25 9.18
C VAL K 78 32.35 -34.70 7.76
N ASP K 79 33.43 -34.91 6.99
CA ASP K 79 33.47 -34.41 5.62
C ASP K 79 32.42 -35.08 4.75
N ASP K 80 32.24 -36.40 4.92
CA ASP K 80 31.21 -37.09 4.15
C ASP K 80 29.82 -36.60 4.50
N ILE K 81 29.56 -36.33 5.79
CA ILE K 81 28.24 -35.82 6.17
C ILE K 81 28.00 -34.44 5.57
N TRP K 82 28.97 -33.53 5.72
CA TRP K 82 28.81 -32.20 5.15
C TRP K 82 28.75 -32.27 3.63
N LEU K 83 29.35 -33.30 3.03
CA LEU K 83 29.35 -33.42 1.58
C LEU K 83 27.99 -33.86 1.06
N MET K 84 27.32 -34.79 1.77
CA MET K 84 25.95 -35.08 1.35
C MET K 84 25.06 -33.88 1.58
N PHE K 85 25.30 -33.12 2.66
CA PHE K 85 24.53 -31.88 2.83
C PHE K 85 24.72 -30.94 1.66
N ASN K 86 25.97 -30.76 1.23
CA ASN K 86 26.30 -29.84 0.15
C ASN K 86 25.66 -30.27 -1.16
N ASN K 87 25.81 -31.55 -1.53
CA ASN K 87 25.22 -32.01 -2.78
C ASN K 87 23.71 -32.13 -2.69
N ALA K 88 23.14 -32.19 -1.48
CA ALA K 88 21.70 -32.15 -1.32
C ALA K 88 21.17 -30.74 -1.58
N TRP K 89 21.81 -29.73 -1.00
CA TRP K 89 21.37 -28.35 -1.25
C TRP K 89 21.64 -27.94 -2.70
N LEU K 90 22.71 -28.48 -3.28
CA LEU K 90 23.08 -28.09 -4.65
C LEU K 90 22.04 -28.52 -5.66
N TYR K 91 21.65 -29.79 -5.62
CA TYR K 91 20.63 -30.31 -6.55
C TYR K 91 19.23 -30.26 -5.93
N ASN K 92 18.85 -29.09 -5.44
CA ASN K 92 17.54 -28.91 -4.83
C ASN K 92 17.16 -27.43 -4.89
N ARG K 93 15.87 -27.16 -5.01
CA ARG K 93 15.38 -25.79 -4.92
C ARG K 93 15.18 -25.43 -3.45
N LYS K 94 15.41 -24.15 -3.12
CA LYS K 94 15.33 -23.71 -1.73
C LYS K 94 13.93 -23.86 -1.15
N THR K 95 12.92 -23.80 -2.02
CA THR K 95 11.53 -23.95 -1.57
C THR K 95 11.14 -25.40 -1.35
N SER K 96 12.02 -26.36 -1.67
CA SER K 96 11.67 -27.76 -1.56
C SER K 96 11.70 -28.24 -0.11
N ARG K 97 11.08 -29.39 0.11
CA ARG K 97 10.98 -29.99 1.45
C ARG K 97 12.31 -30.61 1.88
N VAL K 98 12.99 -31.27 0.94
CA VAL K 98 14.26 -31.91 1.27
C VAL K 98 15.31 -30.86 1.64
N TYR K 99 15.16 -29.63 1.12
CA TYR K 99 16.09 -28.56 1.49
C TYR K 99 16.02 -28.23 2.97
N LYS K 100 14.80 -28.02 3.49
CA LYS K 100 14.66 -27.69 4.90
C LYS K 100 14.96 -28.92 5.77
N TYR K 101 14.66 -30.12 5.28
CA TYR K 101 15.08 -31.31 6.00
C TYR K 101 16.59 -31.39 6.12
N CYS K 102 17.31 -31.08 5.02
CA CYS K 102 18.76 -31.06 5.04
C CYS K 102 19.30 -30.01 6.00
N SER K 103 18.70 -28.83 6.03
CA SER K 103 19.10 -27.80 6.98
C SER K 103 18.90 -28.24 8.43
N LYS K 104 17.75 -28.83 8.73
CA LYS K 104 17.50 -29.31 10.09
C LYS K 104 18.46 -30.44 10.48
N LEU K 105 18.72 -31.36 9.56
CA LEU K 105 19.67 -32.43 9.84
C LEU K 105 21.06 -31.88 10.06
N SER K 106 21.46 -30.86 9.29
CA SER K 106 22.76 -30.23 9.51
C SER K 106 22.84 -29.59 10.89
N GLU K 107 21.78 -28.87 11.30
CA GLU K 107 21.78 -28.25 12.62
C GLU K 107 21.89 -29.31 13.73
N VAL K 108 21.11 -30.39 13.59
CA VAL K 108 21.16 -31.47 14.59
C VAL K 108 22.55 -32.08 14.62
N PHE K 109 23.14 -32.31 13.45
CA PHE K 109 24.50 -32.85 13.38
C PHE K 109 25.48 -31.97 14.13
N GLU K 110 25.43 -30.66 13.89
CA GLU K 110 26.36 -29.75 14.56
C GLU K 110 26.18 -29.80 16.06
N GLN K 111 24.94 -29.64 16.53
CA GLN K 111 24.73 -29.52 17.98
C GLN K 111 25.01 -30.83 18.68
N GLU K 112 24.93 -31.95 17.96
CA GLU K 112 25.22 -33.24 18.58
C GLU K 112 26.71 -33.57 18.52
N ILE K 113 27.41 -33.15 17.47
CA ILE K 113 28.79 -33.61 17.29
C ILE K 113 29.77 -32.68 17.97
N ASP K 114 29.40 -31.42 18.20
CA ASP K 114 30.36 -30.50 18.80
C ASP K 114 30.89 -30.99 20.16
N PRO K 115 30.06 -31.33 21.15
CA PRO K 115 30.65 -31.85 22.41
C PRO K 115 31.21 -33.25 22.26
N VAL K 116 30.59 -34.09 21.43
CA VAL K 116 31.11 -35.45 21.23
C VAL K 116 32.47 -35.41 20.56
N MET K 117 32.63 -34.57 19.53
CA MET K 117 33.93 -34.43 18.88
C MET K 117 34.93 -33.77 19.83
N GLN K 118 34.45 -32.86 20.68
CA GLN K 118 35.31 -32.28 21.72
C GLN K 118 35.85 -33.35 22.65
N SER K 119 35.02 -34.37 22.94
CA SER K 119 35.43 -35.42 23.87
C SER K 119 36.63 -36.20 23.33
N LEU K 120 36.67 -36.45 22.02
CA LEU K 120 37.73 -37.25 21.43
C LEU K 120 39.08 -36.54 21.40
N GLY K 121 39.13 -35.25 21.71
CA GLY K 121 40.37 -34.51 21.77
C GLY K 121 40.45 -33.31 20.86
N TYR K 122 39.77 -33.34 19.72
CA TYR K 122 39.72 -32.16 18.85
C TYR K 122 38.95 -31.04 19.52
N CYS K 123 39.38 -29.79 19.25
CA CYS K 123 38.66 -28.64 19.78
C CYS K 123 37.23 -28.59 19.25
N CYS K 124 37.05 -28.82 17.95
CA CYS K 124 35.74 -28.81 17.35
C CYS K 124 35.65 -29.79 16.18
N GLY K 125 34.47 -29.90 15.57
CA GLY K 125 34.27 -30.82 14.46
C GLY K 125 33.48 -30.22 13.32
N ARG K 126 33.65 -28.93 13.07
CA ARG K 126 32.91 -28.22 12.04
C ARG K 126 33.73 -28.12 10.77
N LYS K 127 33.12 -28.50 9.65
CA LYS K 127 33.73 -28.28 8.34
C LYS K 127 33.43 -26.84 7.91
N LEU K 128 34.39 -25.95 8.10
CA LEU K 128 34.18 -24.53 7.92
C LEU K 128 34.96 -24.03 6.71
N GLU K 129 34.35 -23.11 5.96
CA GLU K 129 34.98 -22.48 4.81
C GLU K 129 34.92 -20.97 4.99
N PHE K 130 35.90 -20.29 4.41
CA PHE K 130 36.00 -18.84 4.54
C PHE K 130 34.97 -18.17 3.62
N SER K 131 34.89 -16.85 3.70
CA SER K 131 34.02 -16.08 2.83
C SER K 131 34.54 -16.12 1.40
N PRO K 132 33.66 -15.88 0.41
CA PRO K 132 34.14 -15.84 -0.98
C PRO K 132 35.19 -14.76 -1.18
N GLN K 133 36.42 -15.18 -1.50
CA GLN K 133 37.56 -14.28 -1.56
C GLN K 133 37.47 -13.44 -2.83
N THR K 134 37.12 -12.17 -2.67
CA THR K 134 37.11 -11.25 -3.80
C THR K 134 38.54 -10.90 -4.21
N LEU K 135 38.76 -10.80 -5.51
CA LEU K 135 40.08 -10.56 -6.08
C LEU K 135 40.16 -9.14 -6.62
N CYS K 136 41.34 -8.78 -7.13
CA CYS K 136 41.58 -7.43 -7.62
C CYS K 136 42.13 -7.50 -9.04
N CYS K 137 41.86 -6.44 -9.80
CA CYS K 137 42.31 -6.36 -11.18
C CYS K 137 43.81 -6.04 -11.24
N TYR K 138 44.39 -6.25 -12.42
CA TYR K 138 45.81 -6.01 -12.63
C TYR K 138 46.14 -5.01 -13.74
N GLY K 139 45.23 -4.79 -14.69
CA GLY K 139 45.50 -3.86 -15.77
C GLY K 139 45.34 -2.41 -15.37
N LYS K 140 44.16 -2.06 -14.86
CA LYS K 140 43.90 -0.69 -14.43
C LYS K 140 44.45 -0.38 -13.05
N GLN K 141 44.76 -1.40 -12.25
CA GLN K 141 45.46 -1.24 -10.97
C GLN K 141 44.67 -0.40 -9.97
N LEU K 142 43.41 -0.08 -10.28
CA LEU K 142 42.61 0.75 -9.37
C LEU K 142 41.37 0.03 -8.85
N CYS K 143 40.63 -0.66 -9.72
CA CYS K 143 39.41 -1.34 -9.31
C CYS K 143 39.72 -2.79 -8.92
N THR K 144 38.67 -3.53 -8.60
CA THR K 144 38.81 -4.92 -8.17
C THR K 144 37.90 -5.80 -9.01
N ILE K 145 37.97 -7.10 -8.74
CA ILE K 145 37.16 -8.10 -9.46
C ILE K 145 35.83 -8.24 -8.72
N PRO K 146 34.70 -8.00 -9.38
CA PRO K 146 33.41 -8.13 -8.70
C PRO K 146 33.10 -9.57 -8.35
N ARG K 147 32.34 -9.73 -7.27
CA ARG K 147 31.93 -11.04 -6.81
C ARG K 147 30.62 -11.47 -7.47
N ASP K 148 30.48 -12.77 -7.68
CA ASP K 148 29.29 -13.35 -8.32
C ASP K 148 29.04 -12.72 -9.68
N ALA K 149 30.10 -12.63 -10.49
CA ALA K 149 30.02 -12.02 -11.80
C ALA K 149 31.10 -12.61 -12.70
N THR K 150 30.94 -12.39 -14.00
CA THR K 150 31.89 -12.90 -14.98
C THR K 150 33.27 -12.28 -14.78
N TYR K 151 34.30 -13.13 -14.72
CA TYR K 151 35.67 -12.68 -14.57
C TYR K 151 36.57 -13.50 -15.47
N TYR K 152 37.71 -12.92 -15.84
CA TYR K 152 38.71 -13.60 -16.66
C TYR K 152 39.94 -13.88 -15.81
N SER K 153 40.49 -15.08 -15.95
CA SER K 153 41.64 -15.49 -15.15
C SER K 153 42.69 -16.10 -16.06
N TYR K 154 43.94 -15.77 -15.78
CA TYR K 154 45.08 -16.29 -16.53
C TYR K 154 46.16 -16.71 -15.54
N GLN K 155 46.58 -17.97 -15.64
CA GLN K 155 47.67 -18.54 -14.85
C GLN K 155 47.38 -18.50 -13.35
N ASN K 156 46.11 -18.28 -12.97
CA ASN K 156 45.68 -18.23 -11.58
C ASN K 156 46.36 -17.09 -10.82
N ARG K 157 47.13 -16.27 -11.53
CA ARG K 157 47.81 -15.15 -10.89
C ARG K 157 47.35 -13.80 -11.45
N TYR K 158 46.81 -13.79 -12.66
CA TYR K 158 46.30 -12.56 -13.29
C TYR K 158 44.79 -12.66 -13.40
N HIS K 159 44.10 -11.58 -13.02
CA HIS K 159 42.64 -11.56 -13.02
C HIS K 159 42.16 -10.24 -13.61
N PHE K 160 41.05 -10.30 -14.34
CA PHE K 160 40.53 -9.14 -15.03
C PHE K 160 39.00 -9.17 -15.00
N CYS K 161 38.41 -7.98 -15.07
CA CYS K 161 36.96 -7.83 -15.08
C CYS K 161 36.42 -7.90 -16.50
N GLU K 162 35.11 -7.69 -16.64
CA GLU K 162 34.47 -7.76 -17.94
C GLU K 162 34.85 -6.60 -18.85
N LYS K 163 35.05 -5.41 -18.30
CA LYS K 163 35.32 -4.22 -19.09
C LYS K 163 36.80 -3.85 -19.15
N CYS K 164 37.68 -4.70 -18.61
CA CYS K 164 39.11 -4.39 -18.59
C CYS K 164 39.77 -4.71 -19.93
N PHE K 165 39.72 -5.97 -20.34
CA PHE K 165 40.36 -6.39 -21.58
C PHE K 165 39.62 -5.92 -22.82
N ASN K 166 38.35 -5.54 -22.70
CA ASN K 166 37.58 -5.07 -23.85
C ASN K 166 38.09 -3.72 -24.34
N SER K 192 40.01 -17.60 -19.43
CA SER K 192 39.02 -18.49 -18.83
C SER K 192 37.83 -17.71 -18.31
N LYS K 193 36.63 -18.11 -18.74
CA LYS K 193 35.39 -17.46 -18.32
C LYS K 193 34.77 -18.24 -17.16
N ARG K 194 34.41 -17.51 -16.11
CA ARG K 194 33.85 -18.12 -14.92
C ARG K 194 33.12 -17.05 -14.11
N LYS K 195 32.28 -17.51 -13.19
CA LYS K 195 31.58 -16.65 -12.25
C LYS K 195 32.14 -16.91 -10.85
N ASN K 196 32.44 -15.84 -10.12
CA ASN K 196 33.12 -15.96 -8.83
C ASN K 196 32.20 -16.52 -7.77
N ASP K 197 32.29 -17.83 -7.52
CA ASP K 197 31.50 -18.50 -6.49
C ASP K 197 32.31 -19.51 -5.68
N THR K 198 33.61 -19.63 -5.94
CA THR K 198 34.43 -20.60 -5.22
C THR K 198 34.62 -20.18 -3.76
N LEU K 199 34.73 -21.17 -2.89
CA LEU K 199 34.94 -20.97 -1.46
C LEU K 199 36.24 -21.62 -1.04
N ASP K 200 37.09 -20.85 -0.35
CA ASP K 200 38.37 -21.38 0.10
C ASP K 200 38.23 -22.05 1.46
N PRO K 201 38.58 -23.33 1.58
CA PRO K 201 38.43 -24.05 2.84
C PRO K 201 39.42 -23.59 3.90
N GLU K 202 39.02 -23.81 5.16
CA GLU K 202 39.88 -23.45 6.29
C GLU K 202 41.09 -24.38 6.33
N LEU K 203 42.22 -23.82 6.75
CA LEU K 203 43.47 -24.57 6.85
C LEU K 203 43.50 -25.39 8.14
N PHE K 204 44.44 -26.34 8.18
CA PHE K 204 44.61 -27.22 9.33
C PHE K 204 46.09 -27.33 9.68
N VAL K 205 46.34 -27.77 10.91
CA VAL K 205 47.69 -27.99 11.41
C VAL K 205 47.74 -29.37 12.04
N GLU K 206 48.95 -29.90 12.22
CA GLU K 206 49.15 -31.25 12.76
C GLU K 206 49.93 -31.19 14.07
N CYS K 207 49.51 -31.98 15.04
CA CYS K 207 50.17 -32.04 16.33
C CYS K 207 51.42 -32.92 16.26
N THR K 208 52.34 -32.70 17.19
CA THR K 208 53.59 -33.44 17.20
C THR K 208 53.38 -34.90 17.60
N GLU K 209 52.63 -35.12 18.69
CA GLU K 209 52.42 -36.45 19.23
C GLU K 209 51.04 -37.02 18.91
N CYS K 210 50.25 -36.32 18.09
CA CYS K 210 48.92 -36.81 17.76
C CYS K 210 48.72 -36.86 16.24
N GLY K 211 49.25 -35.88 15.52
CA GLY K 211 49.07 -35.80 14.10
C GLY K 211 47.65 -35.38 13.74
N ARG K 212 46.92 -34.88 14.73
CA ARG K 212 45.52 -34.50 14.52
C ARG K 212 45.43 -33.28 13.61
N LYS K 213 44.47 -33.32 12.69
CA LYS K 213 44.22 -32.19 11.78
C LYS K 213 43.35 -31.15 12.50
N MET K 214 44.00 -30.36 13.33
CA MET K 214 43.33 -29.38 14.17
C MET K 214 43.16 -28.06 13.42
N HIS K 215 42.06 -27.37 13.72
CA HIS K 215 41.82 -26.06 13.12
C HIS K 215 42.91 -25.07 13.55
N GLN K 216 43.47 -24.36 12.58
CA GLN K 216 44.48 -23.35 12.89
C GLN K 216 43.88 -22.21 13.69
N ILE K 217 42.69 -21.75 13.30
CA ILE K 217 42.05 -20.62 13.96
C ILE K 217 41.60 -21.00 15.37
N CYS K 218 40.96 -22.18 15.50
CA CYS K 218 40.35 -22.54 16.78
C CYS K 218 41.40 -22.73 17.87
N VAL K 219 42.47 -23.47 17.57
CA VAL K 219 43.50 -23.70 18.59
C VAL K 219 44.39 -22.47 18.76
N LEU K 220 44.33 -21.52 17.82
CA LEU K 220 45.10 -20.29 17.88
C LEU K 220 46.60 -20.58 17.94
N HIS K 221 47.12 -21.24 16.90
CA HIS K 221 48.54 -21.56 16.79
C HIS K 221 49.13 -20.81 15.61
N HIS K 222 50.16 -20.02 15.88
CA HIS K 222 50.87 -19.26 14.85
C HIS K 222 52.29 -19.79 14.74
N GLU K 223 52.76 -19.99 13.52
CA GLU K 223 54.08 -20.54 13.27
C GLU K 223 55.17 -19.61 13.80
N ILE K 224 55.00 -18.31 13.61
CA ILE K 224 56.00 -17.34 14.05
C ILE K 224 56.10 -17.33 15.57
N ILE K 225 54.96 -17.36 16.26
CA ILE K 225 54.98 -17.27 17.72
C ILE K 225 55.65 -18.49 18.34
N TRP K 226 55.33 -19.68 17.84
CA TRP K 226 55.89 -20.93 18.37
C TRP K 226 56.54 -21.71 17.24
N PRO K 227 57.78 -21.38 16.89
CA PRO K 227 58.48 -22.16 15.84
C PRO K 227 58.87 -23.57 16.27
N ALA K 228 58.80 -23.88 17.57
CA ALA K 228 59.26 -25.19 18.03
C ALA K 228 58.38 -26.31 17.52
N GLY K 229 57.08 -26.07 17.38
CA GLY K 229 56.17 -27.10 16.90
C GLY K 229 54.81 -27.04 17.56
N PHE K 230 53.76 -27.34 16.80
CA PHE K 230 52.40 -27.27 17.33
C PHE K 230 52.12 -28.46 18.24
N VAL K 231 51.68 -28.18 19.46
CA VAL K 231 51.30 -29.20 20.43
C VAL K 231 49.89 -28.90 20.91
N CYS K 232 49.03 -29.90 20.88
CA CYS K 232 47.65 -29.73 21.32
C CYS K 232 47.59 -29.56 22.84
N ASP K 233 46.46 -29.03 23.30
CA ASP K 233 46.28 -28.78 24.72
C ASP K 233 46.27 -30.08 25.53
N GLY K 234 45.76 -31.16 24.94
CA GLY K 234 45.73 -32.42 25.65
C GLY K 234 47.12 -32.95 25.98
N CYS K 235 48.04 -32.88 25.00
CA CYS K 235 49.40 -33.33 25.24
C CYS K 235 50.10 -32.44 26.28
N LEU K 236 49.86 -31.13 26.23
CA LEU K 236 50.43 -30.24 27.23
C LEU K 236 49.92 -30.57 28.63
N LYS K 237 48.62 -30.84 28.75
CA LYS K 237 48.04 -31.22 30.04
C LYS K 237 48.63 -32.54 30.53
N LYS K 238 48.77 -33.51 29.63
CA LYS K 238 49.33 -34.80 30.01
C LYS K 238 50.79 -34.67 30.45
N SER K 239 51.56 -33.86 29.74
CA SER K 239 52.97 -33.67 30.04
C SER K 239 53.22 -32.59 31.08
N ALA K 240 52.16 -31.97 31.62
CA ALA K 240 52.27 -30.90 32.61
C ALA K 240 53.13 -29.74 32.10
N ARG K 241 53.00 -29.43 30.81
CA ARG K 241 53.75 -28.36 30.18
C ARG K 241 52.81 -27.23 29.75
N THR K 242 53.35 -26.01 29.73
CA THR K 242 52.60 -24.84 29.32
C THR K 242 53.30 -24.20 28.14
N ARG K 243 52.52 -23.66 27.20
CA ARG K 243 53.07 -23.00 26.03
C ARG K 243 53.90 -21.79 26.44
N LYS K 244 54.98 -21.55 25.71
CA LYS K 244 55.84 -20.42 26.00
C LYS K 244 55.07 -19.10 25.86
N GLU K 245 55.39 -18.15 26.73
CA GLU K 245 54.66 -16.90 26.77
C GLU K 245 54.77 -16.17 25.44
N ASN K 246 53.62 -15.66 24.97
CA ASN K 246 53.59 -14.97 23.68
C ASN K 246 54.19 -13.57 23.83
N LYS K 247 55.24 -13.31 23.05
CA LYS K 247 55.87 -12.00 23.03
C LYS K 247 55.31 -11.10 21.94
N PHE K 248 54.32 -11.57 21.19
CA PHE K 248 53.68 -10.77 20.15
C PHE K 248 52.35 -10.17 20.61
N SER K 249 52.09 -10.17 21.91
CA SER K 249 50.82 -9.69 22.43
C SER K 249 50.71 -8.17 22.28
N ALA K 250 49.47 -7.68 22.36
CA ALA K 250 49.24 -6.25 22.23
C ALA K 250 49.85 -5.47 23.38
N LYS K 251 49.93 -6.10 24.56
CA LYS K 251 50.52 -5.44 25.71
C LYS K 251 52.02 -5.18 25.50
N ARG K 252 52.69 -6.04 24.75
CA ARG K 252 54.11 -5.87 24.47
C ARG K 252 54.39 -4.76 23.46
N LEU K 253 53.35 -4.27 22.77
CA LEU K 253 53.53 -3.22 21.78
C LEU K 253 54.06 -1.94 22.46
N PRO K 254 54.87 -1.16 21.75
CA PRO K 254 55.43 0.05 22.35
C PRO K 254 54.34 1.00 22.83
N SER K 255 54.57 1.61 23.99
CA SER K 255 53.57 2.48 24.60
C SER K 255 53.75 3.92 24.14
N THR K 256 52.62 4.62 24.05
CA THR K 256 52.60 6.03 23.69
C THR K 256 51.73 6.76 24.70
N ARG K 257 51.94 8.08 24.80
CA ARG K 257 51.21 8.88 25.77
C ARG K 257 49.70 8.84 25.49
N LEU K 258 49.31 8.96 24.22
CA LEU K 258 47.90 8.89 23.86
C LEU K 258 47.32 7.53 24.18
N GLY K 259 48.00 6.46 23.77
CA GLY K 259 47.50 5.12 24.05
C GLY K 259 47.46 4.82 25.53
N THR K 260 48.48 5.25 26.26
CA THR K 260 48.50 5.04 27.71
C THR K 260 47.35 5.79 28.38
N PHE K 261 47.09 7.03 27.96
CA PHE K 261 45.99 7.79 28.52
C PHE K 261 44.66 7.12 28.23
N LEU K 262 44.47 6.66 26.99
CA LEU K 262 43.21 6.01 26.63
C LEU K 262 43.00 4.73 27.43
N GLU K 263 44.03 3.88 27.52
CA GLU K 263 43.88 2.64 28.26
C GLU K 263 43.70 2.88 29.75
N ASN K 264 44.37 3.89 30.32
CA ASN K 264 44.17 4.21 31.73
C ASN K 264 42.74 4.68 31.98
N ARG K 265 42.21 5.54 31.11
CA ARG K 265 40.84 6.00 31.27
C ARG K 265 39.85 4.83 31.17
N VAL K 266 40.04 3.96 30.17
CA VAL K 266 39.13 2.83 29.99
C VAL K 266 39.20 1.90 31.19
N ASN K 267 40.41 1.59 31.66
CA ASN K 267 40.56 0.71 32.81
C ASN K 267 39.98 1.32 34.07
N ASP K 268 40.15 2.62 34.28
CA ASP K 268 39.56 3.26 35.44
C ASP K 268 38.04 3.22 35.39
N PHE K 269 37.46 3.46 34.21
CA PHE K 269 36.01 3.37 34.07
C PHE K 269 35.52 1.96 34.34
N LEU K 270 36.22 0.96 33.82
CA LEU K 270 35.83 -0.42 34.05
C LEU K 270 35.94 -0.80 35.52
N ARG K 271 36.99 -0.34 36.20
CA ARG K 271 37.13 -0.59 37.62
C ARG K 271 36.02 0.07 38.41
N ARG K 272 35.63 1.29 38.02
CA ARG K 272 34.49 1.95 38.66
C ARG K 272 33.21 1.14 38.46
N GLN K 273 33.00 0.62 37.25
CA GLN K 273 31.82 -0.20 37.00
C GLN K 273 31.86 -1.50 37.78
N ASN K 274 33.02 -2.15 37.84
CA ASN K 274 33.24 -3.37 38.63
C ASN K 274 32.26 -4.48 38.24
N HIS K 275 32.10 -4.69 36.94
CA HIS K 275 31.29 -5.80 36.47
C HIS K 275 32.09 -7.10 36.51
N PRO K 276 31.44 -8.23 36.79
CA PRO K 276 32.16 -9.51 36.85
C PRO K 276 32.75 -9.95 35.51
N GLU K 277 32.17 -9.52 34.39
CA GLU K 277 32.64 -9.91 33.07
C GLU K 277 33.64 -8.92 32.48
N SER K 278 34.01 -7.88 33.23
CA SER K 278 34.92 -6.87 32.72
C SER K 278 36.36 -7.33 32.79
N GLY K 279 37.10 -7.06 31.71
CA GLY K 279 38.52 -7.36 31.65
C GLY K 279 39.31 -6.13 31.23
N GLU K 280 40.61 -6.16 31.53
CA GLU K 280 41.48 -5.04 31.21
C GLU K 280 41.56 -4.81 29.71
N VAL K 281 41.63 -3.54 29.32
CA VAL K 281 41.64 -3.15 27.92
C VAL K 281 42.95 -2.41 27.62
N THR K 282 43.60 -2.83 26.54
CA THR K 282 44.86 -2.25 26.11
C THR K 282 44.63 -1.47 24.82
N VAL K 283 45.03 -0.20 24.81
CA VAL K 283 44.92 0.67 23.65
C VAL K 283 46.33 1.02 23.21
N ARG K 284 46.65 0.71 21.95
CA ARG K 284 47.99 0.92 21.42
C ARG K 284 47.92 1.73 20.13
N VAL K 285 48.76 2.74 20.01
CA VAL K 285 48.92 3.49 18.78
C VAL K 285 50.01 2.81 17.96
N VAL K 286 49.63 2.24 16.83
CA VAL K 286 50.52 1.41 16.02
C VAL K 286 51.02 2.12 14.78
N HIS K 287 50.62 3.37 14.55
CA HIS K 287 51.07 4.13 13.40
C HIS K 287 50.89 5.61 13.67
N ALA K 288 51.94 6.39 13.40
CA ALA K 288 51.88 7.84 13.54
C ALA K 288 52.89 8.44 12.58
N SER K 289 52.39 9.16 11.57
CA SER K 289 53.29 9.68 10.54
C SER K 289 52.75 10.99 9.99
N ASP K 290 53.65 11.91 9.68
CA ASP K 290 53.27 13.17 9.07
C ASP K 290 53.00 12.99 7.58
N LYS K 291 51.98 13.68 7.09
CA LYS K 291 51.60 13.62 5.69
C LYS K 291 51.07 14.99 5.29
N THR K 292 50.72 15.14 4.01
CA THR K 292 50.17 16.39 3.49
C THR K 292 48.95 16.08 2.64
N VAL K 293 48.02 17.04 2.61
CA VAL K 293 46.82 16.96 1.78
C VAL K 293 46.92 18.08 0.74
N GLU K 294 46.66 17.74 -0.52
CA GLU K 294 46.82 18.69 -1.61
C GLU K 294 45.47 19.25 -2.01
N VAL K 295 45.45 20.50 -2.46
CA VAL K 295 44.21 21.14 -2.89
C VAL K 295 43.82 20.63 -4.28
N LYS K 296 42.54 20.39 -4.47
CA LYS K 296 42.04 19.87 -5.74
C LYS K 296 42.20 20.92 -6.84
N PRO K 297 42.42 20.48 -8.09
CA PRO K 297 42.68 21.44 -9.18
C PRO K 297 41.58 22.47 -9.38
N GLY K 298 40.32 22.09 -9.18
CA GLY K 298 39.21 22.99 -9.42
C GLY K 298 39.27 24.25 -8.59
N MET K 299 39.53 24.10 -7.29
CA MET K 299 39.73 25.28 -6.45
C MET K 299 41.20 25.70 -6.41
N LYS K 300 42.11 24.86 -6.87
CA LYS K 300 43.51 25.25 -7.02
C LYS K 300 43.67 26.38 -8.02
N ALA K 301 42.97 26.28 -9.15
CA ALA K 301 42.99 27.36 -10.13
C ALA K 301 42.36 28.61 -9.56
N ARG K 302 41.29 28.45 -8.78
CA ARG K 302 40.52 29.59 -8.30
C ARG K 302 41.22 30.37 -7.19
N PHE K 303 41.81 29.69 -6.21
CA PHE K 303 42.20 30.39 -4.98
C PHE K 303 43.70 30.48 -4.76
N VAL K 304 44.41 29.35 -4.72
CA VAL K 304 45.83 29.38 -4.40
C VAL K 304 46.62 30.04 -5.53
N ASP K 305 46.23 29.77 -6.78
CA ASP K 305 46.89 30.43 -7.90
C ASP K 305 46.63 31.93 -7.88
N SER K 306 45.43 32.35 -7.48
CA SER K 306 45.14 33.78 -7.38
C SER K 306 45.82 34.39 -6.15
N GLY K 307 46.18 33.56 -5.18
CA GLY K 307 46.84 34.04 -3.98
C GLY K 307 45.89 34.28 -2.82
N GLU K 308 45.01 33.31 -2.55
CA GLU K 308 44.04 33.43 -1.47
C GLU K 308 43.97 32.22 -0.55
N MET K 309 44.56 31.09 -0.91
CA MET K 309 44.38 29.85 -0.15
C MET K 309 45.68 29.07 -0.19
N ALA K 310 45.90 28.26 0.85
CA ALA K 310 47.12 27.47 0.96
C ALA K 310 47.17 26.40 -0.12
N GLU K 311 48.39 26.14 -0.62
CA GLU K 311 48.57 25.15 -1.68
C GLU K 311 48.48 23.72 -1.15
N SER K 312 48.87 23.50 0.10
CA SER K 312 48.77 22.18 0.72
C SER K 312 48.70 22.35 2.23
N PHE K 313 48.20 21.32 2.90
CA PHE K 313 48.07 21.38 4.36
C PHE K 313 48.79 20.18 4.98
N PRO K 314 49.75 20.41 5.87
CA PRO K 314 50.39 19.28 6.56
C PRO K 314 49.65 18.85 7.80
N TYR K 315 49.56 17.54 8.04
CA TYR K 315 48.91 17.00 9.21
C TYR K 315 49.65 15.74 9.64
N ARG K 316 49.15 15.09 10.69
CA ARG K 316 49.71 13.84 11.17
C ARG K 316 48.60 12.80 11.26
N THR K 317 48.81 11.66 10.61
CA THR K 317 47.85 10.55 10.65
C THR K 317 48.28 9.56 11.72
N LYS K 318 47.32 9.10 12.51
CA LYS K 318 47.55 8.17 13.61
C LYS K 318 46.53 7.04 13.57
N ALA K 319 46.95 5.88 14.05
CA ALA K 319 46.11 4.68 14.07
C ALA K 319 46.19 4.05 15.45
N LEU K 320 45.07 4.02 16.17
CA LEU K 320 44.98 3.43 17.50
C LEU K 320 43.96 2.30 17.49
N PHE K 321 44.27 1.23 18.20
CA PHE K 321 43.43 0.05 18.26
C PHE K 321 43.25 -0.38 19.71
N ALA K 322 42.06 -0.87 20.04
CA ALA K 322 41.74 -1.30 21.39
C ALA K 322 41.67 -2.83 21.45
N PHE K 323 42.28 -3.39 22.49
CA PHE K 323 42.38 -4.83 22.66
C PHE K 323 41.86 -5.24 24.04
N GLU K 324 41.36 -6.47 24.10
CA GLU K 324 40.86 -7.04 25.34
C GLU K 324 41.45 -8.43 25.54
N GLU K 325 41.67 -8.81 26.79
CA GLU K 325 42.07 -10.17 27.12
C GLU K 325 40.80 -10.96 27.43
N ILE K 326 40.32 -11.70 26.43
CA ILE K 326 39.15 -12.57 26.58
C ILE K 326 39.65 -14.01 26.56
N ASP K 327 39.33 -14.75 27.63
CA ASP K 327 39.77 -16.14 27.79
C ASP K 327 41.29 -16.27 27.67
N GLY K 328 42.00 -15.26 28.17
CA GLY K 328 43.45 -15.26 28.10
C GLY K 328 44.00 -15.07 26.69
N VAL K 329 43.21 -14.50 25.79
CA VAL K 329 43.64 -14.27 24.42
C VAL K 329 43.31 -12.83 24.05
N ASP K 330 44.27 -12.16 23.41
CA ASP K 330 44.04 -10.79 22.96
C ASP K 330 43.10 -10.75 21.77
N LEU K 331 42.18 -9.79 21.79
CA LEU K 331 41.21 -9.60 20.73
C LEU K 331 41.07 -8.12 20.47
N CYS K 332 41.21 -7.71 19.21
CA CYS K 332 41.06 -6.31 18.82
C CYS K 332 39.58 -6.04 18.56
N PHE K 333 39.04 -5.05 19.27
CA PHE K 333 37.61 -4.75 19.18
C PHE K 333 37.31 -3.30 18.80
N PHE K 334 38.31 -2.51 18.43
CA PHE K 334 38.07 -1.13 18.05
C PHE K 334 39.22 -0.61 17.21
N GLY K 335 38.90 0.25 16.26
CA GLY K 335 39.91 0.93 15.45
C GLY K 335 39.48 2.35 15.18
N MET K 336 40.48 3.22 15.03
CA MET K 336 40.21 4.64 14.88
C MET K 336 41.34 5.30 14.10
N HIS K 337 40.96 6.16 13.15
CA HIS K 337 41.91 6.88 12.30
C HIS K 337 41.65 8.37 12.42
N VAL K 338 42.69 9.15 12.69
CA VAL K 338 42.58 10.57 12.93
C VAL K 338 43.58 11.33 12.08
N GLN K 339 43.25 12.60 11.83
CA GLN K 339 44.14 13.55 11.16
C GLN K 339 44.26 14.76 12.06
N GLU K 340 45.50 15.12 12.43
CA GLU K 340 45.76 16.19 13.38
C GLU K 340 46.55 17.29 12.68
N TYR K 341 45.97 18.49 12.61
CA TYR K 341 46.64 19.67 12.07
C TYR K 341 46.99 20.56 13.25
N GLY K 342 48.29 20.70 13.50
CA GLY K 342 48.75 21.43 14.67
C GLY K 342 48.83 22.92 14.43
N SER K 343 49.54 23.60 15.33
CA SER K 343 49.72 25.05 15.25
C SER K 343 50.48 25.47 14.00
N ASP K 344 51.48 24.70 13.58
CA ASP K 344 52.25 25.02 12.37
C ASP K 344 51.52 24.47 11.15
N CYS K 345 50.35 25.06 10.89
CA CYS K 345 49.49 24.68 9.79
C CYS K 345 48.76 25.91 9.29
N PRO K 346 48.62 26.08 7.97
CA PRO K 346 47.89 27.24 7.46
C PRO K 346 46.42 27.17 7.84
N PRO K 347 45.76 28.31 8.01
CA PRO K 347 44.33 28.31 8.33
C PRO K 347 43.51 27.93 7.12
N PRO K 348 42.24 27.50 7.30
CA PRO K 348 41.55 27.33 8.59
C PRO K 348 41.80 25.98 9.25
N ASN K 349 42.66 25.17 8.64
CA ASN K 349 42.93 23.83 9.16
C ASN K 349 43.71 23.86 10.47
N GLN K 350 44.26 25.01 10.86
CA GLN K 350 45.13 25.08 12.04
C GLN K 350 44.41 24.62 13.29
N ARG K 351 45.10 23.81 14.10
CA ARG K 351 44.60 23.32 15.38
C ARG K 351 43.25 22.61 15.21
N ARG K 352 43.26 21.54 14.43
CA ARG K 352 42.03 20.81 14.15
C ARG K 352 42.29 19.32 14.13
N VAL K 353 41.43 18.56 14.79
CA VAL K 353 41.46 17.10 14.75
C VAL K 353 40.23 16.62 13.99
N TYR K 354 40.42 15.67 13.08
CA TYR K 354 39.33 15.13 12.27
C TYR K 354 39.36 13.62 12.32
N ILE K 355 38.20 13.01 12.53
CA ILE K 355 38.08 11.55 12.62
C ILE K 355 37.72 11.05 11.22
N SER K 356 38.64 10.32 10.59
CA SER K 356 38.40 9.85 9.23
C SER K 356 37.59 8.56 9.23
N TYR K 357 38.12 7.51 9.86
CA TYR K 357 37.45 6.23 9.88
C TYR K 357 37.58 5.60 11.26
N LEU K 358 36.47 5.08 11.77
CA LEU K 358 36.46 4.30 13.00
C LEU K 358 35.63 3.05 12.79
N ASP K 359 36.09 1.95 13.38
CA ASP K 359 35.42 0.67 13.21
C ASP K 359 35.60 -0.14 14.49
N SER K 360 34.70 -1.11 14.68
CA SER K 360 34.71 -1.94 15.87
C SER K 360 33.94 -3.23 15.59
N VAL K 361 34.26 -4.26 16.36
CA VAL K 361 33.55 -5.53 16.31
C VAL K 361 32.91 -5.77 17.67
N HIS K 362 31.66 -6.21 17.67
CA HIS K 362 30.87 -6.33 18.90
C HIS K 362 31.15 -7.65 19.62
N PHE K 363 32.41 -7.85 20.02
CA PHE K 363 32.81 -8.98 20.85
C PHE K 363 33.30 -8.54 22.24
N PHE K 364 33.10 -7.27 22.59
CA PHE K 364 33.55 -6.78 23.89
C PHE K 364 32.73 -7.41 25.01
N ARG K 365 33.40 -7.73 26.12
CA ARG K 365 32.74 -8.26 27.29
C ARG K 365 33.00 -7.37 28.49
N PRO K 366 31.96 -6.95 29.22
CA PRO K 366 30.56 -7.29 28.97
C PRO K 366 29.94 -6.49 27.83
N LYS K 367 28.87 -7.04 27.24
CA LYS K 367 28.21 -6.36 26.13
C LYS K 367 27.59 -5.04 26.57
N CYS K 368 26.98 -5.00 27.76
CA CYS K 368 26.25 -3.82 28.19
C CYS K 368 27.13 -2.58 28.27
N LEU K 369 28.39 -2.75 28.68
CA LEU K 369 29.32 -1.63 28.76
C LEU K 369 29.95 -1.28 27.43
N ARG K 370 29.82 -2.16 26.43
CA ARG K 370 30.54 -2.01 25.17
C ARG K 370 30.40 -0.61 24.59
N THR K 371 29.17 -0.22 24.28
CA THR K 371 28.92 1.13 23.75
C THR K 371 29.57 2.19 24.64
N ALA K 372 29.32 2.11 25.95
CA ALA K 372 29.90 3.10 26.87
C ALA K 372 31.41 3.14 26.73
N VAL K 373 32.06 1.98 26.68
CA VAL K 373 33.51 1.94 26.55
C VAL K 373 33.94 2.69 25.29
N TYR K 374 33.24 2.44 24.18
CA TYR K 374 33.54 3.17 22.95
C TYR K 374 33.49 4.68 23.20
N HIS K 375 32.41 5.13 23.84
CA HIS K 375 32.27 6.55 24.14
C HIS K 375 33.48 7.05 24.93
N GLU K 376 33.93 6.26 25.92
CA GLU K 376 35.09 6.65 26.70
C GLU K 376 36.28 6.96 25.79
N ILE K 377 36.56 6.08 24.84
CA ILE K 377 37.63 6.34 23.89
C ILE K 377 37.35 7.62 23.13
N LEU K 378 36.14 7.74 22.59
CA LEU K 378 35.78 8.94 21.84
C LEU K 378 35.83 10.18 22.72
N ILE K 379 35.80 10.00 24.04
CA ILE K 379 36.03 11.12 24.94
C ILE K 379 37.52 11.34 25.13
N GLY K 380 38.24 10.27 25.50
CA GLY K 380 39.60 10.44 26.00
C GLY K 380 40.51 11.11 24.98
N TYR K 381 40.50 10.62 23.74
CA TYR K 381 41.31 11.21 22.69
C TYR K 381 41.05 12.72 22.60
N LEU K 382 39.78 13.11 22.57
CA LEU K 382 39.46 14.53 22.55
C LEU K 382 40.11 15.24 23.72
N GLU K 383 39.89 14.73 24.94
CA GLU K 383 40.53 15.33 26.10
C GLU K 383 42.03 15.40 25.91
N TYR K 384 42.62 14.32 25.37
CA TYR K 384 44.06 14.31 25.13
C TYR K 384 44.45 15.46 24.21
N VAL K 385 43.74 15.63 23.10
CA VAL K 385 44.12 16.71 22.20
C VAL K 385 43.77 18.06 22.82
N LYS K 386 42.79 18.08 23.73
CA LYS K 386 42.50 19.31 24.47
C LYS K 386 43.68 19.67 25.36
N LYS K 387 44.42 18.65 25.83
CA LYS K 387 45.63 18.93 26.59
C LYS K 387 46.76 19.39 25.65
N LEU K 388 46.68 19.03 24.38
CA LEU K 388 47.71 19.42 23.43
C LEU K 388 47.48 20.84 22.89
N GLY K 389 46.30 21.41 23.11
CA GLY K 389 45.98 22.73 22.62
C GLY K 389 45.11 22.77 21.38
N TYR K 390 44.56 21.64 20.95
CA TYR K 390 43.69 21.63 19.78
C TYR K 390 42.35 22.29 20.11
N THR K 391 41.72 22.84 19.07
CA THR K 391 40.52 23.65 19.25
C THR K 391 39.25 23.00 18.70
N THR K 392 39.28 22.51 17.46
CA THR K 392 38.07 22.06 16.79
C THR K 392 38.22 20.60 16.37
N GLY K 393 37.18 19.81 16.63
CA GLY K 393 37.10 18.43 16.19
C GLY K 393 36.03 18.26 15.13
N HIS K 394 36.27 17.33 14.21
CA HIS K 394 35.37 17.09 13.09
C HIS K 394 35.00 15.61 13.03
N ILE K 395 33.71 15.33 12.91
CA ILE K 395 33.20 13.96 12.82
C ILE K 395 32.29 13.86 11.60
N TRP K 396 32.52 12.83 10.79
CA TRP K 396 31.70 12.54 9.60
C TRP K 396 30.89 11.28 9.90
N ALA K 397 29.69 11.46 10.46
CA ALA K 397 28.84 10.36 10.90
C ALA K 397 28.05 9.83 9.70
N CYS K 398 28.67 8.90 8.97
CA CYS K 398 28.04 8.25 7.83
C CYS K 398 28.23 6.74 7.93
N PRO K 399 27.16 5.97 8.14
CA PRO K 399 27.29 4.51 8.16
C PRO K 399 27.65 3.97 6.80
N PRO K 400 28.36 2.84 6.74
CA PRO K 400 28.79 2.30 5.45
C PRO K 400 27.62 1.72 4.68
N SER K 401 27.83 1.55 3.37
CA SER K 401 26.86 0.89 2.52
C SER K 401 26.85 -0.61 2.81
N GLU K 402 25.97 -1.33 2.13
CA GLU K 402 25.86 -2.77 2.33
C GLU K 402 27.14 -3.47 1.86
N GLY K 403 27.69 -4.32 2.72
CA GLY K 403 28.89 -5.06 2.38
C GLY K 403 30.17 -4.25 2.38
N ASP K 404 30.20 -3.11 3.06
CA ASP K 404 31.39 -2.26 3.10
C ASP K 404 31.99 -2.28 4.50
N ASP K 405 33.31 -2.42 4.57
CA ASP K 405 34.04 -2.48 5.83
C ASP K 405 35.06 -1.34 5.88
N TYR K 406 35.17 -0.69 7.05
CA TYR K 406 36.16 0.37 7.20
C TYR K 406 37.54 -0.20 7.50
N ILE K 407 37.68 -0.88 8.63
CA ILE K 407 38.99 -1.38 9.07
C ILE K 407 38.92 -2.89 9.20
N PHE K 408 38.05 -3.38 10.07
CA PHE K 408 37.90 -4.82 10.27
C PHE K 408 37.15 -5.43 9.09
N HIS K 409 37.71 -6.49 8.54
CA HIS K 409 37.12 -7.15 7.37
C HIS K 409 36.14 -8.22 7.81
N CYS K 410 35.08 -8.42 7.01
CA CYS K 410 34.10 -9.46 7.25
C CYS K 410 33.43 -9.32 8.60
N HIS K 411 32.65 -8.26 8.77
CA HIS K 411 31.92 -8.02 10.02
C HIS K 411 30.96 -9.17 10.29
N PRO K 412 30.66 -9.44 11.56
CA PRO K 412 29.78 -10.56 11.88
C PRO K 412 28.40 -10.34 11.27
N PRO K 413 27.75 -11.42 10.82
CA PRO K 413 26.42 -11.27 10.20
C PRO K 413 25.38 -10.69 11.14
N ASP K 414 25.48 -10.97 12.45
CA ASP K 414 24.52 -10.50 13.43
C ASP K 414 24.82 -9.08 13.92
N GLN K 415 25.91 -8.48 13.44
CA GLN K 415 26.27 -7.12 13.80
C GLN K 415 25.42 -6.16 12.98
N LYS K 416 24.33 -5.68 13.57
CA LYS K 416 23.42 -4.78 12.88
C LYS K 416 24.09 -3.43 12.69
N ILE K 417 24.32 -3.05 11.43
CA ILE K 417 24.97 -1.79 11.11
C ILE K 417 24.00 -0.66 11.45
N PRO K 418 24.44 0.38 12.16
CA PRO K 418 23.51 1.46 12.55
C PRO K 418 23.03 2.25 11.35
N LYS K 419 21.81 2.75 11.46
CA LYS K 419 21.27 3.69 10.48
C LYS K 419 21.86 5.08 10.74
N PRO K 420 21.82 5.98 9.76
CA PRO K 420 22.41 7.31 9.95
C PRO K 420 21.88 8.07 11.15
N LYS K 421 20.57 8.00 11.43
CA LYS K 421 20.01 8.73 12.56
C LYS K 421 20.43 8.09 13.89
N ARG K 422 20.46 6.76 13.93
CA ARG K 422 20.91 6.08 15.15
C ARG K 422 22.38 6.39 15.42
N LEU K 423 23.20 6.44 14.36
CA LEU K 423 24.59 6.83 14.52
C LEU K 423 24.72 8.27 14.99
N GLN K 424 23.87 9.15 14.48
CA GLN K 424 23.88 10.55 14.93
C GLN K 424 23.55 10.64 16.41
N GLU K 425 22.54 9.88 16.86
CA GLU K 425 22.20 9.86 18.28
C GLU K 425 23.32 9.24 19.10
N TRP K 426 23.99 8.24 18.55
CA TRP K 426 25.13 7.62 19.22
C TRP K 426 26.24 8.63 19.46
N TYR K 427 26.54 9.45 18.46
CA TYR K 427 27.54 10.49 18.62
C TYR K 427 27.05 11.58 19.57
N LYS K 428 25.75 11.91 19.52
CA LYS K 428 25.21 12.96 20.38
C LYS K 428 25.26 12.57 21.84
N LYS K 429 25.06 11.29 22.15
CA LYS K 429 25.16 10.83 23.53
C LYS K 429 26.57 11.02 24.07
N MET K 430 27.57 10.65 23.26
CA MET K 430 28.96 10.84 23.66
C MET K 430 29.28 12.33 23.81
N LEU K 431 28.75 13.16 22.91
CA LEU K 431 28.98 14.60 23.01
C LEU K 431 28.37 15.17 24.27
N ASP K 432 27.15 14.75 24.62
CA ASP K 432 26.52 15.23 25.84
C ASP K 432 27.28 14.77 27.08
N LYS K 433 27.76 13.52 27.06
CA LYS K 433 28.56 13.03 28.19
C LYS K 433 29.85 13.84 28.34
N ALA K 434 30.50 14.16 27.21
CA ALA K 434 31.71 14.97 27.27
C ALA K 434 31.40 16.38 27.77
N VAL K 435 30.26 16.94 27.36
CA VAL K 435 29.86 18.26 27.83
C VAL K 435 29.65 18.26 29.33
N SER K 436 28.99 17.22 29.84
CA SER K 436 28.79 17.11 31.29
C SER K 436 30.09 17.02 32.04
N GLU K 437 31.15 16.52 31.40
CA GLU K 437 32.47 16.41 32.01
C GLU K 437 33.33 17.64 31.75
N ARG K 438 32.78 18.67 31.11
CA ARG K 438 33.47 19.93 30.83
C ARG K 438 34.62 19.75 29.85
N ILE K 439 34.79 18.54 29.32
CA ILE K 439 35.84 18.30 28.33
C ILE K 439 35.49 18.98 27.02
N VAL K 440 34.23 18.87 26.60
CA VAL K 440 33.75 19.48 25.36
C VAL K 440 32.86 20.66 25.72
N HIS K 441 33.21 21.84 25.19
CA HIS K 441 32.41 23.02 25.45
C HIS K 441 31.03 22.93 24.80
N ASP K 442 31.00 22.61 23.50
CA ASP K 442 29.75 22.51 22.76
C ASP K 442 30.01 21.83 21.43
N TYR K 443 28.93 21.54 20.71
CA TYR K 443 29.02 20.95 19.38
C TYR K 443 27.86 21.46 18.54
N LYS K 444 28.06 21.43 17.22
CA LYS K 444 27.05 21.92 16.29
C LYS K 444 27.16 21.14 14.98
N ASP K 445 26.19 21.38 14.11
CA ASP K 445 26.31 20.94 12.73
C ASP K 445 27.14 21.93 11.92
N ILE K 446 27.64 21.47 10.78
CA ILE K 446 28.53 22.31 9.99
C ILE K 446 27.80 23.52 9.42
N PHE K 447 26.52 23.35 9.07
CA PHE K 447 25.75 24.48 8.56
C PHE K 447 25.60 25.57 9.60
N LYS K 448 25.19 25.21 10.81
CA LYS K 448 25.06 26.19 11.88
C LYS K 448 26.42 26.75 12.30
N GLN K 449 27.47 25.92 12.26
CA GLN K 449 28.81 26.41 12.58
C GLN K 449 29.25 27.47 11.58
N ALA K 450 29.00 27.23 10.29
CA ALA K 450 29.34 28.21 9.27
C ALA K 450 28.50 29.48 9.42
N THR K 451 27.23 29.32 9.78
CA THR K 451 26.36 30.47 10.00
C THR K 451 26.88 31.32 11.16
N GLU K 452 27.28 30.68 12.25
CA GLU K 452 27.85 31.40 13.38
C GLU K 452 29.18 32.06 13.01
N ASP K 453 30.00 31.38 12.21
CA ASP K 453 31.30 31.90 11.81
C ASP K 453 31.20 32.96 10.73
N ARG K 454 30.01 33.21 10.19
CA ARG K 454 29.81 34.20 9.13
C ARG K 454 30.69 33.90 7.92
N LEU K 455 30.69 32.63 7.50
CA LEU K 455 31.49 32.21 6.36
C LEU K 455 31.00 32.88 5.08
N THR K 456 31.94 33.34 4.27
CA THR K 456 31.63 34.03 3.02
C THR K 456 32.20 33.35 1.78
N SER K 457 33.39 32.76 1.88
CA SER K 457 34.02 32.10 0.74
C SER K 457 34.40 30.68 1.12
N ALA K 458 34.53 29.83 0.10
CA ALA K 458 34.84 28.42 0.31
C ALA K 458 36.23 28.20 0.89
N LYS K 459 37.13 29.19 0.79
CA LYS K 459 38.48 29.05 1.33
C LYS K 459 38.52 29.07 2.86
N GLU K 460 37.43 29.45 3.52
CA GLU K 460 37.36 29.46 4.97
C GLU K 460 36.89 28.14 5.54
N LEU K 461 36.51 27.17 4.69
CA LEU K 461 36.06 25.86 5.12
C LEU K 461 37.26 24.95 5.38
N PRO K 462 37.30 24.22 6.49
CA PRO K 462 38.43 23.33 6.75
C PRO K 462 38.57 22.27 5.66
N TYR K 463 39.82 21.93 5.36
CA TYR K 463 40.16 20.96 4.32
C TYR K 463 40.76 19.73 4.98
N PHE K 464 40.19 18.56 4.70
CA PHE K 464 40.65 17.30 5.25
C PHE K 464 40.79 16.26 4.13
N GLU K 465 41.67 15.28 4.38
CA GLU K 465 41.91 14.23 3.41
C GLU K 465 40.72 13.27 3.37
N GLY K 466 40.23 12.99 2.17
CA GLY K 466 39.16 12.03 1.99
C GLY K 466 37.79 12.49 2.43
N ASP K 467 37.61 13.78 2.70
CA ASP K 467 36.34 14.27 3.21
C ASP K 467 35.37 14.55 2.06
N PHE K 468 34.10 14.73 2.44
CA PHE K 468 33.03 14.98 1.47
C PHE K 468 33.24 16.30 0.73
N TRP K 469 33.54 17.35 1.48
CA TRP K 469 33.69 18.69 0.91
C TRP K 469 34.79 18.80 -0.14
N PRO K 470 36.01 18.29 0.08
CA PRO K 470 37.04 18.43 -0.97
C PRO K 470 36.63 17.87 -2.32
N ASN K 471 35.86 16.78 -2.33
CA ASN K 471 35.42 16.21 -3.60
C ASN K 471 34.20 16.95 -4.16
N VAL K 472 33.21 17.26 -3.32
CA VAL K 472 32.00 17.88 -3.84
C VAL K 472 32.24 19.31 -4.29
N LEU K 473 33.20 20.03 -3.68
CA LEU K 473 33.53 21.36 -4.16
C LEU K 473 34.03 21.32 -5.60
N GLU K 474 34.96 20.41 -5.90
CA GLU K 474 35.45 20.25 -7.26
C GLU K 474 34.34 19.79 -8.19
N GLU K 475 33.49 18.86 -7.72
CA GLU K 475 32.41 18.36 -8.55
C GLU K 475 31.45 19.47 -8.94
N SER K 476 31.10 20.35 -8.00
CA SER K 476 30.18 21.44 -8.31
C SER K 476 30.87 22.54 -9.10
N ILE K 477 32.18 22.70 -8.91
CA ILE K 477 32.94 23.62 -9.77
C ILE K 477 32.88 23.14 -11.22
N LYS K 478 32.94 21.83 -11.43
CA LYS K 478 32.74 21.29 -12.76
C LYS K 478 31.34 21.60 -13.29
N GLU K 479 30.34 21.59 -12.41
CA GLU K 479 28.97 21.91 -12.79
C GLU K 479 28.85 23.34 -13.30
N ASN K 538 29.37 35.39 -4.01
CA ASN K 538 28.61 34.23 -3.56
C ASN K 538 28.32 33.28 -4.72
N ASP K 539 29.22 33.27 -5.72
CA ASP K 539 29.07 32.37 -6.85
C ASP K 539 29.17 30.91 -6.40
N LEU K 540 30.08 30.62 -5.47
CA LEU K 540 30.26 29.28 -4.95
C LEU K 540 29.74 29.10 -3.53
N SER K 541 29.54 30.20 -2.80
CA SER K 541 29.10 30.09 -1.40
C SER K 541 27.66 29.65 -1.27
N GLN K 542 26.79 30.08 -2.19
CA GLN K 542 25.38 29.68 -2.14
C GLN K 542 25.23 28.18 -2.29
N LYS K 543 25.96 27.60 -3.25
CA LYS K 543 25.93 26.14 -3.43
C LYS K 543 26.41 25.43 -2.17
N LEU K 544 27.51 25.91 -1.57
CA LEU K 544 28.07 25.24 -0.41
C LEU K 544 27.09 25.31 0.77
N TYR K 545 26.48 26.48 0.97
CA TYR K 545 25.50 26.63 2.05
C TYR K 545 24.30 25.72 1.84
N ALA K 546 23.81 25.62 0.59
CA ALA K 546 22.73 24.68 0.31
C ALA K 546 23.18 23.24 0.57
N THR K 547 24.44 22.93 0.25
CA THR K 547 24.94 21.58 0.46
C THR K 547 24.99 21.23 1.95
N MET K 548 25.44 22.17 2.80
CA MET K 548 25.35 21.92 4.24
C MET K 548 23.90 21.81 4.69
N GLU K 549 23.02 22.65 4.16
CA GLU K 549 21.62 22.57 4.54
C GLU K 549 21.02 21.21 4.19
N LYS K 550 21.49 20.60 3.10
CA LYS K 550 21.01 19.27 2.73
C LYS K 550 21.51 18.20 3.71
N HIS K 551 22.75 18.33 4.17
CA HIS K 551 23.39 17.31 5.01
C HIS K 551 23.96 17.91 6.29
N LYS K 552 23.17 18.71 7.00
CA LYS K 552 23.66 19.34 8.23
C LYS K 552 23.90 18.31 9.34
N GLU K 553 22.96 17.39 9.53
CA GLU K 553 23.03 16.45 10.65
C GLU K 553 24.16 15.43 10.51
N VAL K 554 24.68 15.24 9.30
CA VAL K 554 25.73 14.25 9.09
C VAL K 554 27.04 14.68 9.71
N PHE K 555 27.40 15.96 9.62
CA PHE K 555 28.70 16.47 10.04
C PHE K 555 28.59 17.07 11.44
N PHE K 556 29.54 16.75 12.29
CA PHE K 556 29.62 17.30 13.65
C PHE K 556 30.90 18.10 13.84
N VAL K 557 30.75 19.32 14.34
CA VAL K 557 31.87 20.20 14.64
C VAL K 557 31.86 20.43 16.15
N ILE K 558 32.97 20.12 16.80
CA ILE K 558 33.08 20.12 18.25
C ILE K 558 34.04 21.24 18.65
N ARG K 559 33.58 22.15 19.50
CA ARG K 559 34.41 23.25 20.00
C ARG K 559 35.03 22.82 21.32
N LEU K 560 36.32 22.53 21.31
CA LEU K 560 37.02 22.11 22.52
C LEU K 560 37.44 23.31 23.37
N ILE K 572 51.45 23.53 19.54
CA ILE K 572 51.13 22.13 19.78
C ILE K 572 52.38 21.26 19.66
N VAL K 573 52.76 20.62 20.75
CA VAL K 573 53.93 19.76 20.77
C VAL K 573 53.53 18.36 21.23
N ASP K 574 53.44 17.43 20.29
CA ASP K 574 53.08 16.05 20.62
C ASP K 574 54.27 15.36 21.28
N PRO K 575 54.10 14.75 22.45
CA PRO K 575 55.22 14.07 23.11
C PRO K 575 55.48 12.66 22.62
N ASP K 576 54.72 12.16 21.65
CA ASP K 576 54.92 10.83 21.09
C ASP K 576 55.69 10.91 19.78
N PRO K 577 56.78 10.14 19.65
CA PRO K 577 57.54 10.17 18.39
C PRO K 577 56.80 9.49 17.26
N LEU K 578 57.27 9.69 16.03
CA LEU K 578 56.63 9.11 14.86
C LEU K 578 56.78 7.58 14.87
N ILE K 579 55.72 6.91 14.43
CA ILE K 579 55.71 5.45 14.35
C ILE K 579 55.49 5.04 12.90
N PRO K 580 56.55 4.78 12.13
CA PRO K 580 56.36 4.39 10.73
C PRO K 580 55.80 2.98 10.63
N CYS K 581 54.73 2.83 9.86
CA CYS K 581 54.11 1.53 9.64
C CYS K 581 53.31 1.59 8.35
N ASP K 582 53.78 0.88 7.32
CA ASP K 582 53.09 0.87 6.03
C ASP K 582 51.79 0.07 6.09
N LEU K 583 51.75 -0.99 6.92
CA LEU K 583 50.56 -1.83 6.98
C LEU K 583 49.38 -1.07 7.57
N MET K 584 49.63 -0.23 8.58
CA MET K 584 48.60 0.62 9.17
C MET K 584 48.53 2.00 8.52
N ASP K 585 49.30 2.22 7.45
CA ASP K 585 49.25 3.47 6.71
C ASP K 585 47.97 3.47 5.86
N GLY K 586 46.87 3.75 6.54
CA GLY K 586 45.56 3.72 5.91
C GLY K 586 44.86 2.38 6.07
N ARG K 587 43.54 2.43 5.94
CA ARG K 587 42.73 1.22 6.08
C ARG K 587 42.88 0.29 4.88
N ASP K 588 43.30 0.83 3.73
CA ASP K 588 43.37 0.02 2.51
C ASP K 588 44.37 -1.12 2.64
N ALA K 589 45.55 -0.85 3.20
CA ALA K 589 46.56 -1.91 3.34
C ALA K 589 46.09 -3.00 4.28
N PHE K 590 45.48 -2.63 5.41
CA PHE K 590 44.99 -3.63 6.35
C PHE K 590 43.87 -4.45 5.73
N LEU K 591 42.96 -3.80 5.00
CA LEU K 591 41.89 -4.53 4.33
C LEU K 591 42.45 -5.50 3.29
N THR K 592 43.46 -5.05 2.53
CA THR K 592 44.07 -5.92 1.53
C THR K 592 44.73 -7.12 2.17
N LEU K 593 45.45 -6.90 3.28
CA LEU K 593 46.09 -8.02 3.97
C LEU K 593 45.05 -8.99 4.53
N ALA K 594 43.96 -8.46 5.09
CA ALA K 594 42.91 -9.31 5.64
C ALA K 594 42.23 -10.13 4.55
N ARG K 595 41.98 -9.52 3.39
CA ARG K 595 41.33 -10.26 2.31
C ARG K 595 42.26 -11.28 1.68
N ASP K 596 43.55 -10.96 1.55
CA ASP K 596 44.51 -11.85 0.92
C ASP K 596 44.83 -13.05 1.81
N LYS K 597 45.03 -12.81 3.11
CA LYS K 597 45.39 -13.86 4.05
C LYS K 597 44.19 -14.46 4.76
N HIS K 598 42.97 -14.05 4.40
CA HIS K 598 41.74 -14.55 5.00
C HIS K 598 41.73 -14.32 6.51
N LEU K 599 41.78 -13.04 6.88
CA LEU K 599 41.72 -12.59 8.27
C LEU K 599 40.33 -12.00 8.49
N GLU K 600 39.38 -12.84 8.88
CA GLU K 600 37.99 -12.44 9.03
C GLU K 600 37.64 -12.21 10.50
N PHE K 601 36.71 -11.30 10.73
CA PHE K 601 36.21 -10.99 12.07
C PHE K 601 34.77 -11.41 12.26
N SER K 602 34.26 -12.30 11.41
CA SER K 602 32.86 -12.70 11.49
C SER K 602 32.56 -13.44 12.79
N SER K 603 33.45 -14.32 13.20
CA SER K 603 33.27 -15.13 14.41
C SER K 603 34.31 -14.75 15.45
N LEU K 604 34.02 -15.11 16.71
CA LEU K 604 34.91 -14.78 17.81
C LEU K 604 36.27 -15.46 17.64
N ARG K 605 36.26 -16.75 17.29
CA ARG K 605 37.52 -17.45 17.04
C ARG K 605 38.28 -16.84 15.88
N ARG K 606 37.57 -16.52 14.78
CA ARG K 606 38.23 -15.88 13.65
C ARG K 606 38.71 -14.48 14.00
N ALA K 607 37.97 -13.76 14.85
CA ALA K 607 38.43 -12.46 15.32
C ALA K 607 39.72 -12.59 16.11
N GLN K 608 39.80 -13.60 16.99
CA GLN K 608 41.02 -13.83 17.75
C GLN K 608 42.20 -14.19 16.83
N TRP K 609 41.95 -15.04 15.84
CA TRP K 609 43.00 -15.41 14.90
C TRP K 609 43.49 -14.21 14.11
N SER K 610 42.56 -13.37 13.65
CA SER K 610 42.93 -12.16 12.93
C SER K 610 43.71 -11.21 13.81
N THR K 611 43.32 -11.08 15.08
CA THR K 611 44.06 -10.24 16.02
C THR K 611 45.48 -10.75 16.22
N MET K 612 45.63 -12.08 16.36
CA MET K 612 46.96 -12.65 16.50
C MET K 612 47.81 -12.39 15.27
N CYS K 613 47.24 -12.59 14.08
CA CYS K 613 47.99 -12.38 12.84
C CYS K 613 48.39 -10.91 12.69
N MET K 614 47.46 -10.00 12.99
CA MET K 614 47.76 -8.57 12.92
C MET K 614 48.84 -8.18 13.91
N LEU K 615 48.79 -8.71 15.13
CA LEU K 615 49.82 -8.39 16.12
C LEU K 615 51.18 -8.92 15.68
N VAL K 616 51.22 -10.13 15.11
CA VAL K 616 52.48 -10.69 14.62
C VAL K 616 53.03 -9.82 13.49
N GLU K 617 52.16 -9.40 12.56
CA GLU K 617 52.60 -8.53 11.48
C GLU K 617 53.10 -7.19 11.97
N LEU K 618 52.43 -6.60 12.96
CA LEU K 618 52.90 -5.33 13.52
C LEU K 618 54.23 -5.48 14.23
N HIS K 619 54.41 -6.57 14.99
CA HIS K 619 55.68 -6.79 15.68
C HIS K 619 56.83 -7.12 14.73
N THR K 620 56.54 -7.75 13.59
CA THR K 620 57.57 -8.00 12.59
C THR K 620 57.81 -6.82 11.66
N GLN K 621 56.88 -5.87 11.59
CA GLN K 621 57.07 -4.68 10.77
C GLN K 621 58.11 -3.73 11.37
N SER K 622 58.31 -3.79 12.69
CA SER K 622 59.29 -2.95 13.38
C SER K 622 60.67 -3.56 13.38
N GLN K 623 60.94 -4.49 12.46
CA GLN K 623 62.24 -5.13 12.35
C GLN K 623 62.79 -4.90 10.96
N ASP K 624 63.90 -4.18 10.87
CA ASP K 624 64.51 -3.88 9.58
C ASP K 624 65.96 -4.33 9.53
#